data_3NDY
#
_entry.id   3NDY
#
_cell.length_a   85.297
_cell.length_b   119.050
_cell.length_c   198.487
_cell.angle_alpha   90.00
_cell.angle_beta   90.00
_cell.angle_gamma   90.00
#
_symmetry.space_group_name_H-M   'P 21 21 21'
#
loop_
_entity.id
_entity.type
_entity.pdbx_description
1 polymer 'Endoglucanase D'
2 polymer 'Endoglucanase D'
3 non-polymer 2-[BIS-(2-HYDROXY-ETHYL)-AMINO]-2-HYDROXYMETHYL-PROPANE-1,3-DIOL
4 water water
#
loop_
_entity_poly.entity_id
_entity_poly.type
_entity_poly.pdbx_seq_one_letter_code
_entity_poly.pdbx_strand_id
1 'polypeptide(L)'
;STAFTGVRDVPAQQIVNEMKVGWNLGNTMDAIGGETNWGNPMTTHAMINKIKEAGFNTLRLPVTWDGHMGAAPEYTIDQT
WMKRVEEIANYAFDNDMYVIINLHHENEWLKPFYANEAQVKAQLTKVWTQIANNFKKYGDHLIFETMNEPRPVGASLQWT
GGSYENREVVNRYNLTAVNAIRATGGNNATRYIMVPTLAASAMSTTINDLVIPNNDSKVIVSLHMYSPYFFAMDINGTSS
WGSDYDKSSLDSEFDAVYNKFVKNGRAVVIGEMGSINKNNTAARVTHAEYYAKSAKARGLTPIWWDNGYSVAGKAETFGI
FNRSNLTWDAPEVMKAFIKGIGGSS
;
A,B,C,D
2 'polypeptide(L)'
;SAVEVTYAITNSWGSGASVNVTIKNNGTTPINGWTLKWTMPINQTITNMWSASFVASGTTLSVTNAGYNGTIAANGGTQS
FGFNINYSGVLSKPTGFTVNGTECTVK
;
E,F,G,H
#
# COMPACT_ATOMS: atom_id res chain seq x y z
N SER A 1 25.41 -29.50 -15.78
CA SER A 1 25.82 -28.35 -14.97
C SER A 1 24.83 -27.18 -15.01
N THR A 2 24.66 -26.51 -13.88
CA THR A 2 23.83 -25.32 -13.81
C THR A 2 24.65 -24.05 -13.93
N ALA A 3 25.92 -24.18 -14.34
CA ALA A 3 26.80 -23.03 -14.40
C ALA A 3 26.34 -21.99 -15.42
N PHE A 4 25.96 -22.46 -16.61
CA PHE A 4 25.67 -21.55 -17.72
C PHE A 4 24.29 -21.79 -18.32
N THR A 5 23.25 -21.64 -17.50
CA THR A 5 21.88 -21.91 -17.93
C THR A 5 21.14 -20.66 -18.42
N GLY A 6 21.84 -19.53 -18.46
CA GLY A 6 21.20 -18.27 -18.81
C GLY A 6 20.48 -17.62 -17.63
N VAL A 7 19.88 -16.45 -17.86
CA VAL A 7 19.21 -15.73 -16.78
C VAL A 7 17.73 -15.48 -17.04
N ARG A 8 16.89 -16.06 -16.20
CA ARG A 8 15.44 -15.92 -16.27
C ARG A 8 14.94 -14.56 -15.79
N ASP A 9 13.65 -14.33 -16.01
CA ASP A 9 13.02 -13.10 -15.56
CA ASP A 9 13.01 -13.11 -15.56
C ASP A 9 11.88 -13.41 -14.58
N VAL A 10 11.96 -14.57 -13.94
CA VAL A 10 10.94 -15.00 -12.97
C VAL A 10 11.04 -14.19 -11.67
N PRO A 11 9.93 -14.15 -10.90
CA PRO A 11 10.00 -13.46 -9.60
C PRO A 11 11.04 -14.12 -8.70
N ALA A 12 11.67 -13.33 -7.83
CA ALA A 12 12.74 -13.84 -6.98
C ALA A 12 12.26 -14.96 -6.05
N GLN A 13 11.00 -14.90 -5.64
CA GLN A 13 10.45 -15.94 -4.79
C GLN A 13 10.60 -17.33 -5.42
N GLN A 14 10.44 -17.38 -6.74
CA GLN A 14 10.58 -18.64 -7.45
C GLN A 14 12.02 -19.16 -7.40
N ILE A 15 12.99 -18.26 -7.59
CA ILE A 15 14.39 -18.59 -7.40
C ILE A 15 14.63 -19.11 -5.97
N VAL A 16 14.14 -18.36 -4.97
CA VAL A 16 14.32 -18.78 -3.58
C VAL A 16 13.71 -20.16 -3.33
N ASN A 17 12.55 -20.42 -3.94
CA ASN A 17 11.92 -21.73 -3.82
C ASN A 17 12.82 -22.86 -4.35
N GLU A 18 13.43 -22.63 -5.52
CA GLU A 18 14.31 -23.64 -6.11
C GLU A 18 15.63 -23.80 -5.32
N MET A 19 16.12 -22.71 -4.74
CA MET A 19 17.27 -22.80 -3.85
C MET A 19 17.00 -23.83 -2.77
N LYS A 20 15.78 -23.81 -2.26
CA LYS A 20 15.20 -24.86 -1.41
C LYS A 20 15.75 -24.93 0.02
N VAL A 21 17.01 -25.31 0.16
CA VAL A 21 17.70 -25.45 1.43
C VAL A 21 19.20 -25.49 1.12
N GLY A 22 20.01 -24.86 1.96
CA GLY A 22 21.41 -24.69 1.64
C GLY A 22 22.39 -25.15 2.72
N TRP A 23 23.66 -25.14 2.35
CA TRP A 23 24.73 -25.54 3.25
C TRP A 23 25.88 -24.58 3.02
N ASN A 24 26.43 -24.00 4.10
CA ASN A 24 27.61 -23.13 4.00
C ASN A 24 28.95 -23.88 4.05
N LEU A 25 29.85 -23.55 3.13
CA LEU A 25 31.24 -23.97 3.25
C LEU A 25 31.94 -22.98 4.19
N GLY A 26 31.63 -23.08 5.47
CA GLY A 26 32.10 -22.11 6.44
C GLY A 26 33.52 -22.30 6.93
N ASN A 27 34.11 -21.23 7.45
CA ASN A 27 35.49 -21.24 7.93
C ASN A 27 36.44 -21.78 6.87
N THR A 28 36.20 -21.37 5.63
CA THR A 28 36.93 -21.87 4.48
C THR A 28 37.49 -20.74 3.64
N MET A 29 36.81 -20.37 2.55
CA MET A 29 37.29 -19.24 1.74
C MET A 29 37.04 -17.94 2.50
N ASP A 30 36.24 -18.02 3.55
CA ASP A 30 36.02 -16.91 4.48
C ASP A 30 37.08 -16.81 5.59
N ALA A 31 37.91 -17.84 5.74
CA ALA A 31 38.92 -17.84 6.81
C ALA A 31 40.02 -16.80 6.57
N ILE A 32 40.34 -16.01 7.60
CA ILE A 32 41.44 -15.07 7.46
C ILE A 32 42.74 -15.85 7.28
N GLY A 33 43.51 -15.48 6.27
CA GLY A 33 44.77 -16.17 6.00
C GLY A 33 44.64 -17.34 5.03
N GLY A 34 43.46 -17.49 4.41
CA GLY A 34 43.31 -18.47 3.35
C GLY A 34 42.49 -19.70 3.66
N GLU A 35 42.26 -20.50 2.62
CA GLU A 35 41.28 -21.59 2.63
C GLU A 35 41.42 -22.61 3.77
N THR A 36 42.65 -22.99 4.10
CA THR A 36 42.84 -24.04 5.10
C THR A 36 43.37 -23.49 6.43
N ASN A 37 43.40 -22.17 6.57
CA ASN A 37 44.00 -21.57 7.75
C ASN A 37 43.24 -21.77 9.06
N TRP A 38 41.94 -22.08 8.97
CA TRP A 38 41.14 -22.28 10.17
C TRP A 38 40.78 -23.74 10.39
N GLY A 39 41.61 -24.62 9.86
CA GLY A 39 41.50 -26.04 10.17
C GLY A 39 40.66 -26.92 9.28
N ASN A 40 40.14 -26.38 8.18
CA ASN A 40 39.41 -27.23 7.23
C ASN A 40 40.35 -27.80 6.16
N PRO A 41 40.03 -29.00 5.64
CA PRO A 41 40.85 -29.57 4.56
C PRO A 41 40.69 -28.73 3.31
N MET A 42 41.55 -28.98 2.33
CA MET A 42 41.38 -28.37 1.02
C MET A 42 40.05 -28.88 0.48
N THR A 43 39.21 -27.99 -0.01
CA THR A 43 37.88 -28.39 -0.49
C THR A 43 37.99 -29.23 -1.76
N THR A 44 37.21 -30.32 -1.83
CA THR A 44 37.21 -31.18 -3.00
C THR A 44 35.81 -31.32 -3.61
N HIS A 45 35.77 -31.70 -4.88
CA HIS A 45 34.53 -32.00 -5.58
C HIS A 45 33.72 -33.10 -4.88
N ALA A 46 34.42 -34.05 -4.27
CA ALA A 46 33.73 -35.15 -3.62
C ALA A 46 32.97 -34.68 -2.38
N MET A 47 33.52 -33.72 -1.65
CA MET A 47 32.82 -33.11 -0.52
C MET A 47 31.46 -32.53 -0.95
N ILE A 48 31.48 -31.71 -1.99
CA ILE A 48 30.26 -31.08 -2.48
C ILE A 48 29.25 -32.10 -3.03
N ASN A 49 29.73 -33.17 -3.66
CA ASN A 49 28.85 -34.24 -4.10
C ASN A 49 27.98 -34.75 -2.95
N LYS A 50 28.60 -34.96 -1.79
CA LYS A 50 27.89 -35.41 -0.58
C LYS A 50 26.83 -34.41 -0.10
N ILE A 51 27.16 -33.12 -0.15
CA ILE A 51 26.18 -32.09 0.21
C ILE A 51 24.94 -32.18 -0.67
N LYS A 52 25.14 -32.18 -1.99
CA LYS A 52 24.03 -32.43 -2.90
C LYS A 52 23.27 -33.73 -2.59
N GLU A 53 24.00 -34.82 -2.38
CA GLU A 53 23.37 -36.12 -2.15
C GLU A 53 22.47 -36.13 -0.91
N ALA A 54 22.87 -35.40 0.13
CA ALA A 54 22.09 -35.32 1.36
C ALA A 54 20.75 -34.58 1.18
N GLY A 55 20.61 -33.79 0.10
CA GLY A 55 19.36 -33.10 -0.18
C GLY A 55 19.45 -31.58 -0.23
N PHE A 56 20.65 -31.04 -0.04
CA PHE A 56 20.87 -29.59 -0.14
C PHE A 56 20.96 -29.18 -1.62
N ASN A 57 20.34 -28.06 -1.98
CA ASN A 57 20.39 -27.63 -3.38
C ASN A 57 21.12 -26.30 -3.57
N THR A 58 21.54 -25.68 -2.46
CA THR A 58 22.32 -24.44 -2.53
C THR A 58 23.61 -24.58 -1.75
N LEU A 59 24.71 -24.13 -2.36
CA LEU A 59 25.98 -24.00 -1.65
C LEU A 59 26.22 -22.52 -1.42
N ARG A 60 26.21 -22.09 -0.16
CA ARG A 60 26.67 -20.74 0.09
C ARG A 60 28.16 -20.80 0.24
N LEU A 61 28.86 -19.98 -0.53
CA LEU A 61 30.30 -20.01 -0.59
C LEU A 61 30.82 -18.66 -0.11
N PRO A 62 30.93 -18.50 1.22
CA PRO A 62 31.37 -17.20 1.76
C PRO A 62 32.86 -16.96 1.48
N VAL A 63 33.21 -15.76 1.07
CA VAL A 63 34.58 -15.47 0.73
C VAL A 63 35.05 -14.18 1.40
N THR A 64 36.17 -14.27 2.11
CA THR A 64 36.79 -13.07 2.65
C THR A 64 37.87 -12.60 1.67
N TRP A 65 37.70 -11.41 1.11
CA TRP A 65 38.61 -10.90 0.08
C TRP A 65 39.75 -10.06 0.67
N ASP A 66 39.48 -9.40 1.79
CA ASP A 66 40.53 -8.67 2.48
C ASP A 66 41.65 -9.67 2.74
N GLY A 67 42.88 -9.26 2.49
CA GLY A 67 44.02 -10.17 2.55
C GLY A 67 44.42 -10.72 1.19
N HIS A 68 43.54 -10.59 0.19
CA HIS A 68 43.82 -11.09 -1.16
C HIS A 68 43.80 -9.99 -2.22
N MET A 69 43.84 -8.72 -1.81
CA MET A 69 43.77 -7.62 -2.76
C MET A 69 44.83 -6.54 -2.50
N GLY A 70 45.22 -5.83 -3.56
CA GLY A 70 46.17 -4.74 -3.44
C GLY A 70 45.56 -3.46 -2.90
N ALA A 71 46.34 -2.37 -2.96
CA ALA A 71 45.90 -1.08 -2.42
C ALA A 71 45.09 -0.27 -3.43
N ALA A 72 44.56 0.85 -2.98
CA ALA A 72 43.92 1.83 -3.86
C ALA A 72 44.95 2.25 -4.90
N PRO A 73 44.49 2.69 -6.08
CA PRO A 73 43.07 2.84 -6.46
C PRO A 73 42.40 1.57 -6.98
N GLU A 74 43.17 0.58 -7.42
CA GLU A 74 42.57 -0.54 -8.14
C GLU A 74 42.08 -1.68 -7.25
N TYR A 75 42.67 -1.80 -6.08
CA TYR A 75 42.37 -2.89 -5.15
C TYR A 75 42.37 -4.24 -5.87
N THR A 76 43.41 -4.47 -6.65
CA THR A 76 43.48 -5.66 -7.50
C THR A 76 43.45 -6.94 -6.71
N ILE A 77 42.47 -7.78 -7.00
CA ILE A 77 42.31 -9.06 -6.32
C ILE A 77 43.24 -10.11 -6.93
N ASP A 78 43.92 -10.86 -6.06
CA ASP A 78 44.79 -11.93 -6.50
C ASP A 78 44.10 -12.93 -7.41
N GLN A 79 44.70 -13.18 -8.58
CA GLN A 79 44.07 -13.98 -9.61
C GLN A 79 43.90 -15.46 -9.20
N THR A 80 44.89 -16.01 -8.50
CA THR A 80 44.78 -17.39 -8.00
C THR A 80 43.61 -17.53 -7.05
N TRP A 81 43.46 -16.57 -6.14
CA TRP A 81 42.34 -16.57 -5.21
C TRP A 81 40.99 -16.55 -5.93
N MET A 82 40.87 -15.64 -6.89
CA MET A 82 39.64 -15.49 -7.68
C MET A 82 39.27 -16.81 -8.36
N LYS A 83 40.24 -17.41 -9.05
CA LYS A 83 39.99 -18.66 -9.77
C LYS A 83 39.71 -19.87 -8.89
N ARG A 84 40.24 -19.86 -7.66
CA ARG A 84 39.96 -20.93 -6.72
C ARG A 84 38.51 -20.87 -6.22
N VAL A 85 38.04 -19.66 -5.96
CA VAL A 85 36.63 -19.46 -5.65
C VAL A 85 35.80 -20.03 -6.80
N GLU A 86 36.18 -19.71 -8.03
CA GLU A 86 35.45 -20.17 -9.21
C GLU A 86 35.46 -21.70 -9.30
N GLU A 87 36.62 -22.29 -9.04
CA GLU A 87 36.79 -23.75 -9.06
C GLU A 87 35.81 -24.42 -8.08
N ILE A 88 35.71 -23.85 -6.89
CA ILE A 88 34.84 -24.43 -5.87
C ILE A 88 33.37 -24.26 -6.27
N ALA A 89 33.04 -23.12 -6.84
CA ALA A 89 31.66 -22.87 -7.29
C ALA A 89 31.23 -23.93 -8.30
N ASN A 90 32.12 -24.26 -9.23
CA ASN A 90 31.84 -25.30 -10.22
C ASN A 90 31.68 -26.71 -9.64
N TYR A 91 32.26 -26.96 -8.47
CA TYR A 91 31.98 -28.22 -7.78
C TYR A 91 30.47 -28.33 -7.57
N ALA A 92 29.86 -27.21 -7.20
CA ALA A 92 28.42 -27.14 -6.94
C ALA A 92 27.59 -27.09 -8.21
N PHE A 93 28.06 -26.32 -9.20
CA PHE A 93 27.33 -26.24 -10.48
C PHE A 93 27.30 -27.62 -11.16
N ASP A 94 28.38 -28.39 -11.02
CA ASP A 94 28.41 -29.76 -11.56
C ASP A 94 27.31 -30.61 -10.90
N ASN A 95 26.89 -30.23 -9.70
CA ASN A 95 25.81 -30.93 -9.02
C ASN A 95 24.45 -30.29 -9.24
N ASP A 96 24.36 -29.39 -10.21
CA ASP A 96 23.12 -28.69 -10.53
C ASP A 96 22.57 -27.90 -9.34
N MET A 97 23.48 -27.27 -8.60
CA MET A 97 23.08 -26.48 -7.43
C MET A 97 23.06 -25.00 -7.73
N TYR A 98 22.49 -24.24 -6.80
CA TYR A 98 22.68 -22.80 -6.74
C TYR A 98 23.91 -22.53 -5.90
N VAL A 99 24.61 -21.44 -6.21
CA VAL A 99 25.77 -21.00 -5.43
C VAL A 99 25.62 -19.53 -5.10
N ILE A 100 25.91 -19.17 -3.86
CA ILE A 100 25.96 -17.78 -3.43
C ILE A 100 27.40 -17.41 -3.11
N ILE A 101 27.88 -16.34 -3.72
CA ILE A 101 29.21 -15.82 -3.43
C ILE A 101 29.07 -14.42 -2.81
N ASN A 102 29.69 -14.21 -1.66
CA ASN A 102 29.59 -12.92 -0.98
C ASN A 102 30.93 -12.21 -0.77
N LEU A 103 30.90 -11.10 -0.04
CA LEU A 103 32.09 -10.58 0.64
C LEU A 103 31.82 -10.91 2.10
N HIS A 104 32.80 -11.46 2.80
CA HIS A 104 32.52 -11.98 4.13
C HIS A 104 33.17 -11.18 5.25
N HIS A 105 34.32 -11.63 5.77
CA HIS A 105 34.96 -10.90 6.88
C HIS A 105 35.75 -9.65 6.43
N GLU A 106 35.02 -8.64 5.97
CA GLU A 106 35.66 -7.45 5.41
C GLU A 106 35.67 -6.27 6.39
N ASN A 107 35.50 -6.54 7.68
CA ASN A 107 35.34 -5.46 8.66
C ASN A 107 36.52 -4.49 8.78
N GLU A 108 37.71 -4.92 8.33
CA GLU A 108 38.88 -4.04 8.42
C GLU A 108 38.86 -2.93 7.37
N TRP A 109 37.98 -3.04 6.37
CA TRP A 109 37.81 -1.95 5.39
C TRP A 109 36.37 -1.48 5.20
N LEU A 110 35.41 -2.39 5.39
CA LEU A 110 34.01 -2.11 5.09
C LEU A 110 33.32 -1.58 6.33
N LYS A 111 33.35 -0.26 6.50
CA LYS A 111 32.95 0.42 7.73
C LYS A 111 31.79 1.37 7.46
N PRO A 112 30.62 1.09 8.06
CA PRO A 112 29.41 1.85 7.72
C PRO A 112 29.30 3.17 8.47
N PHE A 113 30.18 4.12 8.15
CA PHE A 113 30.18 5.43 8.78
C PHE A 113 30.34 6.53 7.72
N TYR A 114 29.67 7.66 7.92
CA TYR A 114 29.72 8.76 6.97
C TYR A 114 31.15 9.10 6.60
N ALA A 115 32.04 9.08 7.60
CA ALA A 115 33.42 9.49 7.39
C ALA A 115 34.24 8.54 6.52
N ASN A 116 33.85 7.26 6.50
CA ASN A 116 34.56 6.25 5.69
C ASN A 116 33.91 6.05 4.33
N GLU A 117 32.70 6.61 4.17
CA GLU A 117 31.82 6.29 3.03
C GLU A 117 32.43 6.42 1.64
N ALA A 118 33.07 7.55 1.37
CA ALA A 118 33.63 7.80 0.05
C ALA A 118 34.68 6.77 -0.32
N GLN A 119 35.62 6.51 0.59
CA GLN A 119 36.69 5.56 0.31
C GLN A 119 36.18 4.13 0.25
N VAL A 120 35.31 3.77 1.19
CA VAL A 120 34.71 2.43 1.18
C VAL A 120 33.96 2.16 -0.12
N LYS A 121 33.13 3.11 -0.55
CA LYS A 121 32.44 2.98 -1.83
C LYS A 121 33.39 2.71 -2.99
N ALA A 122 34.51 3.44 -3.02
CA ALA A 122 35.48 3.29 -4.09
C ALA A 122 36.08 1.88 -4.10
N GLN A 123 36.35 1.35 -2.91
CA GLN A 123 36.90 0.01 -2.79
C GLN A 123 35.82 -1.05 -3.08
N LEU A 124 34.62 -0.84 -2.56
CA LEU A 124 33.51 -1.75 -2.83
C LEU A 124 33.29 -1.88 -4.33
N THR A 125 33.37 -0.75 -5.04
CA THR A 125 33.13 -0.71 -6.49
C THR A 125 34.18 -1.51 -7.25
N LYS A 126 35.45 -1.33 -6.89
CA LYS A 126 36.55 -2.08 -7.50
C LYS A 126 36.47 -3.57 -7.19
N VAL A 127 36.17 -3.90 -5.95
CA VAL A 127 36.02 -5.30 -5.55
C VAL A 127 34.90 -6.02 -6.32
N TRP A 128 33.70 -5.44 -6.33
CA TRP A 128 32.57 -6.06 -7.04
C TRP A 128 32.73 -6.06 -8.55
N THR A 129 33.34 -5.02 -9.10
CA THR A 129 33.61 -4.98 -10.53
C THR A 129 34.46 -6.20 -10.93
N GLN A 130 35.47 -6.52 -10.12
CA GLN A 130 36.38 -7.64 -10.40
C GLN A 130 35.71 -8.99 -10.25
N ILE A 131 35.02 -9.19 -9.14
CA ILE A 131 34.29 -10.44 -8.93
C ILE A 131 33.24 -10.65 -10.01
N ALA A 132 32.48 -9.60 -10.30
CA ALA A 132 31.40 -9.72 -11.28
C ALA A 132 31.97 -10.02 -12.65
N ASN A 133 33.06 -9.34 -12.98
CA ASN A 133 33.71 -9.53 -14.28
C ASN A 133 34.20 -10.96 -14.44
N ASN A 134 34.73 -11.53 -13.36
CA ASN A 134 35.20 -12.92 -13.44
C ASN A 134 34.05 -13.91 -13.69
N PHE A 135 32.88 -13.64 -13.13
CA PHE A 135 31.78 -14.60 -13.16
C PHE A 135 30.69 -14.21 -14.18
N LYS A 136 31.04 -13.34 -15.10
CA LYS A 136 30.08 -12.78 -16.04
C LYS A 136 29.26 -13.83 -16.82
N LYS A 137 29.90 -14.90 -17.27
CA LYS A 137 29.22 -15.88 -18.13
C LYS A 137 28.20 -16.74 -17.37
N TYR A 138 28.36 -16.81 -16.05
CA TYR A 138 27.53 -17.71 -15.26
C TYR A 138 26.06 -17.26 -15.23
N GLY A 139 25.15 -18.24 -15.32
CA GLY A 139 23.73 -17.99 -15.36
C GLY A 139 23.08 -17.74 -14.01
N ASP A 140 21.76 -17.86 -13.93
CA ASP A 140 21.05 -17.37 -12.75
C ASP A 140 21.16 -18.29 -11.54
N HIS A 141 21.85 -19.42 -11.69
CA HIS A 141 22.13 -20.27 -10.54
C HIS A 141 23.31 -19.73 -9.73
N LEU A 142 23.95 -18.70 -10.26
CA LEU A 142 24.94 -17.94 -9.49
C LEU A 142 24.32 -16.66 -8.93
N ILE A 143 24.33 -16.56 -7.61
CA ILE A 143 23.76 -15.41 -6.91
C ILE A 143 24.88 -14.70 -6.17
N PHE A 144 24.95 -13.38 -6.31
CA PHE A 144 25.90 -12.59 -5.54
C PHE A 144 25.22 -12.06 -4.28
N GLU A 145 25.93 -12.10 -3.16
CA GLU A 145 25.46 -11.49 -1.93
C GLU A 145 26.40 -10.31 -1.68
N THR A 146 25.86 -9.09 -1.67
CA THR A 146 26.70 -7.89 -1.73
C THR A 146 27.65 -7.71 -0.55
N MET A 147 27.20 -8.13 0.64
CA MET A 147 27.97 -7.99 1.87
C MET A 147 27.46 -9.04 2.81
N ASN A 148 28.22 -9.28 3.89
CA ASN A 148 27.84 -10.30 4.86
C ASN A 148 27.07 -9.69 6.04
N GLU A 149 27.80 -9.22 7.04
CA GLU A 149 27.19 -8.64 8.24
C GLU A 149 27.78 -7.27 8.56
N PRO A 150 27.54 -6.28 7.67
CA PRO A 150 28.13 -4.95 7.85
C PRO A 150 27.57 -4.32 9.11
N ARG A 151 28.43 -3.73 9.93
CA ARG A 151 28.01 -3.30 11.25
C ARG A 151 29.09 -2.46 11.91
N PRO A 152 28.72 -1.66 12.93
CA PRO A 152 29.76 -1.06 13.77
C PRO A 152 30.43 -2.13 14.63
N VAL A 153 31.74 -2.07 14.78
CA VAL A 153 32.45 -3.03 15.60
C VAL A 153 32.42 -2.50 17.03
N GLY A 154 32.82 -3.31 17.98
CA GLY A 154 32.76 -2.87 19.37
C GLY A 154 31.80 -3.80 20.07
N ALA A 155 32.31 -4.47 21.08
CA ALA A 155 31.60 -5.55 21.73
C ALA A 155 30.18 -5.16 22.17
N SER A 156 30.02 -3.95 22.71
CA SER A 156 28.72 -3.56 23.27
C SER A 156 27.67 -3.39 22.17
N LEU A 157 28.11 -3.26 20.93
CA LEU A 157 27.19 -3.03 19.81
C LEU A 157 26.85 -4.32 19.04
N GLN A 158 27.47 -5.42 19.43
CA GLN A 158 27.38 -6.68 18.67
C GLN A 158 25.98 -7.16 18.30
N TRP A 159 25.05 -7.14 19.26
CA TRP A 159 23.70 -7.60 18.96
C TRP A 159 22.71 -6.44 18.92
N THR A 160 23.16 -5.30 18.39
CA THR A 160 22.30 -4.13 18.32
C THR A 160 21.94 -3.82 16.87
N GLY A 161 21.02 -2.87 16.71
CA GLY A 161 20.62 -2.42 15.38
C GLY A 161 21.52 -1.32 14.83
N GLY A 162 22.64 -1.06 15.52
CA GLY A 162 23.52 0.03 15.13
C GLY A 162 22.83 1.39 15.29
N SER A 163 23.44 2.44 14.77
CA SER A 163 22.80 3.77 14.72
C SER A 163 22.08 3.98 13.38
N TYR A 164 21.24 5.00 13.32
CA TYR A 164 20.65 5.42 12.05
C TYR A 164 21.76 5.64 11.00
N GLU A 165 22.84 6.30 11.39
CA GLU A 165 24.00 6.47 10.51
C GLU A 165 24.48 5.15 9.91
N ASN A 166 24.73 4.16 10.76
CA ASN A 166 25.16 2.85 10.27
C ASN A 166 24.16 2.24 9.28
N ARG A 167 22.88 2.32 9.61
CA ARG A 167 21.86 1.68 8.78
C ARG A 167 21.73 2.42 7.45
N GLU A 168 21.81 3.75 7.51
CA GLU A 168 21.81 4.57 6.29
C GLU A 168 23.00 4.24 5.39
N VAL A 169 24.19 4.16 5.96
CA VAL A 169 25.37 3.90 5.15
C VAL A 169 25.35 2.47 4.58
N VAL A 170 24.82 1.52 5.33
CA VAL A 170 24.66 0.17 4.83
C VAL A 170 23.78 0.13 3.57
N ASN A 171 22.65 0.84 3.61
CA ASN A 171 21.82 0.97 2.42
C ASN A 171 22.60 1.59 1.26
N ARG A 172 23.47 2.56 1.56
CA ARG A 172 24.24 3.20 0.49
C ARG A 172 25.24 2.22 -0.12
N TYR A 173 25.92 1.45 0.74
CA TYR A 173 26.85 0.41 0.30
C TYR A 173 26.14 -0.64 -0.57
N ASN A 174 24.97 -1.09 -0.15
CA ASN A 174 24.22 -2.07 -0.96
C ASN A 174 23.93 -1.55 -2.37
N LEU A 175 23.54 -0.27 -2.47
CA LEU A 175 23.33 0.33 -3.79
C LEU A 175 24.62 0.38 -4.60
N THR A 176 25.70 0.84 -3.96
CA THR A 176 27.01 0.88 -4.62
C THR A 176 27.42 -0.50 -5.14
N ALA A 177 27.23 -1.52 -4.31
CA ALA A 177 27.59 -2.89 -4.68
C ALA A 177 26.71 -3.38 -5.84
N VAL A 178 25.41 -3.16 -5.75
CA VAL A 178 24.51 -3.60 -6.82
C VAL A 178 24.85 -2.91 -8.15
N ASN A 179 25.07 -1.59 -8.12
CA ASN A 179 25.36 -0.88 -9.37
C ASN A 179 26.70 -1.35 -9.96
N ALA A 180 27.67 -1.65 -9.09
CA ALA A 180 28.96 -2.13 -9.55
C ALA A 180 28.80 -3.45 -10.28
N ILE A 181 28.02 -4.35 -9.69
CA ILE A 181 27.75 -5.64 -10.30
C ILE A 181 27.08 -5.46 -11.66
N ARG A 182 25.99 -4.71 -11.66
CA ARG A 182 25.19 -4.53 -12.89
C ARG A 182 25.97 -3.81 -14.00
N ALA A 183 26.84 -2.87 -13.62
CA ALA A 183 27.58 -2.09 -14.60
C ALA A 183 28.53 -2.93 -15.44
N THR A 184 28.88 -4.12 -14.95
CA THR A 184 29.74 -5.00 -15.75
C THR A 184 28.99 -5.60 -16.94
N GLY A 185 27.67 -5.54 -16.88
CA GLY A 185 26.85 -5.96 -18.01
C GLY A 185 26.65 -7.45 -18.16
N GLY A 186 26.12 -7.85 -19.31
CA GLY A 186 25.80 -9.25 -19.55
C GLY A 186 24.85 -9.81 -18.50
N ASN A 187 25.05 -11.07 -18.15
CA ASN A 187 24.23 -11.75 -17.12
C ASN A 187 24.22 -11.03 -15.78
N ASN A 188 25.25 -10.25 -15.50
CA ASN A 188 25.32 -9.49 -14.26
C ASN A 188 24.28 -8.37 -14.20
N ALA A 189 23.84 -7.91 -15.36
CA ALA A 189 22.80 -6.87 -15.42
C ALA A 189 21.45 -7.43 -15.04
N THR A 190 21.34 -8.76 -15.04
CA THR A 190 20.05 -9.39 -14.81
C THR A 190 20.04 -10.49 -13.74
N ARG A 191 21.21 -10.88 -13.23
CA ARG A 191 21.19 -11.94 -12.22
C ARG A 191 20.53 -11.51 -10.91
N TYR A 192 20.17 -12.49 -10.09
CA TYR A 192 19.59 -12.26 -8.78
C TYR A 192 20.70 -11.90 -7.78
N ILE A 193 20.41 -10.97 -6.88
CA ILE A 193 21.39 -10.46 -5.92
C ILE A 193 20.79 -10.40 -4.50
N MET A 194 21.53 -10.92 -3.54
CA MET A 194 21.13 -10.83 -2.12
C MET A 194 21.75 -9.59 -1.48
N VAL A 195 20.98 -8.87 -0.68
CA VAL A 195 21.54 -7.75 0.08
C VAL A 195 21.16 -7.90 1.54
N PRO A 196 22.10 -7.60 2.45
CA PRO A 196 21.78 -7.77 3.88
C PRO A 196 21.26 -6.49 4.53
N THR A 197 20.51 -6.67 5.62
CA THR A 197 20.24 -5.60 6.56
C THR A 197 21.54 -5.35 7.30
N LEU A 198 21.54 -4.35 8.17
CA LEU A 198 22.68 -4.15 9.06
C LEU A 198 22.88 -5.41 9.90
N ALA A 199 24.12 -5.92 9.91
CA ALA A 199 24.48 -7.18 10.59
C ALA A 199 23.68 -8.42 10.12
N ALA A 200 23.02 -8.33 8.97
CA ALA A 200 22.11 -9.38 8.51
C ALA A 200 21.08 -9.76 9.58
N SER A 201 20.79 -8.81 10.46
CA SER A 201 19.85 -9.03 11.56
C SER A 201 18.41 -8.94 11.10
N ALA A 202 17.58 -9.81 11.66
CA ALA A 202 16.15 -9.84 11.35
C ALA A 202 15.35 -8.99 12.34
N MET A 203 16.01 -8.33 13.27
CA MET A 203 15.28 -7.55 14.27
C MET A 203 14.51 -6.43 13.57
N SER A 204 13.44 -5.94 14.21
CA SER A 204 12.59 -4.93 13.59
C SER A 204 13.37 -3.70 13.15
N THR A 205 14.26 -3.21 14.01
CA THR A 205 14.99 -1.99 13.69
C THR A 205 15.65 -2.10 12.33
N THR A 206 16.29 -3.24 12.08
CA THR A 206 17.10 -3.40 10.88
C THR A 206 16.29 -3.77 9.63
N ILE A 207 15.28 -4.62 9.78
CA ILE A 207 14.44 -4.97 8.64
C ILE A 207 13.53 -3.80 8.23
N ASN A 208 13.09 -3.02 9.22
CA ASN A 208 12.28 -1.83 8.95
C ASN A 208 13.03 -0.76 8.18
N ASP A 209 14.35 -0.70 8.38
CA ASP A 209 15.17 0.35 7.75
C ASP A 209 15.89 -0.10 6.47
N LEU A 210 15.71 -1.36 6.07
CA LEU A 210 16.30 -1.81 4.81
C LEU A 210 15.71 -1.06 3.59
N VAL A 211 16.57 -0.64 2.68
CA VAL A 211 16.14 -0.04 1.41
C VAL A 211 16.71 -0.86 0.25
N ILE A 212 15.82 -1.43 -0.56
CA ILE A 212 16.24 -2.21 -1.71
C ILE A 212 16.84 -1.33 -2.81
N PRO A 213 18.10 -1.59 -3.18
CA PRO A 213 18.73 -0.80 -4.25
C PRO A 213 17.86 -0.74 -5.50
N ASN A 214 17.48 0.47 -5.91
CA ASN A 214 16.71 0.70 -7.13
C ASN A 214 15.35 0.04 -7.11
N ASN A 215 14.89 -0.38 -5.94
CA ASN A 215 13.63 -1.12 -5.84
C ASN A 215 13.65 -2.37 -6.74
N ASP A 216 14.85 -2.81 -7.09
CA ASP A 216 15.11 -3.91 -8.04
C ASP A 216 14.39 -5.22 -7.63
N SER A 217 13.49 -5.69 -8.47
CA SER A 217 12.75 -6.89 -8.16
C SER A 217 13.62 -8.16 -8.19
N LYS A 218 14.82 -8.05 -8.76
CA LYS A 218 15.77 -9.18 -8.72
C LYS A 218 16.55 -9.26 -7.39
N VAL A 219 16.32 -8.31 -6.49
CA VAL A 219 17.01 -8.33 -5.20
C VAL A 219 16.27 -9.19 -4.16
N ILE A 220 17.04 -10.01 -3.45
CA ILE A 220 16.57 -10.88 -2.38
C ILE A 220 17.20 -10.42 -1.06
N VAL A 221 16.45 -10.48 0.03
CA VAL A 221 17.00 -10.05 1.32
C VAL A 221 17.81 -11.16 1.97
N SER A 222 18.98 -10.80 2.51
CA SER A 222 19.81 -11.76 3.24
C SER A 222 19.69 -11.53 4.74
N LEU A 223 19.17 -12.54 5.45
CA LEU A 223 19.10 -12.51 6.91
C LEU A 223 19.81 -13.70 7.52
N HIS A 224 20.48 -13.48 8.66
CA HIS A 224 21.09 -14.54 9.43
C HIS A 224 20.33 -14.70 10.73
N MET A 225 19.80 -15.88 10.99
CA MET A 225 18.91 -16.08 12.13
C MET A 225 19.25 -17.35 12.91
N TYR A 226 20.23 -17.24 13.80
CA TYR A 226 20.59 -18.36 14.66
C TYR A 226 19.65 -18.40 15.85
N SER A 227 18.40 -18.78 15.61
CA SER A 227 17.36 -18.64 16.63
C SER A 227 16.88 -20.00 17.15
N PRO A 228 16.55 -20.08 18.45
CA PRO A 228 16.68 -18.98 19.42
C PRO A 228 18.13 -18.91 19.92
N TYR A 229 18.60 -17.70 20.21
CA TYR A 229 19.99 -17.47 20.55
C TYR A 229 20.56 -18.41 21.61
N PHE A 230 19.86 -18.54 22.73
CA PHE A 230 20.42 -19.29 23.85
C PHE A 230 20.60 -20.78 23.53
N PHE A 231 19.58 -21.40 22.95
CA PHE A 231 19.72 -22.79 22.54
C PHE A 231 20.76 -22.94 21.43
N ALA A 232 20.62 -22.16 20.38
CA ALA A 232 21.40 -22.38 19.16
C ALA A 232 22.86 -21.98 19.25
N MET A 233 23.15 -20.91 19.99
CA MET A 233 24.47 -20.30 19.88
C MET A 233 25.27 -20.21 21.18
N ASP A 234 24.59 -20.09 22.30
CA ASP A 234 25.27 -19.88 23.57
C ASP A 234 25.71 -21.19 24.23
N ILE A 235 27.03 -21.40 24.32
CA ILE A 235 27.54 -22.62 24.95
C ILE A 235 27.06 -22.75 26.40
N ASN A 236 26.67 -21.64 27.01
CA ASN A 236 26.17 -21.62 28.38
C ASN A 236 24.65 -21.60 28.49
N GLY A 237 23.99 -21.58 27.34
CA GLY A 237 22.54 -21.53 27.31
C GLY A 237 21.93 -22.92 27.30
N THR A 238 20.62 -22.98 27.46
CA THR A 238 19.90 -24.25 27.53
C THR A 238 20.30 -25.27 26.45
N SER A 239 20.24 -26.55 26.82
CA SER A 239 20.47 -27.68 25.94
C SER A 239 19.18 -28.23 25.36
N SER A 240 18.05 -27.69 25.81
CA SER A 240 16.75 -28.24 25.43
C SER A 240 15.98 -27.31 24.48
N TRP A 241 15.16 -27.91 23.62
CA TRP A 241 14.31 -27.14 22.73
C TRP A 241 13.11 -27.99 22.34
N GLY A 242 11.92 -27.41 22.42
CA GLY A 242 10.74 -28.07 21.91
C GLY A 242 9.42 -27.76 22.58
N SER A 243 9.43 -26.85 23.54
CA SER A 243 8.20 -26.47 24.23
C SER A 243 7.27 -25.70 23.28
N ASP A 244 6.00 -25.61 23.63
CA ASP A 244 5.05 -24.84 22.85
C ASP A 244 5.54 -23.41 22.75
N TYR A 245 6.13 -22.92 23.84
CA TYR A 245 6.71 -21.59 23.84
C TYR A 245 7.87 -21.48 22.86
N ASP A 246 8.74 -22.49 22.82
CA ASP A 246 9.86 -22.50 21.88
C ASP A 246 9.33 -22.40 20.46
N LYS A 247 8.33 -23.21 20.15
CA LYS A 247 7.77 -23.22 18.81
C LYS A 247 7.15 -21.87 18.47
N SER A 248 6.30 -21.38 19.36
CA SER A 248 5.62 -20.11 19.13
C SER A 248 6.62 -18.99 18.89
N SER A 249 7.66 -18.95 19.70
CA SER A 249 8.68 -17.91 19.61
CA SER A 249 8.67 -17.90 19.60
C SER A 249 9.40 -17.96 18.26
N LEU A 250 9.78 -19.15 17.82
CA LEU A 250 10.47 -19.29 16.54
C LEU A 250 9.54 -18.87 15.38
N ASP A 251 8.30 -19.36 15.44
CA ASP A 251 7.26 -18.96 14.48
C ASP A 251 7.19 -17.43 14.35
N SER A 252 7.15 -16.76 15.49
CA SER A 252 6.95 -15.31 15.52
C SER A 252 8.13 -14.59 14.87
N GLU A 253 9.34 -15.11 15.04
CA GLU A 253 10.51 -14.54 14.38
C GLU A 253 10.37 -14.56 12.86
N PHE A 254 9.91 -15.70 12.33
CA PHE A 254 9.73 -15.83 10.89
C PHE A 254 8.54 -14.99 10.43
N ASP A 255 7.52 -14.93 11.29
CA ASP A 255 6.32 -14.15 10.98
C ASP A 255 6.69 -12.69 10.73
N ALA A 256 7.67 -12.18 11.49
CA ALA A 256 8.12 -10.79 11.30
C ALA A 256 8.69 -10.59 9.90
N VAL A 257 9.41 -11.59 9.42
CA VAL A 257 10.04 -11.54 8.11
C VAL A 257 9.01 -11.75 7.00
N TYR A 258 8.08 -12.67 7.21
CA TYR A 258 7.01 -12.90 6.28
C TYR A 258 6.18 -11.62 6.03
N ASN A 259 5.77 -10.95 7.11
CA ASN A 259 4.93 -9.76 7.04
CA ASN A 259 4.91 -9.80 6.94
CA ASN A 259 4.92 -9.78 7.00
C ASN A 259 5.64 -8.57 6.41
N LYS A 260 6.91 -8.40 6.74
CA LYS A 260 7.71 -7.30 6.20
C LYS A 260 8.03 -7.48 4.72
N PHE A 261 8.48 -8.67 4.33
CA PHE A 261 9.01 -8.89 2.97
C PHE A 261 8.21 -9.89 2.13
N VAL A 262 8.13 -11.14 2.59
CA VAL A 262 7.65 -12.24 1.75
C VAL A 262 6.23 -12.00 1.22
N LYS A 263 5.32 -11.59 2.10
CA LYS A 263 3.92 -11.46 1.70
C LYS A 263 3.73 -10.29 0.74
N ASN A 264 4.72 -9.41 0.67
CA ASN A 264 4.69 -8.29 -0.27
C ASN A 264 5.48 -8.57 -1.55
N GLY A 265 5.90 -9.83 -1.73
CA GLY A 265 6.60 -10.20 -2.94
C GLY A 265 8.11 -10.05 -2.89
N ARG A 266 8.65 -9.66 -1.72
CA ARG A 266 10.10 -9.54 -1.55
C ARG A 266 10.66 -10.82 -0.95
N ALA A 267 11.42 -11.56 -1.75
CA ALA A 267 11.98 -12.85 -1.34
C ALA A 267 13.11 -12.72 -0.32
N VAL A 268 13.26 -13.74 0.52
CA VAL A 268 14.22 -13.73 1.62
C VAL A 268 14.96 -15.06 1.76
N VAL A 269 16.28 -14.99 1.88
CA VAL A 269 17.10 -16.15 2.19
C VAL A 269 17.71 -16.01 3.59
N ILE A 270 17.55 -17.04 4.42
CA ILE A 270 18.23 -17.10 5.70
C ILE A 270 19.59 -17.74 5.41
N GLY A 271 20.58 -16.91 5.14
CA GLY A 271 21.84 -17.38 4.60
C GLY A 271 22.71 -18.11 5.61
N GLU A 272 22.42 -17.91 6.90
CA GLU A 272 23.09 -18.65 7.96
C GLU A 272 22.11 -18.96 9.06
N MET A 273 22.21 -20.16 9.61
CA MET A 273 21.49 -20.53 10.81
C MET A 273 22.10 -21.83 11.28
N GLY A 274 21.57 -22.37 12.38
CA GLY A 274 22.01 -23.66 12.87
C GLY A 274 22.15 -23.69 14.38
N SER A 275 22.64 -24.81 14.89
CA SER A 275 22.83 -24.95 16.33
C SER A 275 24.20 -25.56 16.65
N ILE A 276 24.78 -25.19 17.78
CA ILE A 276 26.05 -25.78 18.19
C ILE A 276 25.81 -27.12 18.88
N ASN A 277 26.90 -27.84 19.13
CA ASN A 277 26.81 -29.19 19.70
C ASN A 277 26.96 -29.17 21.22
N LYS A 278 25.84 -29.20 21.93
CA LYS A 278 25.87 -29.30 23.38
C LYS A 278 25.66 -30.75 23.82
N ASN A 279 26.03 -31.68 22.93
CA ASN A 279 25.90 -33.10 23.22
C ASN A 279 24.43 -33.42 23.42
N ASN A 280 23.59 -32.73 22.65
CA ASN A 280 22.15 -32.75 22.81
C ASN A 280 21.47 -33.09 21.49
N THR A 281 21.78 -34.26 20.94
CA THR A 281 21.30 -34.62 19.62
C THR A 281 19.78 -34.56 19.49
N ALA A 282 19.06 -35.07 20.48
CA ALA A 282 17.61 -35.15 20.39
C ALA A 282 16.98 -33.76 20.31
N ALA A 283 17.50 -32.82 21.09
CA ALA A 283 17.02 -31.44 21.07
C ALA A 283 17.36 -30.78 19.74
N ARG A 284 18.56 -31.04 19.21
CA ARG A 284 18.98 -30.43 17.96
C ARG A 284 18.19 -30.98 16.77
N VAL A 285 17.81 -32.24 16.86
CA VAL A 285 16.92 -32.83 15.87
C VAL A 285 15.53 -32.17 15.90
N THR A 286 14.93 -32.07 17.08
CA THR A 286 13.62 -31.42 17.21
C THR A 286 13.67 -29.99 16.64
N HIS A 287 14.71 -29.25 17.04
CA HIS A 287 14.87 -27.86 16.62
C HIS A 287 15.10 -27.74 15.11
N ALA A 288 15.99 -28.56 14.56
CA ALA A 288 16.35 -28.46 13.16
C ALA A 288 15.13 -28.73 12.29
N GLU A 289 14.35 -29.76 12.64
CA GLU A 289 13.20 -30.12 11.84
C GLU A 289 12.13 -29.04 11.91
N TYR A 290 11.86 -28.54 13.11
CA TYR A 290 10.85 -27.49 13.27
C TYR A 290 11.26 -26.19 12.57
N TYR A 291 12.53 -25.82 12.70
CA TYR A 291 13.05 -24.63 12.05
C TYR A 291 12.76 -24.72 10.55
N ALA A 292 13.15 -25.85 9.96
CA ALA A 292 12.99 -26.05 8.52
C ALA A 292 11.53 -25.93 8.07
N LYS A 293 10.60 -26.59 8.76
CA LYS A 293 9.22 -26.51 8.33
C LYS A 293 8.57 -25.16 8.64
N SER A 294 8.94 -24.55 9.76
CA SER A 294 8.37 -23.26 10.14
C SER A 294 8.85 -22.18 9.17
N ALA A 295 10.14 -22.21 8.83
CA ALA A 295 10.71 -21.25 7.89
C ALA A 295 10.13 -21.41 6.50
N LYS A 296 10.06 -22.65 6.02
CA LYS A 296 9.51 -22.91 4.69
C LYS A 296 8.05 -22.45 4.59
N ALA A 297 7.29 -22.61 5.68
CA ALA A 297 5.89 -22.16 5.68
C ALA A 297 5.77 -20.63 5.55
N ARG A 298 6.86 -19.91 5.77
CA ARG A 298 6.85 -18.48 5.53
C ARG A 298 7.62 -18.15 4.26
N GLY A 299 7.85 -19.15 3.41
CA GLY A 299 8.49 -18.92 2.13
C GLY A 299 10.00 -18.74 2.18
N LEU A 300 10.59 -19.03 3.34
CA LEU A 300 12.01 -18.78 3.56
C LEU A 300 12.83 -20.04 3.23
N THR A 301 13.98 -19.82 2.61
CA THR A 301 14.95 -20.88 2.38
C THR A 301 16.10 -20.72 3.36
N PRO A 302 16.30 -21.70 4.26
CA PRO A 302 17.37 -21.64 5.25
C PRO A 302 18.65 -22.30 4.79
N ILE A 303 19.78 -21.78 5.27
CA ILE A 303 21.10 -22.30 4.89
C ILE A 303 21.94 -22.53 6.14
N TRP A 304 22.28 -23.80 6.39
CA TRP A 304 22.99 -24.19 7.61
C TRP A 304 24.43 -23.69 7.60
N TRP A 305 24.87 -23.10 8.72
CA TRP A 305 26.27 -22.70 8.85
C TRP A 305 27.14 -23.86 9.28
N ASP A 306 28.00 -24.33 8.38
CA ASP A 306 28.83 -25.49 8.70
C ASP A 306 30.28 -25.09 8.62
N ASN A 307 30.91 -24.98 9.79
CA ASN A 307 32.29 -24.50 9.86
C ASN A 307 33.30 -25.64 9.97
N GLY A 308 32.81 -26.87 9.84
CA GLY A 308 33.67 -28.05 9.94
C GLY A 308 34.14 -28.38 11.35
N TYR A 309 33.47 -27.81 12.35
CA TYR A 309 33.85 -28.01 13.75
C TYR A 309 32.64 -28.57 14.50
N SER A 310 32.73 -29.82 14.96
CA SER A 310 31.52 -30.48 15.47
C SER A 310 31.66 -31.10 16.86
N VAL A 311 32.71 -30.71 17.58
CA VAL A 311 33.06 -31.32 18.86
C VAL A 311 32.03 -31.02 19.96
N ALA A 312 31.43 -32.06 20.52
CA ALA A 312 30.45 -31.90 21.58
C ALA A 312 31.00 -31.16 22.79
N GLY A 313 30.26 -30.17 23.26
CA GLY A 313 30.63 -29.45 24.47
C GLY A 313 31.46 -28.21 24.25
N LYS A 314 31.72 -27.85 23.00
CA LYS A 314 32.52 -26.66 22.70
C LYS A 314 31.69 -25.59 22.00
N ALA A 315 32.05 -24.34 22.23
CA ALA A 315 31.37 -23.22 21.59
C ALA A 315 31.61 -23.28 20.08
N GLU A 316 30.67 -22.73 19.31
CA GLU A 316 30.87 -22.56 17.86
C GLU A 316 30.94 -23.87 17.06
N THR A 317 30.42 -24.96 17.62
CA THR A 317 30.47 -26.25 16.94
C THR A 317 29.23 -26.47 16.09
N PHE A 318 29.15 -25.70 15.00
CA PHE A 318 28.02 -25.74 14.08
C PHE A 318 28.19 -26.83 13.01
N GLY A 319 29.39 -27.38 12.91
CA GLY A 319 29.71 -28.33 11.86
C GLY A 319 28.92 -29.61 11.98
N ILE A 320 28.36 -30.07 10.87
CA ILE A 320 27.58 -31.31 10.85
C ILE A 320 28.12 -32.32 9.82
N PHE A 321 28.91 -31.82 8.87
CA PHE A 321 29.52 -32.67 7.85
C PHE A 321 31.00 -32.90 8.14
N ASN A 322 31.43 -34.15 8.03
CA ASN A 322 32.85 -34.48 8.19
C ASN A 322 33.51 -34.50 6.83
N ARG A 323 34.25 -33.45 6.52
CA ARG A 323 34.86 -33.28 5.21
C ARG A 323 35.96 -34.33 4.94
N SER A 324 36.76 -34.62 5.94
CA SER A 324 37.84 -35.62 5.81
C SER A 324 37.35 -37.04 5.54
N ASN A 325 36.25 -37.43 6.17
CA ASN A 325 35.69 -38.78 6.03
C ASN A 325 34.61 -38.87 4.96
N LEU A 326 34.10 -37.72 4.53
CA LEU A 326 32.97 -37.68 3.61
C LEU A 326 31.74 -38.38 4.21
N THR A 327 31.61 -38.31 5.53
CA THR A 327 30.42 -38.80 6.23
C THR A 327 29.84 -37.64 7.04
N TRP A 328 28.69 -37.85 7.66
CA TRP A 328 28.08 -36.81 8.50
C TRP A 328 28.39 -37.01 10.00
N ASP A 329 29.01 -36.01 10.62
CA ASP A 329 29.27 -36.03 12.07
C ASP A 329 27.97 -35.89 12.85
N ALA A 330 26.97 -35.28 12.24
CA ALA A 330 25.66 -35.16 12.87
C ALA A 330 24.57 -35.65 11.91
N PRO A 331 24.51 -36.96 11.68
CA PRO A 331 23.62 -37.45 10.63
C PRO A 331 22.16 -37.22 10.99
N GLU A 332 21.80 -37.39 12.26
CA GLU A 332 20.40 -37.21 12.67
C GLU A 332 19.96 -35.75 12.53
N VAL A 333 20.83 -34.81 12.88
CA VAL A 333 20.49 -33.40 12.74
C VAL A 333 20.30 -33.07 11.26
N MET A 334 21.28 -33.44 10.44
CA MET A 334 21.19 -33.20 9.00
C MET A 334 19.92 -33.77 8.39
N LYS A 335 19.59 -35.02 8.72
CA LYS A 335 18.44 -35.64 8.09
C LYS A 335 17.15 -34.97 8.53
N ALA A 336 17.08 -34.59 9.81
CA ALA A 336 15.89 -33.92 10.30
C ALA A 336 15.69 -32.57 9.62
N PHE A 337 16.78 -31.82 9.45
CA PHE A 337 16.73 -30.51 8.79
C PHE A 337 16.18 -30.70 7.37
N ILE A 338 16.78 -31.61 6.61
CA ILE A 338 16.34 -31.91 5.25
C ILE A 338 14.88 -32.39 5.22
N LYS A 339 14.53 -33.26 6.18
CA LYS A 339 13.17 -33.80 6.26
C LYS A 339 12.14 -32.69 6.47
N GLY A 340 12.49 -31.72 7.31
CA GLY A 340 11.57 -30.62 7.59
C GLY A 340 11.30 -29.75 6.38
N ILE A 341 12.27 -29.68 5.47
CA ILE A 341 12.16 -28.88 4.25
C ILE A 341 11.11 -29.42 3.28
N GLY A 342 10.97 -30.74 3.22
CA GLY A 342 10.01 -31.34 2.32
C GLY A 342 10.46 -31.26 0.87
N GLY A 343 9.53 -31.43 -0.05
CA GLY A 343 9.85 -31.42 -1.47
C GLY A 343 8.64 -31.56 -2.38
N SER A 344 8.87 -31.53 -3.67
CA SER A 344 7.77 -31.57 -4.64
C SER A 344 7.54 -32.98 -5.19
N SER A 345 8.32 -33.94 -4.72
CA SER A 345 8.25 -35.32 -5.19
C SER A 345 8.27 -36.30 -4.03
N SER B 1 -14.16 -24.68 10.18
CA SER B 1 -15.39 -23.93 10.43
C SER B 1 -15.55 -22.84 9.38
N ALA B 2 -14.72 -21.81 9.46
CA ALA B 2 -14.74 -20.77 8.43
C ALA B 2 -13.75 -21.03 7.29
N VAL B 3 -13.03 -22.15 7.34
CA VAL B 3 -12.12 -22.52 6.25
C VAL B 3 -12.64 -23.76 5.52
N GLU B 4 -12.74 -23.68 4.19
CA GLU B 4 -13.27 -24.76 3.36
C GLU B 4 -12.20 -25.31 2.43
N VAL B 5 -12.11 -26.63 2.34
CA VAL B 5 -11.19 -27.25 1.41
C VAL B 5 -11.96 -27.96 0.32
N THR B 6 -11.64 -27.60 -0.92
CA THR B 6 -12.23 -28.23 -2.09
C THR B 6 -11.18 -29.12 -2.75
N TYR B 7 -11.40 -30.42 -2.69
CA TYR B 7 -10.46 -31.43 -3.17
C TYR B 7 -11.09 -32.03 -4.42
N ALA B 8 -10.52 -31.75 -5.59
CA ALA B 8 -11.18 -32.08 -6.85
C ALA B 8 -10.27 -32.84 -7.80
N ILE B 9 -10.86 -33.68 -8.64
CA ILE B 9 -10.07 -34.52 -9.52
C ILE B 9 -10.03 -33.94 -10.92
N THR B 10 -8.84 -33.55 -11.35
CA THR B 10 -8.65 -32.94 -12.66
C THR B 10 -8.68 -33.98 -13.79
N ASN B 11 -8.06 -35.12 -13.54
CA ASN B 11 -7.91 -36.18 -14.54
C ASN B 11 -7.60 -37.49 -13.81
N SER B 12 -7.97 -38.62 -14.41
CA SER B 12 -7.52 -39.90 -13.87
C SER B 12 -7.33 -40.98 -14.95
N TRP B 13 -6.46 -41.94 -14.66
CA TRP B 13 -6.07 -42.96 -15.62
C TRP B 13 -5.93 -44.34 -14.98
N GLY B 14 -6.81 -44.64 -14.03
CA GLY B 14 -6.90 -45.96 -13.46
C GLY B 14 -5.83 -46.33 -12.46
N SER B 15 -4.56 -46.13 -12.83
CA SER B 15 -3.44 -46.36 -11.93
C SER B 15 -3.09 -45.09 -11.14
N GLY B 16 -3.53 -43.94 -11.64
CA GLY B 16 -3.24 -42.67 -11.00
C GLY B 16 -4.26 -41.58 -11.34
N ALA B 17 -4.04 -40.39 -10.79
CA ALA B 17 -4.95 -39.27 -10.98
C ALA B 17 -4.22 -37.96 -10.75
N SER B 18 -4.82 -36.88 -11.25
CA SER B 18 -4.33 -35.54 -10.97
C SER B 18 -5.35 -34.79 -10.11
N VAL B 19 -4.87 -34.14 -9.06
CA VAL B 19 -5.72 -33.49 -8.07
C VAL B 19 -5.47 -31.99 -8.03
N ASN B 20 -6.53 -31.22 -7.83
CA ASN B 20 -6.43 -29.79 -7.61
C ASN B 20 -7.10 -29.48 -6.29
N VAL B 21 -6.41 -28.77 -5.42
CA VAL B 21 -6.97 -28.38 -4.12
C VAL B 21 -7.10 -26.86 -4.03
N THR B 22 -8.28 -26.39 -3.62
CA THR B 22 -8.51 -24.98 -3.36
C THR B 22 -8.90 -24.79 -1.91
N ILE B 23 -8.21 -23.91 -1.22
CA ILE B 23 -8.49 -23.61 0.19
C ILE B 23 -9.15 -22.24 0.21
N LYS B 24 -10.34 -22.16 0.80
CA LYS B 24 -11.03 -20.89 0.90
C LYS B 24 -11.12 -20.44 2.34
N ASN B 25 -10.72 -19.19 2.58
CA ASN B 25 -10.81 -18.60 3.92
C ASN B 25 -11.99 -17.65 4.06
N ASN B 26 -13.05 -18.09 4.75
CA ASN B 26 -14.23 -17.25 4.96
C ASN B 26 -14.24 -16.53 6.32
N GLY B 27 -13.18 -16.68 7.09
CA GLY B 27 -13.10 -16.00 8.37
C GLY B 27 -12.65 -14.55 8.19
N THR B 28 -12.36 -13.89 9.31
CA THR B 28 -12.04 -12.46 9.27
C THR B 28 -10.54 -12.20 9.20
N THR B 29 -9.72 -13.19 9.58
CA THR B 29 -8.27 -13.04 9.67
C THR B 29 -7.55 -13.71 8.52
N PRO B 30 -6.70 -12.94 7.81
CA PRO B 30 -5.91 -13.60 6.76
C PRO B 30 -5.04 -14.73 7.33
N ILE B 31 -4.86 -15.79 6.54
CA ILE B 31 -3.99 -16.89 6.92
C ILE B 31 -2.61 -16.62 6.32
N ASN B 32 -1.67 -16.17 7.16
CA ASN B 32 -0.35 -15.74 6.69
C ASN B 32 0.69 -16.85 6.66
N GLY B 33 0.69 -17.64 5.59
CA GLY B 33 1.63 -18.74 5.44
C GLY B 33 0.92 -20.04 5.70
N TRP B 34 -0.01 -20.39 4.81
CA TRP B 34 -0.86 -21.55 5.05
C TRP B 34 -0.10 -22.87 4.99
N THR B 35 -0.57 -23.82 5.79
CA THR B 35 -0.17 -25.21 5.68
C THR B 35 -1.45 -26.02 5.76
N LEU B 36 -1.44 -27.18 5.12
CA LEU B 36 -2.63 -28.01 5.03
C LEU B 36 -2.24 -29.45 5.27
N LYS B 37 -2.96 -30.12 6.15
CA LYS B 37 -2.62 -31.48 6.50
C LYS B 37 -3.85 -32.38 6.44
N TRP B 38 -3.64 -33.63 6.03
CA TRP B 38 -4.71 -34.62 6.05
C TRP B 38 -4.15 -36.03 6.17
N THR B 39 -5.04 -37.00 6.34
CA THR B 39 -4.64 -38.41 6.40
C THR B 39 -4.76 -39.04 5.01
N MET B 40 -3.63 -39.50 4.48
CA MET B 40 -3.60 -40.08 3.15
C MET B 40 -4.27 -41.45 3.16
N PRO B 41 -5.25 -41.65 2.27
CA PRO B 41 -5.89 -42.95 2.15
C PRO B 41 -4.87 -44.06 1.87
N ILE B 42 -5.14 -45.22 2.45
CA ILE B 42 -4.33 -46.43 2.29
C ILE B 42 -3.51 -46.55 1.00
N ASN B 43 -4.22 -46.53 -0.14
CA ASN B 43 -3.65 -46.96 -1.42
C ASN B 43 -2.99 -45.87 -2.27
N GLN B 44 -2.74 -44.70 -1.70
CA GLN B 44 -2.30 -43.56 -2.49
C GLN B 44 -0.90 -43.05 -2.19
N THR B 45 -0.17 -42.70 -3.23
CA THR B 45 1.14 -42.08 -3.10
C THR B 45 1.20 -40.85 -3.99
N ILE B 46 1.65 -39.73 -3.43
CA ILE B 46 1.84 -38.51 -4.20
C ILE B 46 3.15 -38.58 -4.96
N THR B 47 3.08 -38.49 -6.28
CA THR B 47 4.28 -38.61 -7.11
C THR B 47 4.95 -37.27 -7.34
N ASN B 48 4.14 -36.23 -7.52
CA ASN B 48 4.68 -34.88 -7.56
C ASN B 48 3.62 -33.80 -7.40
N MET B 49 4.09 -32.60 -7.04
CA MET B 49 3.21 -31.53 -6.60
C MET B 49 3.71 -30.21 -7.18
N TRP B 50 2.80 -29.30 -7.47
CA TRP B 50 3.15 -27.97 -7.95
C TRP B 50 2.42 -26.89 -7.12
N SER B 51 2.99 -25.69 -7.09
CA SER B 51 2.46 -24.56 -6.31
C SER B 51 2.45 -24.82 -4.81
N ALA B 52 3.20 -25.83 -4.39
CA ALA B 52 3.31 -26.19 -2.98
C ALA B 52 4.32 -27.31 -2.82
N SER B 53 4.68 -27.61 -1.59
CA SER B 53 5.56 -28.74 -1.30
C SER B 53 4.96 -29.59 -0.19
N PHE B 54 5.51 -30.78 0.05
CA PHE B 54 4.89 -31.63 1.05
C PHE B 54 5.89 -32.49 1.82
N VAL B 55 5.41 -33.00 2.94
CA VAL B 55 6.12 -34.00 3.72
C VAL B 55 5.13 -35.12 4.00
N ALA B 56 5.52 -36.34 3.65
CA ALA B 56 4.72 -37.51 3.95
C ALA B 56 5.32 -38.24 5.15
N SER B 57 4.54 -38.40 6.22
CA SER B 57 4.99 -39.16 7.40
C SER B 57 3.91 -40.13 7.86
N GLY B 58 4.08 -41.40 7.54
CA GLY B 58 3.08 -42.41 7.83
C GLY B 58 1.85 -42.19 6.97
N THR B 59 0.69 -42.20 7.60
CA THR B 59 -0.56 -41.89 6.90
C THR B 59 -0.70 -40.38 6.72
N THR B 60 0.20 -39.62 7.34
CA THR B 60 0.07 -38.17 7.37
C THR B 60 0.74 -37.44 6.20
N LEU B 61 -0.04 -36.58 5.57
CA LEU B 61 0.45 -35.74 4.48
C LEU B 61 0.40 -34.26 4.90
N SER B 62 1.55 -33.60 4.92
CA SER B 62 1.63 -32.20 5.27
C SER B 62 2.07 -31.35 4.07
N VAL B 63 1.20 -30.44 3.67
CA VAL B 63 1.46 -29.58 2.51
C VAL B 63 1.76 -28.16 2.98
N THR B 64 2.74 -27.54 2.34
CA THR B 64 3.14 -26.17 2.67
C THR B 64 3.09 -25.28 1.43
N ASN B 65 2.58 -24.07 1.60
CA ASN B 65 2.52 -23.09 0.53
C ASN B 65 3.89 -22.85 -0.16
N ALA B 66 3.87 -22.20 -1.32
CA ALA B 66 5.07 -21.94 -2.09
C ALA B 66 5.53 -20.48 -1.99
N GLY B 67 5.08 -19.79 -0.94
CA GLY B 67 5.57 -18.45 -0.66
C GLY B 67 4.79 -17.37 -1.38
N TYR B 68 4.83 -17.39 -2.72
CA TYR B 68 4.10 -16.39 -3.50
C TYR B 68 2.59 -16.54 -3.30
N ASN B 69 2.17 -17.73 -2.88
CA ASN B 69 0.75 -17.97 -2.60
C ASN B 69 0.49 -18.26 -1.12
N GLY B 70 1.35 -17.76 -0.24
CA GLY B 70 1.27 -18.13 1.16
C GLY B 70 0.14 -17.51 1.99
N THR B 71 -0.37 -16.37 1.54
CA THR B 71 -1.45 -15.70 2.28
C THR B 71 -2.83 -15.97 1.71
N ILE B 72 -3.70 -16.58 2.51
CA ILE B 72 -5.08 -16.74 2.09
C ILE B 72 -5.90 -15.60 2.69
N ALA B 73 -6.34 -14.69 1.83
CA ALA B 73 -7.06 -13.49 2.28
C ALA B 73 -8.35 -13.86 2.99
N ALA B 74 -8.76 -13.00 3.91
CA ALA B 74 -9.99 -13.19 4.67
C ALA B 74 -11.19 -12.94 3.77
N ASN B 75 -12.37 -13.29 4.29
CA ASN B 75 -13.64 -12.96 3.65
C ASN B 75 -13.75 -13.54 2.24
N GLY B 76 -13.24 -14.76 2.07
CA GLY B 76 -13.46 -15.50 0.85
C GLY B 76 -12.26 -15.64 -0.06
N GLY B 77 -11.08 -15.24 0.41
CA GLY B 77 -9.87 -15.44 -0.37
C GLY B 77 -9.58 -16.92 -0.59
N THR B 78 -8.87 -17.23 -1.67
CA THR B 78 -8.47 -18.61 -1.95
C THR B 78 -7.01 -18.71 -2.37
N GLN B 79 -6.44 -19.89 -2.20
CA GLN B 79 -5.17 -20.26 -2.80
C GLN B 79 -5.34 -21.72 -3.22
N SER B 80 -4.62 -22.15 -4.24
CA SER B 80 -4.79 -23.50 -4.77
C SER B 80 -3.45 -24.09 -5.11
N PHE B 81 -3.37 -25.42 -5.13
CA PHE B 81 -2.17 -26.12 -5.57
C PHE B 81 -2.66 -27.43 -6.19
N GLY B 82 -1.75 -28.21 -6.78
CA GLY B 82 -2.15 -29.48 -7.36
C GLY B 82 -1.07 -30.53 -7.24
N PHE B 83 -1.44 -31.79 -7.49
CA PHE B 83 -0.48 -32.89 -7.47
C PHE B 83 -0.99 -34.12 -8.23
N ASN B 84 -0.05 -35.01 -8.56
CA ASN B 84 -0.37 -36.32 -9.11
C ASN B 84 -0.23 -37.39 -8.06
N ILE B 85 -1.11 -38.39 -8.11
CA ILE B 85 -1.03 -39.54 -7.24
C ILE B 85 -0.95 -40.83 -8.05
N ASN B 86 -0.59 -41.91 -7.37
CA ASN B 86 -0.77 -43.27 -7.89
C ASN B 86 -1.69 -43.95 -6.91
N TYR B 87 -2.61 -44.76 -7.42
CA TYR B 87 -3.55 -45.45 -6.52
C TYR B 87 -3.97 -46.80 -7.06
N SER B 88 -4.57 -47.60 -6.18
CA SER B 88 -5.22 -48.84 -6.54
C SER B 88 -6.47 -48.96 -5.69
N GLY B 89 -7.38 -49.85 -6.08
CA GLY B 89 -8.68 -49.91 -5.45
C GLY B 89 -9.49 -48.72 -5.93
N VAL B 90 -10.50 -48.32 -5.17
CA VAL B 90 -11.34 -47.20 -5.56
C VAL B 90 -10.72 -45.87 -5.13
N LEU B 91 -10.59 -44.95 -6.08
CA LEU B 91 -10.09 -43.60 -5.79
C LEU B 91 -10.93 -42.90 -4.72
N SER B 92 -10.38 -42.81 -3.51
CA SER B 92 -11.06 -42.14 -2.41
C SER B 92 -10.41 -40.79 -2.11
N LYS B 93 -11.16 -39.90 -1.47
CA LYS B 93 -10.64 -38.59 -1.10
C LYS B 93 -10.56 -38.50 0.41
N PRO B 94 -9.55 -37.79 0.93
CA PRO B 94 -9.46 -37.54 2.37
C PRO B 94 -10.79 -37.05 2.94
N THR B 95 -11.06 -37.36 4.21
CA THR B 95 -12.34 -37.03 4.82
C THR B 95 -12.23 -35.90 5.84
N GLY B 96 -11.02 -35.36 5.98
CA GLY B 96 -10.79 -34.26 6.90
C GLY B 96 -9.54 -33.50 6.51
N PHE B 97 -9.53 -32.21 6.81
CA PHE B 97 -8.37 -31.39 6.53
C PHE B 97 -8.18 -30.41 7.67
N THR B 98 -6.93 -30.07 7.95
CA THR B 98 -6.61 -29.02 8.91
CA THR B 98 -6.65 -28.98 8.88
C THR B 98 -5.71 -27.97 8.24
N VAL B 99 -6.06 -26.70 8.42
CA VAL B 99 -5.26 -25.60 7.88
C VAL B 99 -4.75 -24.83 9.08
N ASN B 100 -3.43 -24.77 9.23
CA ASN B 100 -2.82 -24.18 10.42
C ASN B 100 -3.53 -24.55 11.72
N GLY B 101 -3.82 -25.83 11.90
CA GLY B 101 -4.47 -26.31 13.11
C GLY B 101 -5.99 -26.19 13.13
N THR B 102 -6.55 -25.47 12.16
CA THR B 102 -7.99 -25.28 12.10
C THR B 102 -8.67 -26.35 11.23
N GLU B 103 -9.65 -27.03 11.83
CA GLU B 103 -10.38 -28.09 11.14
C GLU B 103 -11.26 -27.51 10.06
N CYS B 104 -11.13 -28.04 8.85
CA CYS B 104 -11.81 -27.47 7.70
C CYS B 104 -13.14 -28.13 7.40
N THR B 105 -14.01 -27.39 6.73
CA THR B 105 -15.19 -27.97 6.11
C THR B 105 -14.77 -28.48 4.74
N VAL B 106 -15.26 -29.65 4.35
CA VAL B 106 -14.97 -30.15 3.00
C VAL B 106 -16.17 -29.96 2.08
N LYS B 107 -15.93 -29.32 0.94
CA LYS B 107 -16.99 -29.12 -0.05
C LYS B 107 -16.86 -30.12 -1.19
N SER C 1 -40.89 -10.97 2.86
CA SER C 1 -40.38 -9.60 2.79
C SER C 1 -38.94 -9.49 3.29
N THR C 2 -38.15 -8.63 2.64
CA THR C 2 -36.78 -8.37 3.07
C THR C 2 -36.68 -7.14 3.97
N ALA C 3 -37.83 -6.63 4.41
CA ALA C 3 -37.86 -5.43 5.24
C ALA C 3 -37.09 -5.57 6.54
N PHE C 4 -37.36 -6.66 7.27
CA PHE C 4 -36.89 -6.78 8.64
C PHE C 4 -36.03 -8.04 8.84
N THR C 5 -35.05 -8.22 7.97
CA THR C 5 -34.20 -9.40 8.00
C THR C 5 -32.93 -9.22 8.84
N GLY C 6 -32.82 -8.12 9.57
CA GLY C 6 -31.63 -7.85 10.35
C GLY C 6 -30.45 -7.40 9.49
N VAL C 7 -29.29 -7.19 10.12
CA VAL C 7 -28.11 -6.70 9.42
C VAL C 7 -26.91 -7.66 9.58
N ARG C 8 -26.33 -8.08 8.46
CA ARG C 8 -25.16 -8.97 8.46
C ARG C 8 -23.85 -8.19 8.61
N ASP C 9 -22.76 -8.90 8.90
CA ASP C 9 -21.44 -8.28 8.88
C ASP C 9 -20.65 -8.76 7.66
N VAL C 10 -21.31 -8.85 6.51
CA VAL C 10 -20.62 -9.27 5.28
C VAL C 10 -19.90 -8.11 4.56
N PRO C 11 -18.94 -8.45 3.67
CA PRO C 11 -18.23 -7.39 2.92
C PRO C 11 -19.21 -6.58 2.10
N ALA C 12 -19.01 -5.27 2.01
CA ALA C 12 -19.90 -4.42 1.23
C ALA C 12 -19.99 -4.90 -0.22
N GLN C 13 -18.91 -5.50 -0.72
CA GLN C 13 -18.91 -6.03 -2.08
C GLN C 13 -19.97 -7.12 -2.23
N GLN C 14 -20.16 -7.93 -1.19
CA GLN C 14 -21.19 -8.96 -1.24
C GLN C 14 -22.58 -8.33 -1.31
N ILE C 15 -22.82 -7.30 -0.51
CA ILE C 15 -24.07 -6.54 -0.58
C ILE C 15 -24.30 -6.00 -2.00
N VAL C 16 -23.28 -5.40 -2.59
CA VAL C 16 -23.36 -4.88 -3.95
C VAL C 16 -23.64 -5.99 -4.99
N ASN C 17 -23.04 -7.16 -4.79
CA ASN C 17 -23.33 -8.29 -5.67
C ASN C 17 -24.82 -8.66 -5.62
N GLU C 18 -25.38 -8.72 -4.42
CA GLU C 18 -26.79 -9.10 -4.24
C GLU C 18 -27.76 -8.03 -4.73
N MET C 19 -27.39 -6.77 -4.63
CA MET C 19 -28.18 -5.71 -5.24
C MET C 19 -28.31 -5.98 -6.73
N LYS C 20 -27.21 -6.44 -7.34
CA LYS C 20 -27.20 -7.01 -8.69
C LYS C 20 -27.43 -6.01 -9.81
N VAL C 21 -28.62 -5.43 -9.87
CA VAL C 21 -28.97 -4.47 -10.90
C VAL C 21 -30.24 -3.74 -10.47
N GLY C 22 -30.34 -2.46 -10.79
CA GLY C 22 -31.40 -1.64 -10.21
C GLY C 22 -32.14 -0.73 -11.15
N TRP C 23 -33.23 -0.17 -10.65
CA TRP C 23 -34.10 0.69 -11.41
C TRP C 23 -34.47 1.87 -10.52
N ASN C 24 -34.43 3.09 -11.08
CA ASN C 24 -34.78 4.30 -10.33
C ASN C 24 -36.25 4.66 -10.47
N LEU C 25 -36.92 4.90 -9.35
CA LEU C 25 -38.24 5.54 -9.41
C LEU C 25 -38.01 7.04 -9.61
N GLY C 26 -37.61 7.43 -10.82
CA GLY C 26 -37.22 8.81 -11.08
C GLY C 26 -38.36 9.79 -11.28
N ASN C 27 -38.05 11.09 -11.14
CA ASN C 27 -39.06 12.16 -11.27
C ASN C 27 -40.34 11.85 -10.48
N THR C 28 -40.18 11.34 -9.27
CA THR C 28 -41.30 10.92 -8.44
C THR C 28 -41.20 11.55 -7.06
N MET C 29 -40.74 10.82 -6.04
CA MET C 29 -40.53 11.44 -4.73
C MET C 29 -39.42 12.51 -4.76
N ASP C 30 -38.64 12.51 -5.84
CA ASP C 30 -37.60 13.51 -6.05
C ASP C 30 -38.16 14.76 -6.73
N ALA C 31 -39.37 14.66 -7.24
CA ALA C 31 -40.01 15.78 -7.97
C ALA C 31 -40.35 16.95 -7.05
N ILE C 32 -40.03 18.16 -7.50
CA ILE C 32 -40.41 19.36 -6.76
C ILE C 32 -41.91 19.58 -6.87
N GLY C 33 -42.57 19.76 -5.73
CA GLY C 33 -43.98 20.09 -5.73
C GLY C 33 -44.90 18.89 -5.60
N GLY C 34 -44.34 17.71 -5.36
CA GLY C 34 -45.17 16.55 -5.13
C GLY C 34 -44.90 15.35 -6.02
N GLU C 35 -45.34 14.18 -5.56
CA GLU C 35 -45.09 12.90 -6.22
C GLU C 35 -45.49 12.88 -7.69
N THR C 36 -46.63 13.48 -8.01
CA THR C 36 -47.15 13.43 -9.38
C THR C 36 -46.90 14.72 -10.13
N ASN C 37 -46.18 15.65 -9.52
CA ASN C 37 -46.06 16.97 -10.13
C ASN C 37 -45.21 16.99 -11.40
N TRP C 38 -44.33 16.02 -11.57
CA TRP C 38 -43.49 16.00 -12.76
C TRP C 38 -43.97 15.00 -13.81
N GLY C 39 -45.25 14.63 -13.73
CA GLY C 39 -45.87 13.88 -14.81
C GLY C 39 -46.07 12.40 -14.56
N ASN C 40 -45.49 11.89 -13.47
CA ASN C 40 -45.70 10.48 -13.14
C ASN C 40 -46.95 10.27 -12.32
N PRO C 41 -47.57 9.09 -12.46
CA PRO C 41 -48.76 8.74 -11.71
C PRO C 41 -48.41 8.33 -10.29
N MET C 42 -49.41 8.25 -9.43
CA MET C 42 -49.22 7.75 -8.08
C MET C 42 -48.60 6.38 -8.18
N THR C 43 -47.57 6.14 -7.38
CA THR C 43 -46.82 4.89 -7.41
C THR C 43 -47.61 3.76 -6.76
N THR C 44 -47.64 2.59 -7.40
CA THR C 44 -48.37 1.47 -6.85
C THR C 44 -47.50 0.23 -6.66
N HIS C 45 -48.00 -0.67 -5.83
CA HIS C 45 -47.34 -1.94 -5.55
C HIS C 45 -47.22 -2.76 -6.82
N ALA C 46 -48.20 -2.61 -7.70
CA ALA C 46 -48.25 -3.37 -8.95
C ALA C 46 -47.08 -2.99 -9.84
N MET C 47 -46.78 -1.70 -9.89
CA MET C 47 -45.65 -1.22 -10.67
C MET C 47 -44.36 -1.86 -10.19
N ILE C 48 -44.10 -1.78 -8.89
CA ILE C 48 -42.88 -2.35 -8.35
C ILE C 48 -42.79 -3.85 -8.63
N ASN C 49 -43.91 -4.55 -8.51
CA ASN C 49 -43.94 -5.99 -8.86
C ASN C 49 -43.38 -6.24 -10.26
N LYS C 50 -43.73 -5.37 -11.20
CA LYS C 50 -43.23 -5.49 -12.57
C LYS C 50 -41.73 -5.22 -12.63
N ILE C 51 -41.23 -4.35 -11.75
CA ILE C 51 -39.80 -4.07 -11.73
C ILE C 51 -39.05 -5.33 -11.33
N LYS C 52 -39.49 -5.98 -10.25
CA LYS C 52 -38.86 -7.22 -9.78
C LYS C 52 -38.93 -8.34 -10.82
N GLU C 53 -40.11 -8.57 -11.37
CA GLU C 53 -40.34 -9.62 -12.36
C GLU C 53 -39.42 -9.48 -13.58
N ALA C 54 -39.13 -8.24 -13.96
CA ALA C 54 -38.25 -7.98 -15.10
C ALA C 54 -36.80 -8.43 -14.87
N GLY C 55 -36.41 -8.53 -13.59
CA GLY C 55 -35.06 -8.97 -13.24
C GLY C 55 -34.27 -8.01 -12.37
N PHE C 56 -34.84 -6.85 -12.09
CA PHE C 56 -34.20 -5.87 -11.20
C PHE C 56 -34.32 -6.27 -9.74
N ASN C 57 -33.22 -6.23 -9.00
CA ASN C 57 -33.28 -6.61 -7.59
C ASN C 57 -33.12 -5.43 -6.61
N THR C 58 -32.96 -4.23 -7.16
CA THR C 58 -32.80 -3.04 -6.33
C THR C 58 -33.68 -1.94 -6.84
N LEU C 59 -34.40 -1.29 -5.93
CA LEU C 59 -35.11 -0.06 -6.28
C LEU C 59 -34.35 1.11 -5.68
N ARG C 60 -33.93 2.06 -6.50
CA ARG C 60 -33.45 3.31 -5.93
C ARG C 60 -34.64 4.25 -5.86
N LEU C 61 -34.84 4.79 -4.68
CA LEU C 61 -36.01 5.62 -4.39
C LEU C 61 -35.50 7.00 -4.05
N PRO C 62 -35.25 7.83 -5.07
CA PRO C 62 -34.71 9.17 -4.80
C PRO C 62 -35.79 10.06 -4.19
N VAL C 63 -35.44 10.80 -3.14
CA VAL C 63 -36.42 11.65 -2.45
C VAL C 63 -35.89 13.05 -2.29
N THR C 64 -36.64 14.03 -2.77
CA THR C 64 -36.33 15.41 -2.47
C THR C 64 -37.05 15.80 -1.20
N TRP C 65 -36.28 16.13 -0.16
CA TRP C 65 -36.87 16.49 1.13
C TRP C 65 -37.15 18.00 1.25
N ASP C 66 -36.32 18.81 0.61
CA ASP C 66 -36.59 20.25 0.57
C ASP C 66 -38.01 20.44 0.01
N GLY C 67 -38.79 21.28 0.67
CA GLY C 67 -40.18 21.46 0.30
C GLY C 67 -41.10 20.64 1.18
N HIS C 68 -40.52 19.75 1.99
CA HIS C 68 -41.31 18.95 2.92
C HIS C 68 -40.81 19.06 4.36
N MET C 69 -40.05 20.10 4.66
CA MET C 69 -39.51 20.25 6.00
C MET C 69 -39.57 21.69 6.50
N GLY C 70 -39.69 21.84 7.81
CA GLY C 70 -39.71 23.16 8.43
C GLY C 70 -38.35 23.85 8.44
N ALA C 71 -38.28 24.99 9.11
CA ALA C 71 -37.04 25.75 9.18
C ALA C 71 -36.23 25.34 10.41
N ALA C 72 -35.07 25.96 10.57
CA ALA C 72 -34.21 25.68 11.71
C ALA C 72 -35.00 25.96 12.97
N PRO C 73 -34.62 25.33 14.08
CA PRO C 73 -33.46 24.42 14.19
C PRO C 73 -33.79 22.96 13.88
N GLU C 74 -35.06 22.59 13.88
CA GLU C 74 -35.42 21.18 13.81
C GLU C 74 -35.60 20.65 12.37
N TYR C 75 -35.84 21.55 11.42
CA TYR C 75 -36.08 21.14 10.04
C TYR C 75 -37.00 19.93 9.99
N THR C 76 -38.11 20.00 10.72
CA THR C 76 -39.02 18.87 10.84
C THR C 76 -39.60 18.47 9.50
N ILE C 77 -39.45 17.20 9.16
CA ILE C 77 -39.99 16.63 7.93
C ILE C 77 -41.45 16.22 8.12
N ASP C 78 -42.29 16.58 7.16
CA ASP C 78 -43.71 16.23 7.18
C ASP C 78 -43.89 14.72 7.32
N GLN C 79 -44.61 14.30 8.35
CA GLN C 79 -44.79 12.88 8.64
C GLN C 79 -45.53 12.14 7.52
N THR C 80 -46.48 12.81 6.88
CA THR C 80 -47.20 12.19 5.78
C THR C 80 -46.25 11.85 4.63
N TRP C 81 -45.32 12.75 4.37
CA TRP C 81 -44.33 12.54 3.33
C TRP C 81 -43.42 11.39 3.74
N MET C 82 -42.94 11.44 4.99
CA MET C 82 -42.06 10.39 5.50
C MET C 82 -42.72 9.03 5.34
N LYS C 83 -44.02 8.95 5.60
CA LYS C 83 -44.71 7.68 5.62
C LYS C 83 -45.02 7.15 4.21
N ARG C 84 -45.20 8.08 3.27
CA ARG C 84 -45.41 7.71 1.88
C ARG C 84 -44.11 7.10 1.30
N VAL C 85 -42.98 7.75 1.57
CA VAL C 85 -41.69 7.19 1.19
C VAL C 85 -41.55 5.75 1.71
N GLU C 86 -41.90 5.53 2.97
CA GLU C 86 -41.76 4.22 3.60
C GLU C 86 -42.72 3.20 2.97
N GLU C 87 -43.90 3.67 2.60
CA GLU C 87 -44.90 2.82 1.99
C GLU C 87 -44.35 2.32 0.65
N ILE C 88 -43.81 3.25 -0.14
CA ILE C 88 -43.22 2.88 -1.43
C ILE C 88 -42.06 1.89 -1.26
N ALA C 89 -41.24 2.11 -0.25
CA ALA C 89 -40.11 1.22 0.02
C ALA C 89 -40.60 -0.21 0.25
N ASN C 90 -41.72 -0.33 0.96
CA ASN C 90 -42.28 -1.64 1.28
C ASN C 90 -42.85 -2.36 0.06
N TYR C 91 -43.27 -1.61 -0.96
CA TYR C 91 -43.62 -2.24 -2.23
C TYR C 91 -42.45 -3.10 -2.68
N ALA C 92 -41.25 -2.60 -2.46
CA ALA C 92 -40.04 -3.27 -2.91
C ALA C 92 -39.60 -4.39 -1.98
N PHE C 93 -39.64 -4.15 -0.66
CA PHE C 93 -39.26 -5.18 0.30
C PHE C 93 -40.20 -6.39 0.17
N ASP C 94 -41.44 -6.11 -0.20
CA ASP C 94 -42.41 -7.17 -0.42
C ASP C 94 -41.94 -8.07 -1.53
N ASN C 95 -41.19 -7.49 -2.47
CA ASN C 95 -40.62 -8.23 -3.59
C ASN C 95 -39.19 -8.68 -3.31
N ASP C 96 -38.85 -8.72 -2.02
CA ASP C 96 -37.53 -9.16 -1.57
C ASP C 96 -36.35 -8.40 -2.22
N MET C 97 -36.56 -7.12 -2.54
CA MET C 97 -35.54 -6.32 -3.20
C MET C 97 -34.71 -5.51 -2.21
N TYR C 98 -33.65 -4.87 -2.70
CA TYR C 98 -32.95 -3.85 -1.92
C TYR C 98 -33.60 -2.51 -2.23
N VAL C 99 -33.52 -1.58 -1.29
CA VAL C 99 -33.99 -0.21 -1.53
C VAL C 99 -32.92 0.79 -1.11
N ILE C 100 -32.68 1.78 -1.96
CA ILE C 100 -31.82 2.91 -1.62
C ILE C 100 -32.66 4.17 -1.44
N ILE C 101 -32.54 4.81 -0.29
CA ILE C 101 -33.21 6.09 -0.05
C ILE C 101 -32.12 7.15 0.10
N ASN C 102 -32.25 8.26 -0.63
CA ASN C 102 -31.26 9.33 -0.54
C ASN C 102 -31.88 10.68 -0.15
N LEU C 103 -31.08 11.74 -0.22
CA LEU C 103 -31.58 13.10 -0.31
C LEU C 103 -31.26 13.47 -1.73
N HIS C 104 -32.21 14.06 -2.45
CA HIS C 104 -32.00 14.26 -3.88
C HIS C 104 -31.77 15.71 -4.28
N HIS C 105 -32.83 16.39 -4.72
CA HIS C 105 -32.68 17.77 -5.20
C HIS C 105 -32.62 18.77 -4.03
N GLU C 106 -31.53 18.74 -3.27
CA GLU C 106 -31.40 19.58 -2.08
C GLU C 106 -30.52 20.82 -2.33
N ASN C 107 -30.23 21.10 -3.60
CA ASN C 107 -29.23 22.11 -3.97
C ASN C 107 -29.49 23.50 -3.42
N GLU C 108 -30.75 23.81 -3.13
CA GLU C 108 -31.11 25.13 -2.63
C GLU C 108 -30.52 25.39 -1.24
N TRP C 109 -30.32 24.33 -0.47
CA TRP C 109 -29.73 24.48 0.86
C TRP C 109 -28.38 23.79 1.03
N LEU C 110 -28.13 22.74 0.26
CA LEU C 110 -26.91 21.95 0.42
CA LEU C 110 -26.92 21.94 0.41
C LEU C 110 -25.77 22.57 -0.38
N LYS C 111 -25.07 23.52 0.22
CA LYS C 111 -24.03 24.29 -0.49
C LYS C 111 -22.62 23.98 0.02
N PRO C 112 -21.77 23.40 -0.84
CA PRO C 112 -20.47 22.87 -0.39
C PRO C 112 -19.39 23.96 -0.36
N PHE C 113 -19.56 24.93 0.55
CA PHE C 113 -18.62 26.03 0.71
C PHE C 113 -18.35 26.21 2.21
N TYR C 114 -17.13 26.62 2.55
CA TYR C 114 -16.77 26.89 3.94
C TYR C 114 -17.78 27.84 4.61
N ALA C 115 -18.20 28.86 3.87
CA ALA C 115 -19.15 29.84 4.42
C ALA C 115 -20.48 29.23 4.85
N ASN C 116 -20.91 28.16 4.18
CA ASN C 116 -22.21 27.55 4.47
C ASN C 116 -22.12 26.34 5.40
N GLU C 117 -20.91 25.88 5.65
CA GLU C 117 -20.68 24.59 6.29
C GLU C 117 -21.47 24.38 7.58
N ALA C 118 -21.26 25.26 8.56
CA ALA C 118 -21.94 25.15 9.86
C ALA C 118 -23.46 24.97 9.73
N GLN C 119 -24.11 25.83 8.95
CA GLN C 119 -25.57 25.73 8.84
C GLN C 119 -26.02 24.48 8.08
N VAL C 120 -25.35 24.17 6.98
CA VAL C 120 -25.67 22.98 6.20
C VAL C 120 -25.51 21.68 7.04
N LYS C 121 -24.40 21.55 7.75
CA LYS C 121 -24.19 20.41 8.65
C LYS C 121 -25.31 20.27 9.68
N ALA C 122 -25.72 21.39 10.26
CA ALA C 122 -26.80 21.37 11.23
C ALA C 122 -28.07 20.82 10.58
N GLN C 123 -28.36 21.29 9.37
CA GLN C 123 -29.56 20.82 8.69
C GLN C 123 -29.43 19.36 8.28
N LEU C 124 -28.27 18.99 7.76
CA LEU C 124 -27.98 17.63 7.34
C LEU C 124 -28.16 16.68 8.52
N THR C 125 -27.64 17.07 9.68
CA THR C 125 -27.77 16.30 10.89
C THR C 125 -29.23 16.06 11.27
N LYS C 126 -30.05 17.11 11.24
CA LYS C 126 -31.47 16.97 11.57
C LYS C 126 -32.21 16.10 10.58
N VAL C 127 -31.94 16.31 9.29
CA VAL C 127 -32.61 15.54 8.25
C VAL C 127 -32.34 14.03 8.36
N TRP C 128 -31.07 13.67 8.48
CA TRP C 128 -30.69 12.26 8.56
C TRP C 128 -31.09 11.60 9.87
N THR C 129 -31.07 12.36 10.96
CA THR C 129 -31.56 11.83 12.24
C THR C 129 -33.02 11.37 12.10
N GLN C 130 -33.85 12.21 11.48
CA GLN C 130 -35.27 11.88 11.28
C GLN C 130 -35.46 10.69 10.35
N ILE C 131 -34.76 10.69 9.22
CA ILE C 131 -34.92 9.60 8.28
C ILE C 131 -34.44 8.29 8.91
N ALA C 132 -33.23 8.31 9.47
CA ALA C 132 -32.69 7.14 10.13
C ALA C 132 -33.62 6.61 11.22
N ASN C 133 -34.20 7.51 12.00
CA ASN C 133 -35.03 7.08 13.12
C ASN C 133 -36.31 6.43 12.66
N ASN C 134 -36.91 6.99 11.61
CA ASN C 134 -38.09 6.39 11.00
C ASN C 134 -37.85 4.98 10.48
N PHE C 135 -36.68 4.74 9.89
CA PHE C 135 -36.40 3.46 9.24
C PHE C 135 -35.48 2.56 10.05
N LYS C 136 -35.40 2.83 11.35
CA LYS C 136 -34.42 2.18 12.20
C LYS C 136 -34.55 0.66 12.28
N LYS C 137 -35.77 0.14 12.24
CA LYS C 137 -35.99 -1.29 12.39
C LYS C 137 -35.66 -2.09 11.13
N TYR C 138 -35.61 -1.43 9.98
CA TYR C 138 -35.35 -2.11 8.72
C TYR C 138 -33.94 -2.72 8.70
N GLY C 139 -33.81 -3.89 8.07
CA GLY C 139 -32.53 -4.58 8.02
C GLY C 139 -31.62 -4.12 6.88
N ASP C 140 -30.62 -4.94 6.56
CA ASP C 140 -29.58 -4.50 5.62
C ASP C 140 -30.00 -4.41 4.16
N HIS C 141 -31.28 -4.69 3.86
CA HIS C 141 -31.78 -4.46 2.51
C HIS C 141 -32.22 -3.03 2.30
N LEU C 142 -32.21 -2.26 3.38
CA LEU C 142 -32.39 -0.82 3.27
C LEU C 142 -31.02 -0.15 3.34
N ILE C 143 -30.72 0.61 2.29
CA ILE C 143 -29.45 1.34 2.21
C ILE C 143 -29.73 2.83 2.15
N PHE C 144 -28.97 3.63 2.91
CA PHE C 144 -29.12 5.07 2.85
C PHE C 144 -28.04 5.64 1.95
N GLU C 145 -28.41 6.59 1.10
CA GLU C 145 -27.44 7.31 0.27
C GLU C 145 -27.42 8.76 0.77
N THR C 146 -26.28 9.17 1.33
CA THR C 146 -26.21 10.39 2.13
C THR C 146 -26.62 11.66 1.40
N MET C 147 -26.28 11.76 0.12
CA MET C 147 -26.57 12.92 -0.71
C MET C 147 -26.60 12.44 -2.15
N ASN C 148 -27.11 13.26 -3.06
CA ASN C 148 -27.21 12.87 -4.47
C ASN C 148 -26.02 13.36 -5.27
N GLU C 149 -26.06 14.61 -5.72
CA GLU C 149 -24.97 15.17 -6.51
C GLU C 149 -24.50 16.51 -5.95
N PRO C 150 -23.88 16.51 -4.76
CA PRO C 150 -23.48 17.77 -4.12
C PRO C 150 -22.41 18.47 -4.96
N ARG C 151 -22.58 19.76 -5.22
CA ARG C 151 -21.70 20.46 -6.13
C ARG C 151 -21.97 21.96 -6.03
N PRO C 152 -21.01 22.80 -6.42
CA PRO C 152 -21.25 24.25 -6.43
C PRO C 152 -22.28 24.61 -7.51
N VAL C 153 -23.25 25.48 -7.20
CA VAL C 153 -24.25 25.88 -8.20
C VAL C 153 -23.62 26.69 -9.33
N GLY C 154 -24.25 26.67 -10.50
CA GLY C 154 -23.75 27.40 -11.65
C GLY C 154 -23.74 26.54 -12.89
N ALA C 155 -24.38 27.01 -13.95
CA ALA C 155 -24.45 26.24 -15.18
C ALA C 155 -23.06 25.83 -15.65
N SER C 156 -22.11 26.75 -15.55
CA SER C 156 -20.77 26.56 -16.09
C SER C 156 -19.94 25.57 -15.28
N LEU C 157 -20.46 25.15 -14.13
CA LEU C 157 -19.72 24.25 -13.25
C LEU C 157 -20.31 22.86 -13.24
N GLN C 158 -21.40 22.67 -13.97
CA GLN C 158 -22.16 21.42 -13.96
C GLN C 158 -21.33 20.14 -14.13
N TRP C 159 -20.39 20.17 -15.06
CA TRP C 159 -19.58 18.99 -15.36
C TRP C 159 -18.13 19.18 -14.95
N THR C 160 -17.91 19.99 -13.92
CA THR C 160 -16.56 20.17 -13.39
C THR C 160 -16.41 19.37 -12.12
N GLY C 161 -15.19 19.30 -11.59
CA GLY C 161 -14.94 18.62 -10.34
C GLY C 161 -14.90 19.58 -9.15
N GLY C 162 -15.37 20.80 -9.35
CA GLY C 162 -15.41 21.78 -8.28
C GLY C 162 -14.03 22.30 -7.92
N SER C 163 -13.95 23.06 -6.84
CA SER C 163 -12.67 23.52 -6.33
C SER C 163 -12.26 22.55 -5.22
N TYR C 164 -11.02 22.62 -4.78
CA TYR C 164 -10.63 21.84 -3.61
C TYR C 164 -11.58 22.15 -2.45
N GLU C 165 -11.94 23.41 -2.26
CA GLU C 165 -12.87 23.77 -1.21
C GLU C 165 -14.15 22.96 -1.30
N ASN C 166 -14.72 22.87 -2.49
CA ASN C 166 -15.98 22.16 -2.66
C ASN C 166 -15.85 20.68 -2.32
N ARG C 167 -14.75 20.05 -2.75
CA ARG C 167 -14.53 18.63 -2.51
C ARG C 167 -14.25 18.34 -1.04
N GLU C 168 -13.51 19.24 -0.38
CA GLU C 168 -13.26 19.11 1.06
C GLU C 168 -14.58 19.17 1.84
N VAL C 169 -15.42 20.14 1.51
CA VAL C 169 -16.68 20.30 2.21
C VAL C 169 -17.68 19.18 1.90
N VAL C 170 -17.68 18.67 0.67
CA VAL C 170 -18.51 17.50 0.37
C VAL C 170 -18.07 16.33 1.25
N ASN C 171 -16.76 16.14 1.38
CA ASN C 171 -16.24 15.11 2.28
C ASN C 171 -16.71 15.35 3.72
N ARG C 172 -16.72 16.61 4.16
CA ARG C 172 -17.19 16.93 5.51
C ARG C 172 -18.69 16.66 5.67
N TYR C 173 -19.46 16.94 4.63
CA TYR C 173 -20.90 16.66 4.68
C TYR C 173 -21.18 15.16 4.77
N ASN C 174 -20.45 14.36 3.98
CA ASN C 174 -20.62 12.90 4.02
C ASN C 174 -20.39 12.34 5.41
N LEU C 175 -19.36 12.83 6.09
CA LEU C 175 -19.08 12.38 7.45
C LEU C 175 -20.18 12.81 8.41
N THR C 176 -20.67 14.03 8.25
CA THR C 176 -21.77 14.52 9.07
C THR C 176 -23.00 13.62 8.91
N ALA C 177 -23.35 13.32 7.66
CA ALA C 177 -24.52 12.48 7.39
C ALA C 177 -24.35 11.07 7.92
N VAL C 178 -23.19 10.46 7.68
CA VAL C 178 -22.90 9.13 8.21
C VAL C 178 -22.96 9.09 9.73
N ASN C 179 -22.34 10.05 10.40
CA ASN C 179 -22.41 10.10 11.87
C ASN C 179 -23.85 10.27 12.39
N ALA C 180 -24.64 11.08 11.68
CA ALA C 180 -26.03 11.32 12.08
C ALA C 180 -26.80 10.00 12.01
N ILE C 181 -26.62 9.27 10.92
CA ILE C 181 -27.26 7.96 10.78
C ILE C 181 -26.81 7.01 11.90
N ARG C 182 -25.50 6.89 12.08
CA ARG C 182 -24.95 5.93 13.04
C ARG C 182 -25.28 6.25 14.50
N ALA C 183 -25.40 7.53 14.82
CA ALA C 183 -25.72 7.96 16.18
C ALA C 183 -27.10 7.51 16.67
N THR C 184 -28.02 7.21 15.76
CA THR C 184 -29.35 6.72 16.17
C THR C 184 -29.31 5.27 16.65
N GLY C 185 -28.21 4.57 16.38
CA GLY C 185 -28.01 3.24 16.93
C GLY C 185 -28.82 2.12 16.28
N GLY C 186 -28.86 0.97 16.95
CA GLY C 186 -29.51 -0.21 16.41
C GLY C 186 -29.01 -0.57 15.03
N ASN C 187 -29.92 -0.95 14.12
CA ASN C 187 -29.52 -1.31 12.76
C ASN C 187 -28.85 -0.16 12.00
N ASN C 188 -29.13 1.06 12.41
CA ASN C 188 -28.49 2.21 11.75
C ASN C 188 -26.99 2.25 12.03
N ALA C 189 -26.59 1.59 13.11
CA ALA C 189 -25.18 1.54 13.48
C ALA C 189 -24.39 0.63 12.57
N THR C 190 -25.07 -0.29 11.89
CA THR C 190 -24.37 -1.31 11.12
C THR C 190 -24.84 -1.42 9.69
N ARG C 191 -25.89 -0.70 9.30
CA ARG C 191 -26.38 -0.87 7.93
C ARG C 191 -25.36 -0.30 6.94
N TYR C 192 -25.50 -0.69 5.66
CA TYR C 192 -24.61 -0.22 4.61
C TYR C 192 -25.10 1.13 4.12
N ILE C 193 -24.15 2.02 3.83
CA ILE C 193 -24.44 3.40 3.47
C ILE C 193 -23.67 3.82 2.23
N MET C 194 -24.36 4.47 1.30
CA MET C 194 -23.71 4.97 0.07
C MET C 194 -23.35 6.45 0.23
N VAL C 195 -22.17 6.84 -0.24
CA VAL C 195 -21.78 8.25 -0.26
C VAL C 195 -21.19 8.61 -1.63
N PRO C 196 -21.59 9.78 -2.15
CA PRO C 196 -21.18 10.25 -3.46
C PRO C 196 -19.89 11.05 -3.40
N THR C 197 -19.18 11.01 -4.51
CA THR C 197 -18.13 11.98 -4.78
C THR C 197 -18.83 13.30 -5.08
N LEU C 198 -18.07 14.37 -5.26
CA LEU C 198 -18.66 15.61 -5.68
C LEU C 198 -19.36 15.37 -7.03
N ALA C 199 -20.59 15.86 -7.12
CA ALA C 199 -21.47 15.67 -8.28
C ALA C 199 -21.72 14.21 -8.61
N ALA C 200 -21.41 13.32 -7.67
CA ALA C 200 -21.39 11.87 -7.93
C ALA C 200 -20.58 11.57 -9.20
N SER C 201 -19.58 12.39 -9.48
CA SER C 201 -18.80 12.20 -10.70
C SER C 201 -17.75 11.11 -10.54
N ALA C 202 -17.53 10.36 -11.62
CA ALA C 202 -16.51 9.32 -11.64
C ALA C 202 -15.16 9.83 -12.16
N MET C 203 -15.07 11.13 -12.46
CA MET C 203 -13.85 11.69 -13.04
C MET C 203 -12.71 11.64 -12.02
N SER C 204 -11.46 11.65 -12.51
CA SER C 204 -10.30 11.41 -11.64
C SER C 204 -10.25 12.34 -10.45
N THR C 205 -10.53 13.62 -10.71
CA THR C 205 -10.43 14.63 -9.65
C THR C 205 -11.31 14.24 -8.47
N THR C 206 -12.55 13.86 -8.75
CA THR C 206 -13.53 13.62 -7.69
C THR C 206 -13.34 12.28 -6.99
N ILE C 207 -13.04 11.21 -7.74
CA ILE C 207 -12.80 9.93 -7.09
C ILE C 207 -11.49 9.92 -6.30
N ASN C 208 -10.47 10.62 -6.80
CA ASN C 208 -9.18 10.73 -6.09
C ASN C 208 -9.31 11.47 -4.77
N ASP C 209 -10.22 12.43 -4.70
CA ASP C 209 -10.32 13.26 -3.50
C ASP C 209 -11.43 12.81 -2.55
N LEU C 210 -12.17 11.76 -2.91
CA LEU C 210 -13.16 11.21 -2.00
C LEU C 210 -12.52 10.69 -0.72
N VAL C 211 -13.09 11.05 0.42
CA VAL C 211 -12.64 10.51 1.72
C VAL C 211 -13.78 9.76 2.36
N ILE C 212 -13.55 8.48 2.66
CA ILE C 212 -14.58 7.63 3.27
C ILE C 212 -14.75 7.97 4.75
N PRO C 213 -15.94 8.42 5.15
CA PRO C 213 -16.20 8.75 6.56
C PRO C 213 -15.71 7.66 7.54
N ASN C 214 -14.83 8.04 8.45
CA ASN C 214 -14.28 7.13 9.46
C ASN C 214 -13.63 5.86 8.90
N ASN C 215 -13.29 5.86 7.62
CA ASN C 215 -12.78 4.64 7.01
C ASN C 215 -13.79 3.49 7.13
N ASP C 216 -15.05 3.85 7.33
CA ASP C 216 -16.13 2.90 7.60
C ASP C 216 -16.20 1.82 6.53
N SER C 217 -16.02 0.56 6.92
CA SER C 217 -15.97 -0.54 5.96
C SER C 217 -17.34 -0.85 5.35
N LYS C 218 -18.40 -0.31 5.93
CA LYS C 218 -19.75 -0.57 5.47
C LYS C 218 -20.21 0.54 4.53
N VAL C 219 -19.29 1.39 4.12
CA VAL C 219 -19.62 2.44 3.19
C VAL C 219 -19.34 2.02 1.75
N ILE C 220 -20.27 2.35 0.86
CA ILE C 220 -20.23 2.05 -0.55
C ILE C 220 -20.16 3.37 -1.31
N VAL C 221 -19.34 3.45 -2.37
CA VAL C 221 -19.27 4.70 -3.13
C VAL C 221 -20.45 4.78 -4.10
N SER C 222 -21.02 5.97 -4.21
CA SER C 222 -22.07 6.21 -5.19
C SER C 222 -21.54 7.05 -6.36
N LEU C 223 -21.62 6.50 -7.56
CA LEU C 223 -21.27 7.23 -8.77
C LEU C 223 -22.44 7.25 -9.76
N HIS C 224 -22.53 8.32 -10.55
CA HIS C 224 -23.53 8.39 -11.61
C HIS C 224 -22.77 8.50 -12.92
N MET C 225 -22.99 7.54 -13.82
CA MET C 225 -22.17 7.45 -15.02
C MET C 225 -23.05 7.24 -16.25
N TYR C 226 -23.60 8.33 -16.76
CA TYR C 226 -24.35 8.31 -18.00
C TYR C 226 -23.38 8.30 -19.19
N SER C 227 -22.72 7.17 -19.42
CA SER C 227 -21.61 7.10 -20.37
C SER C 227 -21.93 6.26 -21.58
N PRO C 228 -21.42 6.63 -22.75
CA PRO C 228 -20.63 7.86 -22.94
C PRO C 228 -21.60 9.04 -23.06
N TYR C 229 -21.17 10.22 -22.63
CA TYR C 229 -22.06 11.38 -22.56
C TYR C 229 -22.87 11.64 -23.85
N PHE C 230 -22.17 11.70 -24.98
CA PHE C 230 -22.80 12.14 -26.22
C PHE C 230 -23.89 11.21 -26.72
N PHE C 231 -23.61 9.91 -26.72
CA PHE C 231 -24.61 8.93 -27.08
C PHE C 231 -25.75 8.89 -26.07
N ALA C 232 -25.40 8.70 -24.81
CA ALA C 232 -26.38 8.42 -23.77
C ALA C 232 -27.25 9.62 -23.39
N MET C 233 -26.65 10.81 -23.34
CA MET C 233 -27.32 11.95 -22.73
C MET C 233 -27.59 13.13 -23.66
N ASP C 234 -26.68 13.39 -24.60
CA ASP C 234 -26.78 14.59 -25.45
C ASP C 234 -27.77 14.42 -26.59
N ILE C 235 -28.80 15.26 -26.62
CA ILE C 235 -29.84 15.17 -27.64
C ILE C 235 -29.28 15.48 -29.03
N ASN C 236 -28.22 16.28 -29.08
CA ASN C 236 -27.56 16.58 -30.34
C ASN C 236 -26.31 15.74 -30.56
N GLY C 237 -26.18 14.66 -29.80
CA GLY C 237 -25.03 13.78 -29.93
C GLY C 237 -25.37 12.54 -30.72
N THR C 238 -24.34 11.81 -31.15
CA THR C 238 -24.53 10.62 -31.98
C THR C 238 -25.63 9.74 -31.45
N SER C 239 -26.32 9.03 -32.34
CA SER C 239 -27.31 8.05 -31.93
C SER C 239 -26.83 6.63 -32.21
N SER C 240 -25.57 6.50 -32.60
CA SER C 240 -24.94 5.20 -32.79
C SER C 240 -24.01 4.81 -31.63
N TRP C 241 -23.97 3.52 -31.31
CA TRP C 241 -23.04 3.01 -30.31
C TRP C 241 -22.71 1.56 -30.63
N GLY C 242 -21.41 1.22 -30.56
CA GLY C 242 -21.02 -0.17 -30.69
C GLY C 242 -19.69 -0.47 -31.36
N SER C 243 -18.94 0.56 -31.71
CA SER C 243 -17.63 0.36 -32.35
C SER C 243 -16.60 -0.16 -31.35
N ASP C 244 -15.44 -0.54 -31.87
CA ASP C 244 -14.33 -1.00 -31.03
C ASP C 244 -13.90 0.12 -30.08
N TYR C 245 -13.91 1.34 -30.59
CA TYR C 245 -13.61 2.51 -29.77
C TYR C 245 -14.66 2.70 -28.68
N ASP C 246 -15.94 2.57 -29.03
CA ASP C 246 -17.01 2.75 -28.05
C ASP C 246 -16.83 1.80 -26.88
N LYS C 247 -16.56 0.54 -27.18
CA LYS C 247 -16.43 -0.48 -26.16
C LYS C 247 -15.21 -0.23 -25.29
N SER C 248 -14.09 0.07 -25.94
CA SER C 248 -12.85 0.37 -25.23
C SER C 248 -13.01 1.55 -24.25
N SER C 249 -13.67 2.62 -24.71
CA SER C 249 -13.83 3.82 -23.87
C SER C 249 -14.68 3.55 -22.65
N LEU C 250 -15.76 2.80 -22.83
CA LEU C 250 -16.61 2.46 -21.70
C LEU C 250 -15.87 1.56 -20.71
N ASP C 251 -15.21 0.51 -21.20
CA ASP C 251 -14.34 -0.32 -20.37
C ASP C 251 -13.42 0.57 -19.52
N SER C 252 -12.81 1.56 -20.17
CA SER C 252 -11.80 2.38 -19.51
C SER C 252 -12.39 3.23 -18.41
N GLU C 253 -13.59 3.77 -18.62
CA GLU C 253 -14.31 4.50 -17.58
C GLU C 253 -14.54 3.62 -16.36
N PHE C 254 -14.97 2.38 -16.59
CA PHE C 254 -15.12 1.44 -15.49
C PHE C 254 -13.77 1.01 -14.88
N ASP C 255 -12.73 0.89 -15.72
CA ASP C 255 -11.39 0.53 -15.21
C ASP C 255 -10.87 1.53 -14.15
N ALA C 256 -11.16 2.81 -14.32
CA ALA C 256 -10.70 3.80 -13.35
C ALA C 256 -11.37 3.57 -12.00
N VAL C 257 -12.64 3.15 -12.04
CA VAL C 257 -13.40 2.91 -10.83
C VAL C 257 -12.94 1.61 -10.15
N TYR C 258 -12.70 0.60 -10.97
CA TYR C 258 -12.21 -0.67 -10.49
C TYR C 258 -10.86 -0.53 -9.79
N ASN C 259 -9.94 0.21 -10.42
CA ASN C 259 -8.61 0.35 -9.86
CA ASN C 259 -8.59 0.42 -9.88
C ASN C 259 -8.59 1.22 -8.60
N LYS C 260 -9.37 2.30 -8.59
CA LYS C 260 -9.39 3.17 -7.41
C LYS C 260 -10.11 2.52 -6.22
N PHE C 261 -11.24 1.85 -6.48
CA PHE C 261 -12.09 1.38 -5.39
C PHE C 261 -12.24 -0.14 -5.29
N VAL C 262 -12.87 -0.74 -6.28
CA VAL C 262 -13.29 -2.13 -6.20
C VAL C 262 -12.16 -3.08 -5.85
N LYS C 263 -11.04 -2.95 -6.56
CA LYS C 263 -9.96 -3.92 -6.38
C LYS C 263 -9.29 -3.74 -5.02
N ASN C 264 -9.56 -2.62 -4.36
CA ASN C 264 -9.05 -2.41 -3.00
C ASN C 264 -10.07 -2.77 -1.90
N GLY C 265 -11.17 -3.41 -2.29
CA GLY C 265 -12.17 -3.81 -1.31
C GLY C 265 -13.25 -2.77 -1.03
N ARG C 266 -13.18 -1.62 -1.70
CA ARG C 266 -14.23 -0.60 -1.58
C ARG C 266 -15.30 -0.80 -2.65
N ALA C 267 -16.51 -1.19 -2.25
CA ALA C 267 -17.58 -1.45 -3.22
C ALA C 267 -18.20 -0.17 -3.81
N VAL C 268 -18.77 -0.30 -5.00
CA VAL C 268 -19.27 0.84 -5.76
C VAL C 268 -20.60 0.54 -6.44
N VAL C 269 -21.56 1.43 -6.26
CA VAL C 269 -22.83 1.34 -6.98
C VAL C 269 -22.92 2.50 -7.97
N ILE C 270 -23.21 2.19 -9.22
CA ILE C 270 -23.58 3.23 -10.18
C ILE C 270 -25.08 3.49 -10.05
N GLY C 271 -25.42 4.45 -9.21
CA GLY C 271 -26.81 4.70 -8.82
C GLY C 271 -27.68 5.28 -9.93
N GLU C 272 -27.05 5.85 -10.95
CA GLU C 272 -27.78 6.37 -12.09
C GLU C 272 -26.96 6.13 -13.35
N MET C 273 -27.62 5.68 -14.40
CA MET C 273 -27.06 5.65 -15.77
C MET C 273 -28.22 5.44 -16.75
N GLY C 274 -27.91 5.32 -18.03
CA GLY C 274 -28.96 5.05 -19.01
C GLY C 274 -28.78 5.86 -20.27
N SER C 275 -29.67 5.65 -21.24
CA SER C 275 -29.63 6.38 -22.50
C SER C 275 -30.99 6.99 -22.85
N ILE C 276 -30.98 8.11 -23.56
CA ILE C 276 -32.23 8.72 -23.96
C ILE C 276 -32.73 8.07 -25.27
N ASN C 277 -33.96 8.39 -25.65
CA ASN C 277 -34.58 7.82 -26.82
C ASN C 277 -34.35 8.72 -28.04
N LYS C 278 -33.40 8.34 -28.89
CA LYS C 278 -33.17 9.06 -30.15
C LYS C 278 -33.67 8.22 -31.31
N ASN C 279 -34.77 7.49 -31.10
CA ASN C 279 -35.32 6.63 -32.14
C ASN C 279 -34.28 5.65 -32.64
N ASN C 280 -33.50 5.11 -31.70
CA ASN C 280 -32.34 4.31 -32.02
C ASN C 280 -32.27 3.09 -31.12
N THR C 281 -33.31 2.26 -31.22
CA THR C 281 -33.44 1.10 -30.35
C THR C 281 -32.28 0.12 -30.47
N ALA C 282 -31.82 -0.12 -31.70
CA ALA C 282 -30.73 -1.09 -31.91
C ALA C 282 -29.44 -0.64 -31.22
N ALA C 283 -29.06 0.62 -31.41
CA ALA C 283 -27.90 1.19 -30.74
C ALA C 283 -28.04 1.08 -29.22
N ARG C 284 -29.23 1.39 -28.71
CA ARG C 284 -29.49 1.38 -27.27
C ARG C 284 -29.46 -0.02 -26.67
N VAL C 285 -29.97 -1.00 -27.41
CA VAL C 285 -29.85 -2.38 -26.99
C VAL C 285 -28.39 -2.81 -26.91
N THR C 286 -27.61 -2.41 -27.91
CA THR C 286 -26.20 -2.79 -27.95
C THR C 286 -25.48 -2.17 -26.76
N HIS C 287 -25.74 -0.89 -26.54
CA HIS C 287 -25.14 -0.14 -25.45
C HIS C 287 -25.58 -0.66 -24.08
N ALA C 288 -26.88 -0.82 -23.87
CA ALA C 288 -27.39 -1.28 -22.58
C ALA C 288 -26.79 -2.62 -22.19
N GLU C 289 -26.70 -3.54 -23.14
CA GLU C 289 -26.20 -4.87 -22.80
C GLU C 289 -24.71 -4.88 -22.50
N TYR C 290 -23.94 -4.15 -23.31
CA TYR C 290 -22.50 -4.05 -23.08
C TYR C 290 -22.16 -3.29 -21.80
N TYR C 291 -22.90 -2.22 -21.53
CA TYR C 291 -22.75 -1.46 -20.28
C TYR C 291 -22.91 -2.41 -19.07
N ALA C 292 -24.02 -3.14 -19.04
CA ALA C 292 -24.27 -4.08 -17.96
C ALA C 292 -23.13 -5.08 -17.77
N LYS C 293 -22.67 -5.69 -18.85
CA LYS C 293 -21.68 -6.76 -18.68
C LYS C 293 -20.28 -6.22 -18.39
N SER C 294 -19.93 -5.08 -18.98
CA SER C 294 -18.64 -4.44 -18.69
C SER C 294 -18.60 -3.92 -17.25
N ALA C 295 -19.70 -3.31 -16.81
CA ALA C 295 -19.80 -2.81 -15.44
C ALA C 295 -19.69 -3.96 -14.45
N LYS C 296 -20.42 -5.03 -14.72
CA LYS C 296 -20.45 -6.18 -13.84
C LYS C 296 -19.08 -6.86 -13.77
N ALA C 297 -18.36 -6.88 -14.88
CA ALA C 297 -17.04 -7.51 -14.92
C ALA C 297 -16.05 -6.73 -14.05
N ARG C 298 -16.44 -5.51 -13.66
CA ARG C 298 -15.60 -4.74 -12.76
C ARG C 298 -16.25 -4.55 -11.38
N GLY C 299 -17.16 -5.46 -11.03
CA GLY C 299 -17.76 -5.48 -9.70
C GLY C 299 -18.84 -4.44 -9.43
N LEU C 300 -19.25 -3.71 -10.47
CA LEU C 300 -20.18 -2.60 -10.33
C LEU C 300 -21.62 -3.02 -10.55
N THR C 301 -22.52 -2.53 -9.70
CA THR C 301 -23.95 -2.71 -9.91
C THR C 301 -24.55 -1.41 -10.49
N PRO C 302 -25.05 -1.46 -11.73
CA PRO C 302 -25.63 -0.27 -12.35
C PRO C 302 -27.12 -0.15 -12.08
N ILE C 303 -27.62 1.07 -12.05
CA ILE C 303 -29.03 1.33 -11.74
C ILE C 303 -29.58 2.29 -12.78
N TRP C 304 -30.57 1.84 -13.53
CA TRP C 304 -31.11 2.62 -14.64
C TRP C 304 -31.90 3.82 -14.12
N TRP C 305 -31.67 5.00 -14.71
CA TRP C 305 -32.47 6.18 -14.36
C TRP C 305 -33.74 6.22 -15.21
N ASP C 306 -34.87 5.87 -14.60
CA ASP C 306 -36.15 5.88 -15.31
C ASP C 306 -37.05 7.00 -14.76
N ASN C 307 -37.18 8.09 -15.51
CA ASN C 307 -38.01 9.22 -15.10
C ASN C 307 -39.43 9.18 -15.66
N GLY C 308 -39.80 8.05 -16.27
CA GLY C 308 -41.13 7.88 -16.86
C GLY C 308 -41.37 8.67 -18.15
N TYR C 309 -40.31 9.22 -18.72
CA TYR C 309 -40.42 10.05 -19.92
C TYR C 309 -39.68 9.39 -21.07
N SER C 310 -40.41 8.82 -22.02
CA SER C 310 -39.79 7.98 -23.05
C SER C 310 -40.04 8.41 -24.49
N VAL C 311 -40.36 9.67 -24.71
CA VAL C 311 -40.71 10.17 -26.04
C VAL C 311 -39.51 10.25 -27.01
N ALA C 312 -39.57 9.50 -28.10
CA ALA C 312 -38.50 9.51 -29.09
C ALA C 312 -38.18 10.91 -29.59
N GLY C 313 -36.90 11.22 -29.72
CA GLY C 313 -36.47 12.48 -30.31
C GLY C 313 -36.42 13.65 -29.34
N LYS C 314 -36.62 13.39 -28.06
CA LYS C 314 -36.64 14.43 -27.04
C LYS C 314 -35.53 14.25 -26.01
N ALA C 315 -34.94 15.35 -25.56
CA ALA C 315 -33.96 15.30 -24.46
C ALA C 315 -34.54 14.67 -23.19
N GLU C 316 -33.67 14.11 -22.36
CA GLU C 316 -34.04 13.58 -21.06
C GLU C 316 -35.02 12.40 -21.09
N THR C 317 -35.20 11.78 -22.24
CA THR C 317 -36.14 10.66 -22.36
C THR C 317 -35.58 9.30 -21.91
N PHE C 318 -35.26 9.19 -20.62
CA PHE C 318 -34.66 7.97 -20.07
C PHE C 318 -35.65 6.86 -19.72
N GLY C 319 -36.93 7.19 -19.66
CA GLY C 319 -37.93 6.23 -19.23
C GLY C 319 -37.99 5.01 -20.11
N ILE C 320 -38.14 3.85 -19.47
CA ILE C 320 -38.24 2.60 -20.20
C ILE C 320 -39.46 1.78 -19.73
N PHE C 321 -39.93 2.08 -18.53
CA PHE C 321 -41.11 1.41 -17.99
C PHE C 321 -42.36 2.28 -18.17
N ASN C 322 -43.47 1.68 -18.59
CA ASN C 322 -44.73 2.41 -18.67
C ASN C 322 -45.55 2.13 -17.42
N ARG C 323 -45.58 3.10 -16.52
CA ARG C 323 -46.17 2.91 -15.21
C ARG C 323 -47.68 2.77 -15.28
N SER C 324 -48.34 3.59 -16.09
CA SER C 324 -49.79 3.52 -16.26
C SER C 324 -50.25 2.17 -16.78
N ASN C 325 -49.41 1.54 -17.61
CA ASN C 325 -49.77 0.30 -18.29
C ASN C 325 -49.25 -0.99 -17.66
N LEU C 326 -48.28 -0.86 -16.76
CA LEU C 326 -47.62 -2.05 -16.23
C LEU C 326 -46.98 -2.84 -17.37
N THR C 327 -46.54 -2.13 -18.41
CA THR C 327 -45.75 -2.71 -19.48
C THR C 327 -44.49 -1.87 -19.70
N TRP C 328 -43.62 -2.33 -20.59
CA TRP C 328 -42.38 -1.60 -20.89
C TRP C 328 -42.46 -0.80 -22.17
N ASP C 329 -42.14 0.50 -22.08
CA ASP C 329 -42.01 1.33 -23.28
C ASP C 329 -40.80 0.92 -24.12
N ALA C 330 -39.75 0.46 -23.46
CA ALA C 330 -38.53 0.03 -24.17
C ALA C 330 -38.17 -1.39 -23.78
N PRO C 331 -38.98 -2.36 -24.21
CA PRO C 331 -38.83 -3.75 -23.78
C PRO C 331 -37.48 -4.32 -24.18
N GLU C 332 -37.00 -3.93 -25.37
CA GLU C 332 -35.74 -4.45 -25.88
C GLU C 332 -34.53 -3.94 -25.07
N VAL C 333 -34.52 -2.64 -24.81
CA VAL C 333 -33.48 -2.03 -24.00
C VAL C 333 -33.46 -2.67 -22.60
N MET C 334 -34.62 -2.68 -21.95
CA MET C 334 -34.75 -3.30 -20.63
C MET C 334 -34.17 -4.71 -20.62
N LYS C 335 -34.64 -5.54 -21.55
CA LYS C 335 -34.24 -6.95 -21.57
C LYS C 335 -32.75 -7.15 -21.86
N ALA C 336 -32.21 -6.31 -22.74
CA ALA C 336 -30.77 -6.31 -23.01
C ALA C 336 -29.96 -5.96 -21.75
N PHE C 337 -30.39 -4.92 -21.05
CA PHE C 337 -29.73 -4.47 -19.82
C PHE C 337 -29.70 -5.64 -18.84
N ILE C 338 -30.86 -6.23 -18.57
CA ILE C 338 -30.93 -7.37 -17.67
C ILE C 338 -30.10 -8.58 -18.15
N LYS C 339 -30.09 -8.80 -19.45
CA LYS C 339 -29.35 -9.92 -20.03
C LYS C 339 -27.86 -9.73 -19.81
N GLY C 340 -27.39 -8.50 -20.01
CA GLY C 340 -25.99 -8.19 -19.79
C GLY C 340 -25.53 -8.50 -18.38
N ILE C 341 -26.45 -8.42 -17.43
CA ILE C 341 -26.11 -8.60 -16.02
C ILE C 341 -25.80 -10.06 -15.66
N GLY C 342 -26.47 -11.00 -16.34
CA GLY C 342 -26.28 -12.42 -16.04
C GLY C 342 -26.87 -12.81 -14.70
N GLY C 343 -26.38 -13.92 -14.14
CA GLY C 343 -26.89 -14.44 -12.88
C GLY C 343 -26.15 -15.68 -12.41
N SER C 344 -26.57 -16.21 -11.25
CA SER C 344 -25.89 -17.34 -10.62
C SER C 344 -26.63 -18.67 -10.74
N SER C 345 -27.76 -18.67 -11.44
CA SER C 345 -28.56 -19.89 -11.65
C SER C 345 -29.15 -19.93 -13.05
N SER D 1 0.71 -20.60 -23.73
CA SER D 1 -0.06 -19.53 -23.09
C SER D 1 0.43 -19.29 -21.67
N ALA D 2 0.38 -18.02 -21.24
CA ALA D 2 0.77 -17.70 -19.88
C ALA D 2 -0.40 -17.78 -18.89
N VAL D 3 -1.60 -18.09 -19.38
CA VAL D 3 -2.73 -18.35 -18.50
C VAL D 3 -3.15 -19.82 -18.56
N GLU D 4 -3.25 -20.45 -17.39
CA GLU D 4 -3.62 -21.86 -17.27
C GLU D 4 -4.96 -22.00 -16.58
N VAL D 5 -5.82 -22.84 -17.14
CA VAL D 5 -7.08 -23.16 -16.48
C VAL D 5 -7.08 -24.64 -16.02
N THR D 6 -7.48 -24.85 -14.78
CA THR D 6 -7.65 -26.20 -14.22
C THR D 6 -9.12 -26.43 -13.91
N TYR D 7 -9.71 -27.39 -14.61
CA TYR D 7 -11.13 -27.71 -14.52
C TYR D 7 -11.23 -29.09 -13.91
N ALA D 8 -11.79 -29.17 -12.72
CA ALA D 8 -11.75 -30.39 -11.93
C ALA D 8 -13.12 -30.78 -11.37
N ILE D 9 -13.31 -32.08 -11.18
CA ILE D 9 -14.56 -32.59 -10.64
C ILE D 9 -14.44 -32.80 -9.14
N THR D 10 -15.20 -32.02 -8.37
CA THR D 10 -15.20 -32.12 -6.92
C THR D 10 -15.95 -33.38 -6.51
N ASN D 11 -17.06 -33.64 -7.18
CA ASN D 11 -17.90 -34.76 -6.87
C ASN D 11 -18.85 -35.00 -8.04
N SER D 12 -19.26 -36.24 -8.26
CA SER D 12 -20.27 -36.51 -9.27
C SER D 12 -21.17 -37.65 -8.83
N TRP D 13 -22.39 -37.66 -9.38
CA TRP D 13 -23.41 -38.62 -8.96
C TRP D 13 -24.22 -39.14 -10.14
N GLY D 14 -23.55 -39.35 -11.27
CA GLY D 14 -24.16 -40.00 -12.41
C GLY D 14 -24.96 -39.07 -13.30
N SER D 15 -25.88 -38.32 -12.69
CA SER D 15 -26.73 -37.39 -13.43
C SER D 15 -26.37 -35.93 -13.16
N GLY D 16 -25.43 -35.70 -12.24
CA GLY D 16 -25.00 -34.36 -11.91
C GLY D 16 -23.59 -34.35 -11.37
N ALA D 17 -22.97 -33.17 -11.32
CA ALA D 17 -21.64 -33.07 -10.74
C ALA D 17 -21.33 -31.69 -10.18
N SER D 18 -20.30 -31.66 -9.35
CA SER D 18 -19.80 -30.42 -8.79
C SER D 18 -18.42 -30.14 -9.37
N VAL D 19 -18.22 -28.93 -9.88
CA VAL D 19 -17.02 -28.56 -10.62
C VAL D 19 -16.27 -27.44 -9.92
N ASN D 20 -14.95 -27.57 -9.84
CA ASN D 20 -14.11 -26.48 -9.39
C ASN D 20 -13.18 -26.01 -10.50
N VAL D 21 -13.15 -24.70 -10.74
CA VAL D 21 -12.30 -24.13 -11.78
C VAL D 21 -11.29 -23.18 -11.14
N THR D 22 -10.01 -23.42 -11.42
CA THR D 22 -8.94 -22.53 -10.98
C THR D 22 -8.26 -21.88 -12.19
N ILE D 23 -8.21 -20.54 -12.20
CA ILE D 23 -7.51 -19.83 -13.25
C ILE D 23 -6.20 -19.32 -12.71
N LYS D 24 -5.10 -19.59 -13.40
CA LYS D 24 -3.79 -19.14 -12.94
C LYS D 24 -3.07 -18.26 -13.95
N ASN D 25 -2.67 -17.07 -13.49
CA ASN D 25 -2.03 -16.06 -14.34
C ASN D 25 -0.50 -16.10 -14.19
N ASN D 26 0.19 -16.70 -15.15
CA ASN D 26 1.65 -16.79 -15.08
C ASN D 26 2.33 -15.68 -15.88
N GLY D 27 1.54 -14.75 -16.40
CA GLY D 27 2.11 -13.64 -17.15
C GLY D 27 2.58 -12.53 -16.22
N THR D 28 2.97 -11.40 -16.81
CA THR D 28 3.55 -10.30 -16.06
C THR D 28 2.52 -9.24 -15.65
N THR D 29 1.39 -9.21 -16.37
CA THR D 29 0.35 -8.20 -16.14
C THR D 29 -0.83 -8.79 -15.37
N PRO D 30 -1.25 -8.13 -14.29
CA PRO D 30 -2.44 -8.62 -13.58
C PRO D 30 -3.67 -8.57 -14.47
N ILE D 31 -4.60 -9.50 -14.27
CA ILE D 31 -5.85 -9.49 -15.02
C ILE D 31 -6.89 -8.82 -14.15
N ASN D 32 -7.18 -7.55 -14.45
CA ASN D 32 -8.07 -6.71 -13.62
C ASN D 32 -9.54 -6.75 -14.01
N GLY D 33 -10.27 -7.73 -13.49
CA GLY D 33 -11.67 -7.90 -13.82
C GLY D 33 -11.82 -9.08 -14.78
N TRP D 34 -11.52 -10.28 -14.31
CA TRP D 34 -11.49 -11.44 -15.20
C TRP D 34 -12.87 -11.90 -15.68
N THR D 35 -12.87 -12.41 -16.90
CA THR D 35 -14.02 -13.09 -17.49
C THR D 35 -13.47 -14.32 -18.19
N LEU D 36 -14.19 -15.43 -18.09
CA LEU D 36 -13.71 -16.70 -18.63
C LEU D 36 -14.79 -17.28 -19.51
N LYS D 37 -14.43 -17.63 -20.74
CA LYS D 37 -15.42 -18.13 -21.68
C LYS D 37 -15.02 -19.51 -22.22
N TRP D 38 -16.02 -20.32 -22.52
CA TRP D 38 -15.75 -21.64 -23.07
C TRP D 38 -17.02 -22.30 -23.59
N THR D 39 -16.82 -23.43 -24.25
CA THR D 39 -17.92 -24.22 -24.78
C THR D 39 -18.17 -25.41 -23.86
N MET D 40 -19.35 -25.49 -23.29
CA MET D 40 -19.67 -26.66 -22.48
C MET D 40 -19.85 -27.87 -23.38
N PRO D 41 -19.41 -29.04 -22.92
CA PRO D 41 -19.76 -30.26 -23.65
C PRO D 41 -21.28 -30.36 -23.78
N ILE D 42 -21.77 -31.05 -24.80
CA ILE D 42 -23.22 -31.20 -24.97
C ILE D 42 -23.85 -32.00 -23.82
N ASN D 43 -25.14 -31.81 -23.61
CA ASN D 43 -25.88 -32.56 -22.59
C ASN D 43 -25.44 -32.25 -21.17
N GLN D 44 -24.96 -31.02 -20.96
CA GLN D 44 -24.63 -30.53 -19.62
C GLN D 44 -25.32 -29.21 -19.37
N THR D 45 -25.87 -29.06 -18.16
CA THR D 45 -26.54 -27.82 -17.80
C THR D 45 -26.02 -27.34 -16.46
N ILE D 46 -25.74 -26.04 -16.36
CA ILE D 46 -25.34 -25.44 -15.10
C ILE D 46 -26.56 -25.15 -14.26
N THR D 47 -26.60 -25.67 -13.04
CA THR D 47 -27.74 -25.42 -12.16
C THR D 47 -27.51 -24.17 -11.29
N ASN D 48 -26.38 -24.11 -10.60
CA ASN D 48 -26.00 -22.91 -9.86
C ASN D 48 -24.50 -22.76 -9.73
N MET D 49 -24.07 -21.54 -9.43
CA MET D 49 -22.66 -21.19 -9.46
C MET D 49 -22.35 -20.29 -8.27
N TRP D 50 -21.13 -20.39 -7.75
CA TRP D 50 -20.69 -19.54 -6.64
C TRP D 50 -19.34 -18.89 -6.95
N SER D 51 -19.11 -17.71 -6.35
CA SER D 51 -17.89 -16.94 -6.56
C SER D 51 -17.76 -16.41 -7.99
N ALA D 52 -18.88 -16.43 -8.71
CA ALA D 52 -18.91 -15.89 -10.06
C ALA D 52 -20.34 -16.01 -10.58
N SER D 53 -20.61 -15.33 -11.69
CA SER D 53 -21.92 -15.40 -12.32
C SER D 53 -21.70 -15.78 -13.77
N PHE D 54 -22.77 -16.18 -14.46
CA PHE D 54 -22.62 -16.57 -15.85
C PHE D 54 -23.78 -16.14 -16.73
N VAL D 55 -23.52 -16.13 -18.03
CA VAL D 55 -24.54 -16.02 -19.07
C VAL D 55 -24.35 -17.22 -19.98
N ALA D 56 -25.41 -17.98 -20.19
CA ALA D 56 -25.31 -19.15 -21.06
C ALA D 56 -26.12 -18.94 -22.34
N SER D 57 -25.51 -19.26 -23.48
CA SER D 57 -26.21 -19.23 -24.75
C SER D 57 -25.91 -20.52 -25.50
N GLY D 58 -26.84 -21.46 -25.45
CA GLY D 58 -26.58 -22.80 -25.94
C GLY D 58 -25.49 -23.42 -25.10
N THR D 59 -24.44 -23.94 -25.74
CA THR D 59 -23.31 -24.50 -25.01
C THR D 59 -22.25 -23.45 -24.69
N THR D 60 -22.47 -22.24 -25.17
CA THR D 60 -21.51 -21.15 -24.96
C THR D 60 -21.69 -20.59 -23.57
N LEU D 61 -20.61 -20.54 -22.82
CA LEU D 61 -20.68 -20.12 -21.44
C LEU D 61 -19.73 -18.96 -21.20
N SER D 62 -20.25 -17.87 -20.64
CA SER D 62 -19.44 -16.72 -20.26
C SER D 62 -19.59 -16.46 -18.78
N VAL D 63 -18.48 -16.63 -18.06
CA VAL D 63 -18.44 -16.48 -16.61
C VAL D 63 -17.73 -15.18 -16.21
N THR D 64 -18.29 -14.46 -15.24
CA THR D 64 -17.72 -13.19 -14.79
C THR D 64 -17.35 -13.30 -13.31
N ASN D 65 -16.24 -12.66 -12.93
CA ASN D 65 -15.81 -12.61 -11.53
C ASN D 65 -16.86 -12.04 -10.59
N ALA D 66 -16.67 -12.25 -9.29
CA ALA D 66 -17.63 -11.72 -8.31
C ALA D 66 -17.17 -10.43 -7.63
N GLY D 67 -16.33 -9.64 -8.30
CA GLY D 67 -15.88 -8.37 -7.76
C GLY D 67 -14.77 -8.47 -6.74
N TYR D 68 -15.03 -9.17 -5.63
CA TYR D 68 -14.00 -9.35 -4.62
C TYR D 68 -12.83 -10.23 -5.09
N ASN D 69 -13.07 -11.05 -6.11
CA ASN D 69 -12.02 -11.91 -6.66
C ASN D 69 -11.67 -11.54 -8.11
N GLY D 70 -11.95 -10.30 -8.49
CA GLY D 70 -11.83 -9.85 -9.86
C GLY D 70 -10.43 -9.77 -10.45
N THR D 71 -9.42 -9.66 -9.59
CA THR D 71 -8.05 -9.55 -10.07
C THR D 71 -7.25 -10.86 -9.91
N ILE D 72 -6.72 -11.35 -11.02
CA ILE D 72 -5.84 -12.51 -10.97
C ILE D 72 -4.43 -11.96 -11.03
N ALA D 73 -3.74 -11.95 -9.89
CA ALA D 73 -2.42 -11.36 -9.82
C ALA D 73 -1.46 -12.03 -10.81
N ALA D 74 -0.49 -11.24 -11.26
CA ALA D 74 0.56 -11.73 -12.15
C ALA D 74 1.49 -12.72 -11.45
N ASN D 75 2.33 -13.39 -12.24
CA ASN D 75 3.38 -14.25 -11.72
C ASN D 75 2.90 -15.38 -10.81
N GLY D 76 1.80 -16.03 -11.21
CA GLY D 76 1.33 -17.20 -10.51
C GLY D 76 0.10 -17.02 -9.65
N GLY D 77 -0.52 -15.83 -9.69
CA GLY D 77 -1.73 -15.62 -8.94
C GLY D 77 -2.88 -16.45 -9.48
N THR D 78 -3.79 -16.84 -8.60
CA THR D 78 -4.98 -17.58 -9.00
C THR D 78 -6.28 -16.94 -8.51
N GLN D 79 -7.37 -17.33 -9.14
CA GLN D 79 -8.71 -17.15 -8.58
C GLN D 79 -9.46 -18.42 -8.95
N SER D 80 -10.45 -18.77 -8.13
CA SER D 80 -11.23 -20.00 -8.32
C SER D 80 -12.72 -19.75 -8.12
N PHE D 81 -13.53 -20.49 -8.86
CA PHE D 81 -14.96 -20.49 -8.65
C PHE D 81 -15.45 -21.92 -8.83
N GLY D 82 -16.74 -22.15 -8.59
CA GLY D 82 -17.29 -23.48 -8.68
C GLY D 82 -18.75 -23.43 -9.07
N PHE D 83 -19.28 -24.58 -9.51
CA PHE D 83 -20.66 -24.66 -9.93
C PHE D 83 -21.12 -26.11 -10.04
N ASN D 84 -22.43 -26.31 -10.00
CA ASN D 84 -23.02 -27.64 -10.19
C ASN D 84 -23.62 -27.74 -11.57
N ILE D 85 -23.58 -28.94 -12.13
CA ILE D 85 -24.25 -29.20 -13.40
C ILE D 85 -25.11 -30.44 -13.28
N ASN D 86 -26.12 -30.53 -14.15
CA ASN D 86 -26.76 -31.79 -14.49
C ASN D 86 -26.16 -32.25 -15.81
N TYR D 87 -26.00 -33.56 -15.97
CA TYR D 87 -25.47 -34.08 -17.23
C TYR D 87 -26.00 -35.46 -17.57
N SER D 88 -25.89 -35.82 -18.84
CA SER D 88 -26.11 -37.18 -19.29
C SER D 88 -24.90 -37.57 -20.13
N GLY D 89 -24.71 -38.87 -20.34
CA GLY D 89 -23.54 -39.35 -21.04
C GLY D 89 -22.32 -39.40 -20.13
N VAL D 90 -21.14 -39.42 -20.75
CA VAL D 90 -19.87 -39.40 -20.04
C VAL D 90 -19.64 -38.00 -19.47
N LEU D 91 -18.96 -37.90 -18.34
CA LEU D 91 -18.71 -36.60 -17.73
C LEU D 91 -17.46 -35.96 -18.35
N SER D 92 -17.63 -35.33 -19.51
CA SER D 92 -16.48 -34.78 -20.22
C SER D 92 -16.22 -33.33 -19.84
N LYS D 93 -15.03 -32.83 -20.16
CA LYS D 93 -14.62 -31.48 -19.77
C LYS D 93 -14.43 -30.62 -21.01
N PRO D 94 -14.51 -29.30 -20.85
CA PRO D 94 -14.24 -28.40 -21.97
C PRO D 94 -12.81 -28.61 -22.48
N THR D 95 -12.59 -28.34 -23.77
CA THR D 95 -11.28 -28.56 -24.36
C THR D 95 -10.46 -27.27 -24.49
N GLY D 96 -11.10 -26.13 -24.22
CA GLY D 96 -10.38 -24.86 -24.22
C GLY D 96 -11.12 -23.76 -23.46
N PHE D 97 -10.40 -22.68 -23.15
CA PHE D 97 -10.97 -21.55 -22.42
C PHE D 97 -10.29 -20.27 -22.89
N THR D 98 -11.00 -19.16 -22.83
CA THR D 98 -10.41 -17.84 -23.07
CA THR D 98 -10.36 -17.86 -23.04
C THR D 98 -10.65 -16.93 -21.86
N VAL D 99 -9.61 -16.20 -21.44
CA VAL D 99 -9.73 -15.26 -20.32
C VAL D 99 -9.51 -13.86 -20.87
N ASN D 100 -10.51 -13.00 -20.75
CA ASN D 100 -10.39 -11.67 -21.32
C ASN D 100 -9.74 -11.69 -22.70
N GLY D 101 -10.15 -12.63 -23.54
CA GLY D 101 -9.69 -12.69 -24.93
C GLY D 101 -8.44 -13.52 -25.18
N THR D 102 -7.77 -13.92 -24.11
CA THR D 102 -6.54 -14.68 -24.22
C THR D 102 -6.77 -16.20 -24.11
N GLU D 103 -6.29 -16.96 -25.09
CA GLU D 103 -6.44 -18.43 -25.07
C GLU D 103 -5.65 -19.05 -23.92
N CYS D 104 -6.27 -19.96 -23.17
CA CYS D 104 -5.62 -20.58 -22.02
C CYS D 104 -5.08 -21.96 -22.34
N THR D 105 -4.08 -22.39 -21.57
CA THR D 105 -3.63 -23.76 -21.57
C THR D 105 -4.51 -24.53 -20.60
N VAL D 106 -5.03 -25.68 -21.01
CA VAL D 106 -5.81 -26.48 -20.06
C VAL D 106 -4.87 -27.43 -19.33
N LYS D 107 -4.80 -27.27 -18.01
CA LYS D 107 -3.93 -28.12 -17.18
C LYS D 107 -4.73 -29.19 -16.44
N THR E 5 -18.40 16.29 28.80
CA THR E 5 -18.41 17.08 27.57
C THR E 5 -18.80 16.23 26.36
N GLY E 6 -18.28 16.58 25.18
CA GLY E 6 -18.65 15.90 23.96
C GLY E 6 -17.54 15.02 23.40
N VAL E 7 -17.76 14.53 22.19
CA VAL E 7 -16.80 13.66 21.53
C VAL E 7 -16.27 14.33 20.28
N ARG E 8 -15.01 14.74 20.33
CA ARG E 8 -14.38 15.39 19.19
C ARG E 8 -14.12 14.39 18.10
N ASP E 9 -14.03 14.87 16.87
CA ASP E 9 -13.56 14.07 15.77
C ASP E 9 -12.13 14.49 15.42
N VAL E 10 -11.15 13.86 16.08
CA VAL E 10 -9.75 14.12 15.79
C VAL E 10 -9.04 12.81 15.49
N PRO E 11 -7.83 12.90 14.91
CA PRO E 11 -7.10 11.64 14.68
C PRO E 11 -6.90 10.85 15.98
N ALA E 12 -7.13 9.55 15.94
CA ALA E 12 -6.88 8.71 17.12
C ALA E 12 -5.47 8.96 17.66
N GLN E 13 -4.50 9.28 16.80
CA GLN E 13 -3.14 9.56 17.29
C GLN E 13 -3.15 10.78 18.22
N GLN E 14 -3.99 11.77 17.92
CA GLN E 14 -4.07 12.96 18.78
C GLN E 14 -4.62 12.60 20.15
N ILE E 15 -5.66 11.77 20.16
CA ILE E 15 -6.17 11.26 21.42
C ILE E 15 -5.03 10.61 22.21
N VAL E 16 -4.26 9.75 21.55
CA VAL E 16 -3.22 9.02 22.25
C VAL E 16 -2.14 9.96 22.78
N ASN E 17 -1.80 10.98 21.98
CA ASN E 17 -0.85 11.99 22.42
C ASN E 17 -1.35 12.71 23.67
N GLU E 18 -2.64 12.98 23.71
CA GLU E 18 -3.23 13.71 24.83
C GLU E 18 -3.32 12.85 26.09
N MET E 19 -3.57 11.55 25.90
CA MET E 19 -3.55 10.62 27.02
C MET E 19 -2.17 10.68 27.67
N LYS E 20 -1.14 10.79 26.83
CA LYS E 20 0.21 11.17 27.26
C LYS E 20 1.02 10.11 28.02
N VAL E 21 0.55 9.79 29.22
CA VAL E 21 1.17 8.76 30.05
C VAL E 21 0.15 8.41 31.11
N GLY E 22 0.06 7.13 31.47
CA GLY E 22 -0.99 6.71 32.39
C GLY E 22 -0.56 5.85 33.57
N TRP E 23 -1.53 5.58 34.44
CA TRP E 23 -1.34 4.80 35.66
C TRP E 23 -2.55 3.87 35.83
N ASN E 24 -2.31 2.59 36.10
CA ASN E 24 -3.37 1.61 36.34
C ASN E 24 -3.78 1.54 37.81
N LEU E 25 -5.09 1.61 38.07
CA LEU E 25 -5.61 1.23 39.38
C LEU E 25 -5.68 -0.31 39.47
N GLY E 26 -4.53 -0.96 39.60
CA GLY E 26 -4.48 -2.41 39.51
C GLY E 26 -4.84 -3.15 40.78
N ASN E 27 -5.18 -4.44 40.64
CA ASN E 27 -5.63 -5.26 41.78
C ASN E 27 -6.74 -4.59 42.60
N THR E 28 -7.68 -3.96 41.92
CA THR E 28 -8.72 -3.21 42.58
C THR E 28 -10.09 -3.63 42.05
N MET E 29 -10.63 -2.89 41.10
CA MET E 29 -11.92 -3.28 40.50
C MET E 29 -11.74 -4.53 39.63
N ASP E 30 -10.48 -4.87 39.35
CA ASP E 30 -10.13 -6.10 38.64
C ASP E 30 -9.95 -7.31 39.59
N ALA E 31 -9.84 -7.04 40.89
CA ALA E 31 -9.58 -8.10 41.88
C ALA E 31 -10.76 -9.05 42.07
N ILE E 32 -10.51 -10.36 42.00
CA ILE E 32 -11.57 -11.33 42.23
C ILE E 32 -12.08 -11.21 43.66
N GLY E 33 -13.40 -11.06 43.81
CA GLY E 33 -13.99 -10.96 45.13
C GLY E 33 -14.14 -9.53 45.63
N GLY E 34 -13.86 -8.55 44.78
CA GLY E 34 -14.20 -7.18 45.11
C GLY E 34 -13.03 -6.24 45.36
N GLU E 35 -13.37 -4.96 45.43
CA GLU E 35 -12.42 -3.84 45.39
C GLU E 35 -11.27 -3.94 46.37
N THR E 36 -11.54 -4.39 47.59
CA THR E 36 -10.51 -4.47 48.63
C THR E 36 -9.98 -5.90 48.84
N ASN E 37 -10.44 -6.84 48.03
CA ASN E 37 -10.13 -8.24 48.28
C ASN E 37 -8.68 -8.65 48.01
N TRP E 38 -7.93 -7.84 47.30
CA TRP E 38 -6.53 -8.16 47.00
C TRP E 38 -5.57 -7.18 47.67
N GLY E 39 -5.98 -6.62 48.80
CA GLY E 39 -5.07 -5.88 49.65
C GLY E 39 -4.99 -4.38 49.46
N ASN E 40 -5.74 -3.85 48.49
CA ASN E 40 -5.81 -2.40 48.35
C ASN E 40 -6.97 -1.82 49.13
N PRO E 41 -6.79 -0.62 49.70
CA PRO E 41 -7.86 0.09 50.39
C PRO E 41 -8.90 0.57 49.40
N MET E 42 -10.05 0.97 49.92
CA MET E 42 -11.11 1.55 49.11
C MET E 42 -10.55 2.79 48.41
N THR E 43 -10.78 2.90 47.11
CA THR E 43 -10.25 4.01 46.31
C THR E 43 -10.91 5.33 46.69
N THR E 44 -10.12 6.41 46.70
CA THR E 44 -10.67 7.71 47.05
C THR E 44 -10.29 8.78 46.05
N HIS E 45 -11.05 9.87 46.07
CA HIS E 45 -10.80 11.00 45.19
C HIS E 45 -9.40 11.56 45.43
N ALA E 46 -8.95 11.55 46.69
CA ALA E 46 -7.63 12.08 47.03
C ALA E 46 -6.50 11.33 46.33
N MET E 47 -6.62 10.01 46.25
CA MET E 47 -5.62 9.20 45.58
C MET E 47 -5.43 9.65 44.15
N ILE E 48 -6.54 9.72 43.41
CA ILE E 48 -6.49 10.07 42.00
C ILE E 48 -5.97 11.50 41.82
N ASN E 49 -6.29 12.37 42.78
CA ASN E 49 -5.76 13.73 42.77
C ASN E 49 -4.23 13.72 42.71
N LYS E 50 -3.62 12.79 43.47
CA LYS E 50 -2.16 12.69 43.54
C LYS E 50 -1.58 12.10 42.25
N ILE E 51 -2.34 11.18 41.65
CA ILE E 51 -1.91 10.60 40.37
C ILE E 51 -1.78 11.71 39.34
N LYS E 52 -2.80 12.54 39.23
CA LYS E 52 -2.79 13.67 38.31
C LYS E 52 -1.62 14.60 38.60
N GLU E 53 -1.42 14.91 39.88
CA GLU E 53 -0.39 15.88 40.28
C GLU E 53 1.01 15.45 39.85
N ALA E 54 1.25 14.13 39.92
CA ALA E 54 2.55 13.56 39.56
C ALA E 54 2.86 13.71 38.06
N GLY E 55 1.83 13.94 37.25
CA GLY E 55 2.02 14.13 35.82
C GLY E 55 1.31 13.12 34.93
N PHE E 56 0.57 12.18 35.52
CA PHE E 56 -0.19 11.23 34.72
C PHE E 56 -1.47 11.89 34.19
N ASN E 57 -1.78 11.68 32.91
CA ASN E 57 -3.02 12.24 32.38
C ASN E 57 -4.08 11.19 32.06
N THR E 58 -3.74 9.93 32.30
CA THR E 58 -4.68 8.84 32.03
C THR E 58 -4.73 7.91 33.20
N LEU E 59 -5.94 7.54 33.60
CA LEU E 59 -6.16 6.48 34.57
C LEU E 59 -6.70 5.28 33.82
N ARG E 60 -6.00 4.16 33.83
CA ARG E 60 -6.62 2.92 33.36
C ARG E 60 -7.36 2.31 34.53
N LEU E 61 -8.63 1.99 34.31
CA LEU E 61 -9.49 1.48 35.37
C LEU E 61 -9.93 0.06 35.02
N PRO E 62 -9.08 -0.92 35.30
CA PRO E 62 -9.41 -2.30 34.93
C PRO E 62 -10.55 -2.80 35.79
N VAL E 63 -11.53 -3.44 35.17
CA VAL E 63 -12.67 -3.97 35.91
C VAL E 63 -12.90 -5.44 35.56
N THR E 64 -12.96 -6.29 36.59
CA THR E 64 -13.44 -7.65 36.41
C THR E 64 -14.93 -7.68 36.69
N TRP E 65 -15.72 -7.96 35.66
CA TRP E 65 -17.18 -7.97 35.76
C TRP E 65 -17.73 -9.35 36.16
N ASP E 66 -16.99 -10.40 35.84
CA ASP E 66 -17.32 -11.76 36.29
C ASP E 66 -17.43 -11.76 37.82
N GLY E 67 -18.56 -12.24 38.34
CA GLY E 67 -18.79 -12.21 39.77
C GLY E 67 -19.78 -11.13 40.14
N HIS E 68 -20.09 -10.25 39.19
CA HIS E 68 -20.99 -9.13 39.45
C HIS E 68 -22.13 -9.12 38.47
N MET E 69 -22.34 -10.21 37.76
CA MET E 69 -23.43 -10.25 36.81
C MET E 69 -24.30 -11.49 36.92
N GLY E 70 -25.56 -11.33 36.54
CA GLY E 70 -26.50 -12.44 36.55
C GLY E 70 -26.30 -13.41 35.40
N ALA E 71 -27.25 -14.33 35.27
CA ALA E 71 -27.23 -15.40 34.29
C ALA E 71 -27.74 -14.94 32.93
N ALA E 72 -27.54 -15.78 31.92
CA ALA E 72 -28.12 -15.53 30.59
C ALA E 72 -29.63 -15.57 30.73
N PRO E 73 -30.36 -14.88 29.84
CA PRO E 73 -29.91 -14.20 28.62
C PRO E 73 -29.42 -12.76 28.84
N GLU E 74 -29.72 -12.13 29.98
CA GLU E 74 -29.46 -10.70 30.12
C GLU E 74 -28.11 -10.37 30.76
N TYR E 75 -27.53 -11.32 31.50
CA TYR E 75 -26.26 -11.10 32.17
C TYR E 75 -26.25 -9.76 32.91
N THR E 76 -27.34 -9.49 33.63
CA THR E 76 -27.51 -8.21 34.29
C THR E 76 -26.39 -7.93 35.30
N ILE E 77 -25.71 -6.82 35.11
CA ILE E 77 -24.62 -6.41 35.99
C ILE E 77 -25.18 -5.73 37.24
N ASP E 78 -24.68 -6.10 38.41
N ASP E 78 -24.65 -6.06 38.40
CA ASP E 78 -25.14 -5.51 39.67
CA ASP E 78 -25.09 -5.46 39.66
C ASP E 78 -24.99 -3.99 39.60
C ASP E 78 -24.95 -3.94 39.64
N GLN E 79 -26.06 -3.25 39.86
CA GLN E 79 -25.98 -1.80 39.70
CA GLN E 79 -26.12 -1.78 39.80
C GLN E 79 -25.11 -1.11 40.75
N THR E 80 -24.95 -1.71 41.92
CA THR E 80 -24.05 -1.12 42.92
C THR E 80 -22.60 -1.20 42.40
N TRP E 81 -22.30 -2.29 41.71
CA TRP E 81 -20.96 -2.46 41.16
C TRP E 81 -20.74 -1.46 40.03
N MET E 82 -21.70 -1.38 39.11
CA MET E 82 -21.65 -0.44 38.01
C MET E 82 -21.47 0.97 38.55
N LYS E 83 -22.26 1.33 39.56
CA LYS E 83 -22.20 2.67 40.13
C LYS E 83 -20.83 2.98 40.74
N ARG E 84 -20.20 1.98 41.32
CA ARG E 84 -18.89 2.18 41.96
C ARG E 84 -17.81 2.46 40.91
N VAL E 85 -17.85 1.72 39.80
CA VAL E 85 -16.90 1.94 38.73
C VAL E 85 -17.06 3.39 38.24
N GLU E 86 -18.30 3.81 38.04
CA GLU E 86 -18.60 5.16 37.55
C GLU E 86 -18.10 6.20 38.54
N GLU E 87 -18.32 5.96 39.83
CA GLU E 87 -17.84 6.86 40.87
C GLU E 87 -16.33 7.08 40.78
N ILE E 88 -15.58 5.99 40.67
CA ILE E 88 -14.13 6.07 40.54
C ILE E 88 -13.70 6.78 39.25
N ALA E 89 -14.39 6.48 38.15
CA ALA E 89 -14.07 7.16 36.89
C ALA E 89 -14.17 8.67 37.08
N ASN E 90 -15.20 9.10 37.80
CA ASN E 90 -15.40 10.52 38.04
C ASN E 90 -14.31 11.21 38.88
N TYR E 91 -13.62 10.45 39.74
CA TYR E 91 -12.45 10.99 40.44
C TYR E 91 -11.44 11.50 39.42
N ALA E 92 -11.35 10.77 38.31
CA ALA E 92 -10.38 11.10 37.26
C ALA E 92 -10.91 12.20 36.34
N PHE E 93 -12.20 12.12 36.00
CA PHE E 93 -12.81 13.14 35.16
C PHE E 93 -12.69 14.51 35.84
N ASP E 94 -12.85 14.54 37.17
CA ASP E 94 -12.71 15.78 37.95
C ASP E 94 -11.32 16.38 37.78
N ASN E 95 -10.34 15.53 37.49
CA ASN E 95 -8.97 15.98 37.28
C ASN E 95 -8.66 16.20 35.79
N ASP E 96 -9.69 16.22 34.95
CA ASP E 96 -9.51 16.39 33.50
CA ASP E 96 -9.52 16.40 33.51
C ASP E 96 -8.62 15.32 32.88
N MET E 97 -8.68 14.11 33.41
CA MET E 97 -7.89 12.99 32.90
C MET E 97 -8.69 12.15 31.90
N TYR E 98 -7.96 11.35 31.11
CA TYR E 98 -8.57 10.30 30.31
C TYR E 98 -8.78 9.10 31.22
N VAL E 99 -9.83 8.34 30.95
CA VAL E 99 -10.11 7.10 31.68
C VAL E 99 -10.32 5.97 30.68
N ILE E 100 -9.68 4.83 30.94
CA ILE E 100 -9.96 3.59 30.21
C ILE E 100 -10.65 2.59 31.13
N ILE E 101 -11.83 2.13 30.71
CA ILE E 101 -12.54 1.07 31.40
C ILE E 101 -12.58 -0.15 30.48
N ASN E 102 -12.23 -1.31 31.01
CA ASN E 102 -12.17 -2.55 30.21
C ASN E 102 -13.03 -3.68 30.81
N LEU E 103 -12.93 -4.87 30.20
CA LEU E 103 -13.26 -6.11 30.89
C LEU E 103 -11.93 -6.76 31.20
N HIS E 104 -11.75 -7.23 32.43
CA HIS E 104 -10.42 -7.68 32.83
C HIS E 104 -10.29 -9.20 33.00
N HIS E 105 -10.34 -9.72 34.22
CA HIS E 105 -10.14 -11.16 34.43
C HIS E 105 -11.41 -11.95 34.15
N GLU E 106 -11.78 -12.00 32.87
CA GLU E 106 -13.00 -12.68 32.44
C GLU E 106 -12.73 -14.08 31.89
N ASN E 107 -11.57 -14.63 32.20
CA ASN E 107 -11.14 -15.87 31.56
C ASN E 107 -12.05 -17.08 31.79
N GLU E 108 -12.84 -17.08 32.86
CA GLU E 108 -13.73 -18.21 33.12
C GLU E 108 -14.89 -18.31 32.12
N TRP E 109 -15.22 -17.20 31.46
CA TRP E 109 -16.27 -17.25 30.44
C TRP E 109 -15.77 -16.85 29.05
N LEU E 110 -14.74 -16.02 29.01
CA LEU E 110 -14.31 -15.49 27.74
C LEU E 110 -13.21 -16.37 27.16
N LYS E 111 -13.60 -17.32 26.32
CA LYS E 111 -12.68 -18.32 25.80
C LYS E 111 -12.60 -18.27 24.27
N PRO E 112 -11.40 -18.08 23.72
CA PRO E 112 -11.20 -17.83 22.28
C PRO E 112 -11.11 -19.10 21.44
N PHE E 113 -12.16 -19.94 21.46
CA PHE E 113 -12.19 -21.15 20.65
C PHE E 113 -13.50 -21.17 19.89
N TYR E 114 -13.51 -21.84 18.74
CA TYR E 114 -14.73 -21.92 17.94
C TYR E 114 -15.89 -22.50 18.76
N ALA E 115 -15.57 -23.45 19.63
CA ALA E 115 -16.63 -24.14 20.38
C ALA E 115 -17.36 -23.23 21.35
N ASN E 116 -16.70 -22.18 21.82
CA ASN E 116 -17.28 -21.29 22.81
C ASN E 116 -17.87 -20.03 22.20
N GLU E 117 -17.58 -19.80 20.93
CA GLU E 117 -17.82 -18.51 20.29
C GLU E 117 -19.25 -17.99 20.38
N ALA E 118 -20.24 -18.86 20.18
CA ALA E 118 -21.63 -18.41 20.21
C ALA E 118 -22.05 -17.91 21.61
N GLN E 119 -21.73 -18.68 22.65
CA GLN E 119 -22.01 -18.28 24.04
C GLN E 119 -21.28 -16.99 24.40
N VAL E 120 -19.98 -16.97 24.18
CA VAL E 120 -19.15 -15.83 24.55
C VAL E 120 -19.64 -14.56 23.88
N LYS E 121 -19.95 -14.66 22.58
CA LYS E 121 -20.46 -13.50 21.86
C LYS E 121 -21.76 -12.98 22.45
N ALA E 122 -22.65 -13.89 22.82
CA ALA E 122 -23.94 -13.50 23.39
C ALA E 122 -23.72 -12.72 24.68
N GLN E 123 -22.87 -13.24 25.55
CA GLN E 123 -22.57 -12.58 26.81
C GLN E 123 -21.79 -11.27 26.59
N LEU E 124 -20.81 -11.28 25.68
CA LEU E 124 -20.03 -10.08 25.38
C LEU E 124 -20.95 -8.96 24.95
N THR E 125 -21.90 -9.28 24.08
CA THR E 125 -22.85 -8.29 23.59
C THR E 125 -23.67 -7.69 24.74
N LYS E 126 -24.16 -8.55 25.63
CA LYS E 126 -24.98 -8.07 26.76
C LYS E 126 -24.18 -7.21 27.73
N VAL E 127 -22.96 -7.63 28.01
CA VAL E 127 -22.09 -6.93 28.94
C VAL E 127 -21.72 -5.53 28.43
N TRP E 128 -21.35 -5.44 27.15
CA TRP E 128 -20.94 -4.14 26.59
C TRP E 128 -22.08 -3.19 26.33
N THR E 129 -23.26 -3.73 26.01
CA THR E 129 -24.45 -2.91 25.85
C THR E 129 -24.72 -2.19 27.17
N GLN E 130 -24.66 -2.94 28.28
CA GLN E 130 -24.88 -2.38 29.62
C GLN E 130 -23.82 -1.34 30.03
N ILE E 131 -22.55 -1.67 29.83
CA ILE E 131 -21.50 -0.75 30.24
C ILE E 131 -21.61 0.49 29.36
N ALA E 132 -21.75 0.28 28.06
CA ALA E 132 -21.89 1.41 27.14
C ALA E 132 -23.08 2.31 27.48
N ASN E 133 -24.23 1.71 27.77
CA ASN E 133 -25.41 2.49 28.15
C ASN E 133 -25.20 3.28 29.45
N ASN E 134 -24.56 2.66 30.43
CA ASN E 134 -24.31 3.37 31.67
C ASN E 134 -23.38 4.56 31.47
N PHE E 135 -22.39 4.40 30.61
CA PHE E 135 -21.34 5.41 30.45
C PHE E 135 -21.50 6.31 29.22
N LYS E 136 -22.63 6.19 28.55
CA LYS E 136 -22.85 6.89 27.28
C LYS E 136 -22.63 8.39 27.40
N LYS E 137 -23.01 8.94 28.55
CA LYS E 137 -23.07 10.39 28.69
C LYS E 137 -21.68 11.05 28.68
N TYR E 138 -20.63 10.25 28.91
CA TYR E 138 -19.30 10.83 29.03
C TYR E 138 -18.67 11.07 27.66
N GLY E 139 -17.88 12.14 27.54
CA GLY E 139 -17.25 12.50 26.28
C GLY E 139 -16.01 11.69 25.93
N ASP E 140 -15.16 12.24 25.06
CA ASP E 140 -14.08 11.46 24.46
C ASP E 140 -12.91 11.20 25.40
N HIS E 141 -12.96 11.77 26.60
CA HIS E 141 -11.98 11.41 27.63
C HIS E 141 -12.31 10.06 28.28
N LEU E 142 -13.46 9.48 27.97
CA LEU E 142 -13.70 8.09 28.38
C LEU E 142 -13.51 7.17 27.19
N ILE E 143 -12.57 6.23 27.34
CA ILE E 143 -12.26 5.24 26.29
C ILE E 143 -12.62 3.85 26.80
N PHE E 144 -13.29 3.06 25.96
CA PHE E 144 -13.59 1.66 26.29
C PHE E 144 -12.50 0.75 25.73
N GLU E 145 -12.05 -0.19 26.55
CA GLU E 145 -11.10 -1.22 26.10
C GLU E 145 -11.87 -2.55 26.10
N THR E 146 -12.02 -3.15 24.92
CA THR E 146 -13.01 -4.22 24.72
C THR E 146 -12.73 -5.49 25.55
N MET E 147 -11.45 -5.84 25.67
CA MET E 147 -11.02 -7.00 26.44
C MET E 147 -9.61 -6.75 26.94
N ASN E 148 -9.17 -7.55 27.91
CA ASN E 148 -7.84 -7.37 28.49
C ASN E 148 -6.76 -8.21 27.78
N GLU E 149 -6.59 -9.45 28.22
CA GLU E 149 -5.61 -10.34 27.62
C GLU E 149 -6.24 -11.67 27.13
N PRO E 150 -7.17 -11.57 26.17
CA PRO E 150 -7.85 -12.79 25.75
C PRO E 150 -6.86 -13.79 25.15
N ARG E 151 -6.91 -15.03 25.64
CA ARG E 151 -5.93 -16.06 25.23
C ARG E 151 -6.42 -17.45 25.66
N PRO E 152 -5.88 -18.51 25.04
CA PRO E 152 -6.21 -19.88 25.46
C PRO E 152 -5.64 -20.12 26.86
N VAL E 153 -6.37 -20.80 27.72
CA VAL E 153 -5.90 -21.06 29.07
C VAL E 153 -4.79 -22.13 29.06
N GLY E 154 -3.96 -22.14 30.09
CA GLY E 154 -2.90 -23.11 30.17
C GLY E 154 -1.56 -22.43 30.33
N ALA E 155 -0.79 -22.83 31.34
CA ALA E 155 0.44 -22.14 31.68
C ALA E 155 1.47 -22.23 30.56
N SER E 156 1.51 -23.37 29.86
CA SER E 156 2.48 -23.57 28.79
C SER E 156 2.23 -22.64 27.58
N LEU E 157 1.03 -22.07 27.52
CA LEU E 157 0.64 -21.23 26.38
C LEU E 157 0.71 -19.76 26.74
N GLN E 158 1.08 -19.46 27.99
CA GLN E 158 0.99 -18.11 28.53
C GLN E 158 1.73 -17.05 27.70
N TRP E 159 2.91 -17.39 27.21
CA TRP E 159 3.73 -16.45 26.44
C TRP E 159 3.83 -16.83 24.97
N THR E 160 2.77 -17.45 24.45
CA THR E 160 2.71 -17.85 23.06
C THR E 160 1.71 -16.99 22.32
N GLY E 161 1.73 -17.06 20.99
CA GLY E 161 0.74 -16.32 20.20
C GLY E 161 -0.54 -17.10 19.96
N GLY E 162 -0.73 -18.18 20.71
CA GLY E 162 -1.92 -18.99 20.53
C GLY E 162 -1.94 -19.66 19.17
N SER E 163 -3.07 -20.26 18.81
CA SER E 163 -3.24 -20.86 17.49
C SER E 163 -3.97 -19.89 16.57
N TYR E 164 -4.02 -20.22 15.28
CA TYR E 164 -4.77 -19.40 14.33
C TYR E 164 -6.23 -19.29 14.80
N GLU E 165 -6.78 -20.42 15.23
CA GLU E 165 -8.14 -20.43 15.77
C GLU E 165 -8.30 -19.35 16.83
N ASN E 166 -7.39 -19.34 17.80
CA ASN E 166 -7.44 -18.39 18.91
C ASN E 166 -7.41 -16.94 18.43
N ARG E 167 -6.53 -16.64 17.48
CA ARG E 167 -6.38 -15.27 17.01
C ARG E 167 -7.59 -14.84 16.19
N GLU E 168 -8.11 -15.76 15.38
CA GLU E 168 -9.35 -15.51 14.62
C GLU E 168 -10.51 -15.19 15.55
N VAL E 169 -10.66 -16.01 16.59
CA VAL E 169 -11.78 -15.82 17.50
C VAL E 169 -11.63 -14.54 18.35
N VAL E 170 -10.41 -14.23 18.79
CA VAL E 170 -10.16 -12.93 19.42
C VAL E 170 -10.62 -11.78 18.51
N ASN E 171 -10.29 -11.87 17.21
CA ASN E 171 -10.74 -10.85 16.26
C ASN E 171 -12.26 -10.79 16.15
N ARG E 172 -12.90 -11.95 16.20
CA ARG E 172 -14.36 -12.01 16.15
C ARG E 172 -14.96 -11.37 17.41
N TYR E 173 -14.37 -11.64 18.56
CA TYR E 173 -14.85 -11.04 19.81
C TYR E 173 -14.70 -9.52 19.81
N ASN E 174 -13.58 -9.02 19.28
CA ASN E 174 -13.39 -7.58 19.22
C ASN E 174 -14.44 -6.90 18.35
N LEU E 175 -14.79 -7.54 17.24
CA LEU E 175 -15.84 -7.04 16.38
C LEU E 175 -17.16 -7.01 17.13
N THR E 176 -17.49 -8.13 17.77
CA THR E 176 -18.70 -8.23 18.57
C THR E 176 -18.79 -7.10 19.61
N ALA E 177 -17.69 -6.86 20.32
CA ALA E 177 -17.64 -5.85 21.37
C ALA E 177 -17.78 -4.43 20.81
N VAL E 178 -16.98 -4.09 19.80
CA VAL E 178 -17.10 -2.78 19.15
C VAL E 178 -18.53 -2.55 18.62
N ASN E 179 -19.12 -3.54 17.95
CA ASN E 179 -20.49 -3.37 17.45
C ASN E 179 -21.50 -3.13 18.58
N ALA E 180 -21.30 -3.84 19.69
CA ALA E 180 -22.23 -3.73 20.81
C ALA E 180 -22.22 -2.31 21.37
N ILE E 181 -21.03 -1.77 21.56
CA ILE E 181 -20.85 -0.37 21.97
C ILE E 181 -21.45 0.61 20.97
N ARG E 182 -21.10 0.45 19.70
CA ARG E 182 -21.56 1.37 18.66
C ARG E 182 -23.08 1.39 18.53
N ALA E 183 -23.70 0.24 18.73
CA ALA E 183 -25.14 0.10 18.54
C ALA E 183 -25.98 0.86 19.57
N THR E 184 -25.38 1.23 20.70
CA THR E 184 -26.10 2.06 21.67
C THR E 184 -26.21 3.51 21.21
N GLY E 185 -25.44 3.88 20.19
CA GLY E 185 -25.59 5.18 19.56
C GLY E 185 -25.11 6.34 20.42
N GLY E 186 -25.56 7.54 20.09
CA GLY E 186 -25.10 8.74 20.79
C GLY E 186 -23.59 8.86 20.81
N ASN E 187 -23.04 9.31 21.94
CA ASN E 187 -21.59 9.40 22.11
C ASN E 187 -20.87 8.08 21.82
N ASN E 188 -21.54 6.97 22.06
CA ASN E 188 -20.94 5.65 21.82
C ASN E 188 -20.77 5.31 20.34
N ALA E 189 -21.40 6.09 19.46
CA ALA E 189 -21.19 5.91 18.02
C ALA E 189 -19.83 6.44 17.59
N THR E 190 -19.30 7.41 18.32
CA THR E 190 -18.06 8.08 17.93
C THR E 190 -16.95 7.99 18.96
N ARG E 191 -17.20 7.30 20.09
CA ARG E 191 -16.20 7.18 21.14
C ARG E 191 -14.96 6.43 20.61
N TYR E 192 -13.79 6.74 21.15
CA TYR E 192 -12.58 6.00 20.84
C TYR E 192 -12.55 4.71 21.65
N ILE E 193 -12.10 3.64 21.03
CA ILE E 193 -12.15 2.30 21.62
C ILE E 193 -10.81 1.57 21.44
N MET E 194 -10.29 1.02 22.52
CA MET E 194 -9.09 0.17 22.43
C MET E 194 -9.45 -1.30 22.21
N VAL E 195 -8.72 -1.97 21.32
CA VAL E 195 -8.86 -3.42 21.18
C VAL E 195 -7.50 -4.10 21.29
N PRO E 196 -7.45 -5.22 22.03
CA PRO E 196 -6.20 -5.95 22.20
C PRO E 196 -5.94 -6.99 21.11
N THR E 197 -4.66 -7.23 20.86
CA THR E 197 -4.24 -8.45 20.17
C THR E 197 -4.47 -9.61 21.12
N LEU E 198 -4.28 -10.82 20.62
CA LEU E 198 -4.33 -11.97 21.51
C LEU E 198 -3.29 -11.81 22.64
N ALA E 199 -3.74 -12.00 23.88
CA ALA E 199 -2.94 -11.80 25.09
C ALA E 199 -2.41 -10.37 25.24
N ALA E 200 -2.95 -9.45 24.43
CA ALA E 200 -2.39 -8.09 24.32
C ALA E 200 -0.89 -8.12 24.04
N SER E 201 -0.44 -9.18 23.37
CA SER E 201 0.96 -9.34 23.02
C SER E 201 1.39 -8.48 21.85
N ALA E 202 2.62 -7.97 21.93
CA ALA E 202 3.20 -7.18 20.85
C ALA E 202 4.03 -8.03 19.90
N MET E 203 4.07 -9.35 20.12
CA MET E 203 4.90 -10.22 19.27
C MET E 203 4.37 -10.16 17.84
N SER E 204 5.23 -10.46 16.87
CA SER E 204 4.86 -10.41 15.47
C SER E 204 3.59 -11.18 15.16
N THR E 205 3.53 -12.41 15.66
CA THR E 205 2.42 -13.28 15.36
C THR E 205 1.10 -12.60 15.67
N THR E 206 1.01 -11.98 16.85
CA THR E 206 -0.26 -11.45 17.29
C THR E 206 -0.56 -10.08 16.66
N ILE E 207 0.45 -9.22 16.55
CA ILE E 207 0.22 -7.92 15.91
C ILE E 207 -0.10 -8.08 14.41
N ASN E 208 0.55 -9.04 13.74
CA ASN E 208 0.29 -9.29 12.32
C ASN E 208 -1.11 -9.85 12.03
N ASP E 209 -1.71 -10.59 12.96
CA ASP E 209 -3.05 -11.17 12.75
C ASP E 209 -4.19 -10.36 13.35
N LEU E 210 -3.89 -9.21 13.95
CA LEU E 210 -4.96 -8.35 14.47
C LEU E 210 -5.80 -7.81 13.31
N VAL E 211 -7.12 -7.89 13.43
CA VAL E 211 -8.03 -7.24 12.49
C VAL E 211 -8.87 -6.15 13.19
N ILE E 212 -8.72 -4.91 12.74
CA ILE E 212 -9.51 -3.80 13.29
C ILE E 212 -10.98 -3.94 12.89
N PRO E 213 -11.89 -4.05 13.88
CA PRO E 213 -13.33 -4.14 13.58
C PRO E 213 -13.82 -3.07 12.62
N ASN E 214 -14.38 -3.47 11.49
CA ASN E 214 -14.90 -2.55 10.47
C ASN E 214 -13.89 -1.52 9.92
N ASN E 215 -12.59 -1.74 10.14
CA ASN E 215 -11.57 -0.74 9.84
C ASN E 215 -11.83 0.61 10.51
N ASP E 216 -12.65 0.58 11.55
CA ASP E 216 -13.04 1.75 12.33
C ASP E 216 -11.84 2.65 12.65
N SER E 217 -11.87 3.90 12.17
CA SER E 217 -10.73 4.80 12.40
C SER E 217 -10.65 5.32 13.85
N LYS E 218 -11.69 5.06 14.65
CA LYS E 218 -11.69 5.45 16.05
C LYS E 218 -11.17 4.36 16.97
N VAL E 219 -10.66 3.29 16.37
CA VAL E 219 -10.09 2.18 17.13
C VAL E 219 -8.57 2.36 17.34
N ILE E 220 -8.16 2.15 18.58
CA ILE E 220 -6.78 2.21 19.02
C ILE E 220 -6.35 0.80 19.45
N VAL E 221 -5.11 0.42 19.15
CA VAL E 221 -4.60 -0.89 19.55
C VAL E 221 -4.14 -0.91 21.02
N SER E 222 -4.50 -1.96 21.74
CA SER E 222 -4.04 -2.13 23.11
C SER E 222 -2.96 -3.21 23.21
N LEU E 223 -1.75 -2.82 23.62
CA LEU E 223 -0.67 -3.79 23.84
C LEU E 223 -0.15 -3.69 25.28
N HIS E 224 0.25 -4.83 25.84
CA HIS E 224 0.90 -4.84 27.15
C HIS E 224 2.34 -5.26 26.96
N MET E 225 3.29 -4.41 27.36
CA MET E 225 4.68 -4.70 27.07
C MET E 225 5.58 -4.51 28.29
N TYR E 226 5.63 -5.53 29.14
CA TYR E 226 6.50 -5.52 30.31
C TYR E 226 7.92 -5.87 29.91
N SER E 227 8.55 -5.00 29.12
CA SER E 227 9.83 -5.30 28.48
C SER E 227 11.00 -4.54 29.11
N PRO E 228 12.19 -5.18 29.14
CA PRO E 228 12.44 -6.56 28.72
C PRO E 228 12.01 -7.52 29.83
N TYR E 229 11.46 -8.68 29.46
CA TYR E 229 10.89 -9.61 30.43
C TYR E 229 11.75 -9.91 31.66
N PHE E 230 13.02 -10.26 31.46
CA PHE E 230 13.84 -10.73 32.58
C PHE E 230 14.08 -9.66 33.63
N PHE E 231 14.38 -8.44 33.19
CA PHE E 231 14.58 -7.34 34.13
C PHE E 231 13.26 -6.94 34.79
N ALA E 232 12.25 -6.70 33.96
CA ALA E 232 11.02 -6.05 34.41
C ALA E 232 10.12 -6.95 35.27
N MET E 233 10.02 -8.22 34.92
CA MET E 233 9.00 -9.08 35.49
C MET E 233 9.52 -10.28 36.27
N ASP E 234 10.65 -10.83 35.84
CA ASP E 234 11.13 -12.10 36.39
C ASP E 234 11.90 -11.87 37.69
N ILE E 235 11.33 -12.33 38.79
CA ILE E 235 11.98 -12.22 40.10
C ILE E 235 13.40 -12.81 40.08
N ASN E 236 13.62 -13.83 39.25
CA ASN E 236 14.93 -14.47 39.16
C ASN E 236 15.81 -13.93 38.04
N GLY E 237 15.31 -12.89 37.36
CA GLY E 237 16.04 -12.30 36.25
C GLY E 237 16.98 -11.19 36.68
N THR E 238 17.77 -10.69 35.75
CA THR E 238 18.76 -9.68 36.05
C THR E 238 18.14 -8.48 36.77
N SER E 239 18.94 -7.83 37.60
CA SER E 239 18.51 -6.65 38.34
C SER E 239 19.08 -5.39 37.70
N SER E 240 19.82 -5.59 36.62
CA SER E 240 20.47 -4.48 35.93
C SER E 240 19.82 -4.16 34.58
N TRP E 241 19.79 -2.87 34.24
CA TRP E 241 19.33 -2.45 32.93
C TRP E 241 20.05 -1.18 32.51
N GLY E 242 20.44 -1.08 31.25
CA GLY E 242 21.02 0.14 30.74
C GLY E 242 22.14 0.05 29.72
N SER E 243 22.55 -1.17 29.37
CA SER E 243 23.57 -1.33 28.32
C SER E 243 23.07 -0.88 26.95
N ASP E 244 23.99 -0.72 26.01
CA ASP E 244 23.64 -0.41 24.63
C ASP E 244 22.73 -1.50 24.06
N TYR E 245 22.97 -2.74 24.45
CA TYR E 245 22.13 -3.84 24.00
C TYR E 245 20.71 -3.69 24.56
N ASP E 246 20.61 -3.39 25.84
CA ASP E 246 19.32 -3.14 26.48
C ASP E 246 18.53 -2.07 25.73
N LYS E 247 19.17 -0.95 25.43
CA LYS E 247 18.50 0.17 24.79
C LYS E 247 18.04 -0.18 23.37
N SER E 248 18.95 -0.77 22.61
CA SER E 248 18.67 -1.16 21.23
C SER E 248 17.53 -2.16 21.19
N SER E 249 17.53 -3.08 22.14
CA SER E 249 16.56 -4.15 22.13
C SER E 249 15.16 -3.61 22.48
N LEU E 250 15.09 -2.68 23.42
CA LEU E 250 13.82 -2.05 23.72
C LEU E 250 13.33 -1.19 22.54
N ASP E 251 14.23 -0.42 21.95
CA ASP E 251 13.91 0.37 20.76
C ASP E 251 13.24 -0.51 19.71
N SER E 252 13.80 -1.70 19.51
CA SER E 252 13.37 -2.59 18.43
C SER E 252 12.00 -3.21 18.69
N GLU E 253 11.68 -3.46 19.95
CA GLU E 253 10.32 -3.88 20.32
C GLU E 253 9.31 -2.79 19.94
N PHE E 254 9.61 -1.53 20.25
CA PHE E 254 8.74 -0.44 19.88
C PHE E 254 8.73 -0.21 18.36
N ASP E 255 9.88 -0.38 17.73
CA ASP E 255 9.97 -0.27 16.26
C ASP E 255 9.01 -1.23 15.56
N ALA E 256 8.79 -2.41 16.12
CA ALA E 256 7.83 -3.34 15.50
C ALA E 256 6.41 -2.77 15.52
N VAL E 257 6.06 -2.13 16.62
CA VAL E 257 4.73 -1.53 16.81
C VAL E 257 4.57 -0.27 15.92
N TYR E 258 5.62 0.56 15.89
CA TYR E 258 5.65 1.74 15.02
C TYR E 258 5.43 1.38 13.56
N ASN E 259 6.15 0.37 13.08
CA ASN E 259 6.10 0.04 11.66
C ASN E 259 4.80 -0.65 11.25
N LYS E 260 4.24 -1.46 12.13
CA LYS E 260 2.99 -2.14 11.85
CA LYS E 260 2.99 -2.14 11.86
C LYS E 260 1.79 -1.20 11.99
N PHE E 261 1.77 -0.42 13.05
CA PHE E 261 0.59 0.42 13.34
C PHE E 261 0.78 1.93 13.17
N VAL E 262 1.62 2.52 14.02
CA VAL E 262 1.65 3.98 14.16
C VAL E 262 1.95 4.70 12.84
N LYS E 263 2.95 4.18 12.13
CA LYS E 263 3.43 4.71 10.86
C LYS E 263 2.30 4.76 9.84
N ASN E 264 1.33 3.87 10.01
CA ASN E 264 0.23 3.74 9.07
C ASN E 264 -1.04 4.44 9.57
N GLY E 265 -0.89 5.26 10.61
CA GLY E 265 -2.02 6.01 11.14
C GLY E 265 -2.91 5.27 12.13
N ARG E 266 -2.51 4.05 12.52
CA ARG E 266 -3.22 3.31 13.55
C ARG E 266 -2.54 3.54 14.91
N ALA E 267 -3.24 4.22 15.81
CA ALA E 267 -2.70 4.60 17.11
C ALA E 267 -2.63 3.40 18.08
N VAL E 268 -1.69 3.49 19.02
CA VAL E 268 -1.40 2.39 19.92
C VAL E 268 -1.17 2.87 21.34
N VAL E 269 -1.83 2.23 22.30
CA VAL E 269 -1.58 2.50 23.71
C VAL E 269 -0.98 1.26 24.39
N ILE E 270 0.16 1.42 25.05
CA ILE E 270 0.73 0.37 25.88
C ILE E 270 0.03 0.40 27.24
N GLY E 271 -1.06 -0.35 27.34
CA GLY E 271 -1.95 -0.30 28.48
C GLY E 271 -1.37 -0.78 29.78
N GLU E 272 -0.34 -1.62 29.71
CA GLU E 272 0.36 -2.09 30.90
C GLU E 272 1.84 -2.23 30.63
N MET E 273 2.64 -1.85 31.62
CA MET E 273 4.09 -2.05 31.59
C MET E 273 4.63 -1.74 32.98
N GLY E 274 5.93 -1.88 33.17
CA GLY E 274 6.53 -1.58 34.46
C GLY E 274 7.59 -2.57 34.88
N SER E 275 8.19 -2.34 36.05
CA SER E 275 9.21 -3.24 36.58
C SER E 275 8.93 -3.54 38.06
N ILE E 276 9.28 -4.74 38.49
CA ILE E 276 9.08 -5.12 39.88
C ILE E 276 10.24 -4.61 40.73
N ASN E 277 10.14 -4.77 42.04
CA ASN E 277 11.13 -4.20 42.95
C ASN E 277 12.19 -5.24 43.33
N LYS E 278 13.37 -5.11 42.76
CA LYS E 278 14.47 -6.03 43.06
C LYS E 278 15.55 -5.29 43.83
N ASN E 279 15.11 -4.42 44.73
CA ASN E 279 16.05 -3.55 45.45
C ASN E 279 17.06 -2.92 44.51
N ASN E 280 16.56 -2.50 43.34
CA ASN E 280 17.41 -2.03 42.26
C ASN E 280 16.91 -0.69 41.73
N THR E 281 16.82 0.29 42.60
CA THR E 281 16.21 1.57 42.27
C THR E 281 16.88 2.31 41.11
N ALA E 282 18.20 2.46 41.16
CA ALA E 282 18.94 3.14 40.10
C ALA E 282 18.69 2.50 38.74
N ALA E 283 18.62 1.18 38.69
CA ALA E 283 18.41 0.48 37.43
C ALA E 283 16.98 0.69 36.93
N ARG E 284 16.02 0.62 37.85
CA ARG E 284 14.62 0.85 37.51
C ARG E 284 14.40 2.29 37.05
N VAL E 285 15.19 3.22 37.59
CA VAL E 285 15.13 4.62 37.20
C VAL E 285 15.61 4.79 35.76
N THR E 286 16.76 4.19 35.46
CA THR E 286 17.28 4.22 34.09
C THR E 286 16.30 3.58 33.10
N HIS E 287 15.79 2.40 33.45
CA HIS E 287 14.80 1.71 32.63
C HIS E 287 13.54 2.54 32.41
N ALA E 288 12.96 3.07 33.48
CA ALA E 288 11.70 3.80 33.40
C ALA E 288 11.80 5.04 32.49
N GLU E 289 12.88 5.80 32.66
CA GLU E 289 13.08 7.00 31.86
C GLU E 289 13.33 6.66 30.40
N TYR E 290 14.20 5.69 30.14
CA TYR E 290 14.45 5.27 28.76
C TYR E 290 13.21 4.66 28.10
N TYR E 291 12.49 3.82 28.84
CA TYR E 291 11.24 3.23 28.33
C TYR E 291 10.26 4.33 27.87
N ALA E 292 10.04 5.32 28.75
CA ALA E 292 9.12 6.41 28.43
C ALA E 292 9.55 7.20 27.18
N LYS E 293 10.82 7.54 27.07
CA LYS E 293 11.20 8.36 25.90
C LYS E 293 11.30 7.57 24.59
N SER E 294 11.75 6.33 24.68
CA SER E 294 11.78 5.44 23.51
C SER E 294 10.37 5.18 22.99
N ALA E 295 9.45 4.83 23.89
CA ALA E 295 8.03 4.61 23.53
C ALA E 295 7.41 5.85 22.88
N LYS E 296 7.62 7.00 23.50
CA LYS E 296 7.06 8.26 23.03
C LYS E 296 7.62 8.64 21.65
N ALA E 297 8.86 8.27 21.38
CA ALA E 297 9.45 8.57 20.09
C ALA E 297 8.85 7.72 18.96
N ARG E 298 8.07 6.70 19.33
CA ARG E 298 7.34 5.88 18.37
C ARG E 298 5.84 6.12 18.47
N GLY E 299 5.45 7.23 19.09
CA GLY E 299 4.06 7.65 19.15
C GLY E 299 3.21 6.93 20.18
N LEU E 300 3.86 6.17 21.06
CA LEU E 300 3.15 5.31 21.99
C LEU E 300 2.96 5.98 23.34
N THR E 301 1.80 5.73 23.96
CA THR E 301 1.55 6.23 25.31
C THR E 301 1.56 5.06 26.29
N PRO E 302 2.55 5.04 27.20
CA PRO E 302 2.69 3.94 28.16
C PRO E 302 1.88 4.19 29.43
N ILE E 303 1.46 3.10 30.06
CA ILE E 303 0.65 3.18 31.26
C ILE E 303 1.19 2.19 32.27
N TRP E 304 1.66 2.70 33.40
CA TRP E 304 2.26 1.87 34.45
C TRP E 304 1.25 0.95 35.13
N TRP E 305 1.60 -0.33 35.27
CA TRP E 305 0.78 -1.26 36.08
C TRP E 305 1.12 -1.13 37.55
N ASP E 306 0.21 -0.52 38.30
CA ASP E 306 0.37 -0.36 39.74
C ASP E 306 -0.66 -1.20 40.51
N ASN E 307 -0.20 -2.29 41.11
CA ASN E 307 -1.09 -3.16 41.88
C ASN E 307 -1.06 -2.91 43.40
N GLY E 308 -0.36 -1.85 43.81
CA GLY E 308 -0.32 -1.48 45.22
C GLY E 308 0.59 -2.34 46.07
N TYR E 309 1.39 -3.17 45.41
CA TYR E 309 2.31 -4.08 46.09
C TYR E 309 3.75 -3.71 45.72
N SER E 310 4.54 -3.29 46.70
CA SER E 310 5.86 -2.73 46.39
C SER E 310 7.03 -3.33 47.20
N VAL E 311 6.80 -4.47 47.84
CA VAL E 311 7.81 -5.07 48.72
C VAL E 311 9.05 -5.53 47.96
N ALA E 312 10.20 -4.93 48.28
CA ALA E 312 11.47 -5.28 47.64
C ALA E 312 11.77 -6.77 47.75
N GLY E 313 12.20 -7.37 46.64
CA GLY E 313 12.62 -8.76 46.62
C GLY E 313 11.51 -9.77 46.41
N LYS E 314 10.28 -9.29 46.20
CA LYS E 314 9.16 -10.20 45.95
C LYS E 314 8.68 -10.09 44.51
N ALA E 315 8.16 -11.19 43.97
CA ALA E 315 7.59 -11.20 42.64
C ALA E 315 6.37 -10.25 42.57
N GLU E 316 6.09 -9.76 41.38
CA GLU E 316 4.85 -9.02 41.12
C GLU E 316 4.79 -7.68 41.85
N THR E 317 5.93 -7.18 42.29
CA THR E 317 5.93 -5.93 43.05
C THR E 317 6.03 -4.69 42.15
N PHE E 318 4.97 -4.46 41.37
CA PHE E 318 4.89 -3.32 40.45
C PHE E 318 4.42 -2.02 41.12
N GLY E 319 3.83 -2.13 42.30
CA GLY E 319 3.27 -0.95 42.95
C GLY E 319 4.30 0.15 43.16
N ILE E 320 3.95 1.39 42.80
CA ILE E 320 4.84 2.52 43.06
C ILE E 320 4.17 3.63 43.89
N PHE E 321 2.85 3.64 43.94
CA PHE E 321 2.11 4.65 44.69
C PHE E 321 1.64 4.07 46.02
N ASN E 322 1.78 4.84 47.09
CA ASN E 322 1.28 4.40 48.39
C ASN E 322 -0.14 4.92 48.64
N ARG E 323 -1.12 4.03 48.47
CA ARG E 323 -2.51 4.44 48.56
C ARG E 323 -2.96 4.76 50.00
N SER E 324 -2.29 4.16 50.98
CA SER E 324 -2.61 4.42 52.39
C SER E 324 -2.25 5.83 52.85
N ASN E 325 -1.09 6.35 52.45
CA ASN E 325 -0.74 7.70 52.87
C ASN E 325 -0.54 8.72 51.74
N LEU E 326 -0.90 8.35 50.52
CA LEU E 326 -0.86 9.31 49.42
C LEU E 326 0.55 9.78 49.09
N THR E 327 1.56 8.96 49.37
CA THR E 327 2.93 9.25 48.94
C THR E 327 3.34 8.20 47.90
N TRP E 328 4.52 8.34 47.31
CA TRP E 328 5.02 7.33 46.36
C TRP E 328 6.01 6.38 47.05
N ASP E 329 5.74 5.07 47.02
CA ASP E 329 6.72 4.11 47.52
C ASP E 329 7.97 4.11 46.66
N ALA E 330 7.81 4.50 45.40
CA ALA E 330 8.95 4.53 44.48
C ALA E 330 9.00 5.88 43.80
N PRO E 331 9.30 6.94 44.58
CA PRO E 331 9.29 8.33 44.09
C PRO E 331 10.24 8.54 42.92
N GLU E 332 11.42 7.95 42.98
CA GLU E 332 12.43 8.16 41.95
C GLU E 332 12.08 7.48 40.62
N VAL E 333 11.55 6.26 40.72
CA VAL E 333 11.09 5.53 39.54
C VAL E 333 9.93 6.28 38.87
N MET E 334 8.97 6.71 39.68
CA MET E 334 7.85 7.49 39.18
C MET E 334 8.32 8.78 38.49
N LYS E 335 9.21 9.52 39.13
CA LYS E 335 9.64 10.80 38.58
C LYS E 335 10.43 10.64 37.28
N ALA E 336 11.19 9.56 37.18
CA ALA E 336 12.00 9.30 35.99
C ALA E 336 11.11 8.93 34.80
N PHE E 337 10.08 8.13 35.08
CA PHE E 337 9.09 7.72 34.08
C PHE E 337 8.40 8.95 33.51
N ILE E 338 7.86 9.79 34.40
CA ILE E 338 7.22 11.02 33.98
C ILE E 338 8.19 11.93 33.21
N LYS E 339 9.43 12.05 33.71
CA LYS E 339 10.43 12.90 33.08
C LYS E 339 10.74 12.45 31.64
N GLY E 340 10.81 11.14 31.44
CA GLY E 340 11.12 10.61 30.11
C GLY E 340 10.02 10.89 29.12
N ILE E 341 8.81 11.10 29.61
CA ILE E 341 7.66 11.38 28.76
C ILE E 341 7.74 12.79 28.17
N GLY E 342 8.28 13.73 28.93
CA GLY E 342 8.38 15.10 28.46
C GLY E 342 7.05 15.82 28.38
N GLY E 343 7.00 16.89 27.60
CA GLY E 343 5.80 17.70 27.51
C GLY E 343 5.84 18.82 26.50
N SER E 344 4.77 19.61 26.48
CA SER E 344 4.62 20.67 25.48
C SER E 344 4.83 22.07 26.03
N SER E 345 5.03 22.21 27.33
CA SER E 345 5.23 23.54 27.91
C SER E 345 6.58 23.69 28.61
N SER F 1 26.61 14.15 6.89
CA SER F 1 25.32 13.46 6.77
C SER F 1 24.41 14.12 5.74
N ALA F 2 23.25 13.52 5.52
CA ALA F 2 22.29 14.03 4.53
C ALA F 2 21.02 14.57 5.19
N VAL F 3 21.10 14.92 6.46
CA VAL F 3 19.97 15.52 7.18
C VAL F 3 20.21 17.02 7.41
N GLU F 4 19.26 17.85 6.98
CA GLU F 4 19.33 19.30 7.16
C GLU F 4 18.24 19.80 8.10
N VAL F 5 18.61 20.76 8.95
CA VAL F 5 17.65 21.43 9.82
C VAL F 5 17.54 22.92 9.49
N THR F 6 16.32 23.38 9.31
CA THR F 6 16.04 24.80 9.11
C THR F 6 15.32 25.32 10.36
N TYR F 7 15.98 26.24 11.06
CA TYR F 7 15.47 26.84 12.30
C TYR F 7 15.21 28.30 11.97
N ALA F 8 13.94 28.67 11.90
CA ALA F 8 13.56 29.96 11.35
C ALA F 8 12.64 30.69 12.28
N ILE F 9 12.67 32.02 12.21
CA ILE F 9 11.86 32.85 13.09
C ILE F 9 10.59 33.31 12.39
N THR F 10 9.46 32.85 12.90
CA THR F 10 8.17 33.15 12.29
C THR F 10 7.73 34.57 12.64
N ASN F 11 7.99 34.93 13.89
CA ASN F 11 7.52 36.18 14.45
C ASN F 11 8.28 36.43 15.75
N SER F 12 8.40 37.71 16.14
CA SER F 12 9.00 38.05 17.43
C SER F 12 8.36 39.30 18.02
N TRP F 13 8.38 39.39 19.35
CA TRP F 13 7.72 40.50 20.04
C TRP F 13 8.52 41.04 21.22
N GLY F 14 9.83 41.19 21.02
CA GLY F 14 10.67 41.86 22.00
C GLY F 14 11.19 40.96 23.11
N SER F 15 10.25 40.36 23.85
CA SER F 15 10.57 39.48 24.97
C SER F 15 10.41 38.00 24.61
N GLY F 16 10.01 37.73 23.37
CA GLY F 16 9.79 36.36 22.93
C GLY F 16 9.69 36.25 21.42
N ALA F 17 9.61 35.01 20.94
CA ALA F 17 9.55 34.74 19.51
C ALA F 17 8.87 33.40 19.25
N SER F 18 8.42 33.23 18.01
CA SER F 18 7.82 31.99 17.58
C SER F 18 8.75 31.36 16.56
N VAL F 19 9.08 30.09 16.75
CA VAL F 19 10.10 29.45 15.93
C VAL F 19 9.47 28.35 15.09
N ASN F 20 9.89 28.22 13.84
CA ASN F 20 9.48 27.07 13.03
C ASN F 20 10.70 26.23 12.66
N VAL F 21 10.60 24.93 12.92
CA VAL F 21 11.71 24.03 12.58
C VAL F 21 11.29 23.03 11.51
N THR F 22 12.06 22.97 10.43
CA THR F 22 11.83 21.97 9.38
C THR F 22 13.03 21.01 9.30
N ILE F 23 12.78 19.72 9.43
CA ILE F 23 13.84 18.72 9.31
C ILE F 23 13.69 18.06 7.95
N LYS F 24 14.77 18.07 7.18
CA LYS F 24 14.71 17.53 5.82
C LYS F 24 15.69 16.36 5.66
N ASN F 25 15.17 15.23 5.18
CA ASN F 25 15.97 14.01 5.05
C ASN F 25 16.36 13.76 3.60
N ASN F 26 17.60 14.09 3.24
CA ASN F 26 18.07 13.87 1.88
C ASN F 26 18.74 12.50 1.68
N GLY F 27 18.72 11.65 2.70
CA GLY F 27 19.35 10.34 2.58
C GLY F 27 18.48 9.32 1.86
N THR F 28 18.90 8.05 1.89
CA THR F 28 18.15 7.00 1.21
C THR F 28 17.17 6.27 2.13
N THR F 29 17.36 6.44 3.43
CA THR F 29 16.62 5.69 4.43
C THR F 29 15.65 6.58 5.20
N PRO F 30 14.37 6.22 5.23
CA PRO F 30 13.41 6.97 6.04
C PRO F 30 13.86 7.05 7.50
N ILE F 31 13.54 8.15 8.17
CA ILE F 31 13.82 8.25 9.60
C ILE F 31 12.53 7.91 10.35
N ASN F 32 12.49 6.71 10.92
CA ASN F 32 11.28 6.18 11.52
C ASN F 32 11.14 6.49 13.01
N GLY F 33 10.55 7.65 13.33
CA GLY F 33 10.41 8.09 14.71
C GLY F 33 11.53 9.06 15.02
N TRP F 34 11.45 10.25 14.42
CA TRP F 34 12.54 11.22 14.59
C TRP F 34 12.60 11.84 15.99
N THR F 35 13.82 12.14 16.40
CA THR F 35 14.08 12.95 17.58
C THR F 35 15.14 13.96 17.18
N LEU F 36 15.07 15.17 17.73
CA LEU F 36 15.99 16.24 17.37
C LEU F 36 16.55 16.86 18.66
N LYS F 37 17.88 16.94 18.75
CA LYS F 37 18.50 17.45 19.95
C LYS F 37 19.36 18.65 19.58
N TRP F 38 19.38 19.65 20.46
CA TRP F 38 20.34 20.75 20.35
C TRP F 38 20.75 21.32 21.72
N THR F 39 21.76 22.17 21.70
CA THR F 39 22.20 22.89 22.90
C THR F 39 21.46 24.24 22.98
N MET F 40 20.67 24.40 24.03
CA MET F 40 19.84 25.59 24.21
C MET F 40 20.65 26.79 24.67
N PRO F 41 20.60 27.89 23.89
CA PRO F 41 21.24 29.12 24.33
C PRO F 41 20.77 29.52 25.72
N ILE F 42 21.64 30.17 26.49
CA ILE F 42 21.24 30.68 27.80
C ILE F 42 20.19 31.77 27.64
N ASN F 43 19.35 31.91 28.64
CA ASN F 43 18.35 32.98 28.65
C ASN F 43 17.31 32.87 27.53
N GLN F 44 17.02 31.64 27.12
CA GLN F 44 15.85 31.34 26.31
C GLN F 44 15.07 30.22 26.97
N THR F 45 13.75 30.30 26.95
CA THR F 45 12.93 29.29 27.56
C THR F 45 11.77 28.98 26.64
N ILE F 46 11.62 27.71 26.27
CA ILE F 46 10.46 27.32 25.49
C ILE F 46 9.22 27.36 26.38
N THR F 47 8.19 28.10 25.95
CA THR F 47 6.99 28.25 26.76
C THR F 47 5.88 27.31 26.32
N ASN F 48 5.82 27.01 25.02
CA ASN F 48 4.98 25.92 24.56
C ASN F 48 5.35 25.49 23.14
N MET F 49 5.01 24.25 22.80
CA MET F 49 5.43 23.60 21.57
C MET F 49 4.24 22.88 20.94
N TRP F 50 4.22 22.83 19.61
CA TRP F 50 3.18 22.09 18.90
C TRP F 50 3.78 21.14 17.86
N SER F 51 3.07 20.03 17.60
CA SER F 51 3.49 19.03 16.61
C SER F 51 4.75 18.29 17.07
N ALA F 52 5.03 18.39 18.37
CA ALA F 52 6.21 17.77 18.96
C ALA F 52 6.16 18.03 20.47
N SER F 53 6.99 17.31 21.21
CA SER F 53 7.10 17.52 22.65
C SER F 53 8.58 17.62 22.94
N PHE F 54 8.95 18.07 24.14
CA PHE F 54 10.37 18.22 24.45
C PHE F 54 10.72 17.91 25.90
N VAL F 55 12.00 17.62 26.12
CA VAL F 55 12.57 17.55 27.45
C VAL F 55 13.78 18.48 27.48
N ALA F 56 13.78 19.40 28.43
CA ALA F 56 14.92 20.27 28.62
C ALA F 56 15.72 19.69 29.77
N SER F 57 17.02 19.49 29.56
CA SER F 57 17.90 18.92 30.57
C SER F 57 19.28 19.58 30.55
N GLY F 58 19.48 20.52 31.45
CA GLY F 58 20.69 21.32 31.43
C GLY F 58 20.66 22.26 30.25
N THR F 59 21.75 22.27 29.47
CA THR F 59 21.80 23.06 28.24
C THR F 59 21.22 22.30 27.05
N THR F 60 20.80 21.05 27.27
CA THR F 60 20.36 20.21 26.17
C THR F 60 18.84 20.18 26.02
N LEU F 61 18.39 20.35 24.78
CA LEU F 61 16.97 20.34 24.46
C LEU F 61 16.70 19.14 23.55
N SER F 62 15.86 18.23 23.98
CA SER F 62 15.52 17.07 23.17
C SER F 62 14.07 17.11 22.72
N VAL F 63 13.87 17.13 21.41
CA VAL F 63 12.53 17.21 20.84
C VAL F 63 12.11 15.87 20.21
N THR F 64 10.87 15.46 20.47
CA THR F 64 10.37 14.18 19.97
C THR F 64 9.15 14.41 19.10
N ASN F 65 9.06 13.66 18.00
CA ASN F 65 7.93 13.77 17.08
C ASN F 65 6.59 13.54 17.79
N ALA F 66 5.51 13.92 17.12
CA ALA F 66 4.16 13.75 17.65
C ALA F 66 3.44 12.51 17.09
N GLY F 67 4.21 11.53 16.65
CA GLY F 67 3.63 10.28 16.20
C GLY F 67 3.11 10.31 14.76
N TYR F 68 2.10 11.14 14.49
CA TYR F 68 1.53 11.22 13.15
C TYR F 68 2.54 11.83 12.17
N ASN F 69 3.54 12.53 12.69
CA ASN F 69 4.60 13.12 11.87
C ASN F 69 5.96 12.51 12.16
N GLY F 70 5.95 11.25 12.60
CA GLY F 70 7.14 10.58 13.08
C GLY F 70 8.14 10.11 12.03
N THR F 71 7.68 9.92 10.81
CA THR F 71 8.58 9.41 9.76
C THR F 71 9.03 10.50 8.81
N ILE F 72 10.33 10.77 8.79
CA ILE F 72 10.86 11.67 7.78
C ILE F 72 11.27 10.86 6.54
N ALA F 73 10.49 11.02 5.48
CA ALA F 73 10.70 10.25 4.25
C ALA F 73 12.04 10.56 3.61
N ALA F 74 12.62 9.53 2.98
CA ALA F 74 13.89 9.65 2.31
C ALA F 74 13.78 10.58 1.08
N ASN F 75 14.94 10.91 0.50
CA ASN F 75 15.00 11.62 -0.77
C ASN F 75 14.25 12.94 -0.76
N GLY F 76 14.41 13.72 0.31
CA GLY F 76 13.83 15.06 0.38
C GLY F 76 12.59 15.21 1.24
N GLY F 77 12.22 14.17 1.98
CA GLY F 77 11.06 14.26 2.84
C GLY F 77 11.29 15.26 3.96
N THR F 78 10.22 15.88 4.44
CA THR F 78 10.33 16.78 5.59
C THR F 78 9.29 16.48 6.65
N GLN F 79 9.58 16.95 7.87
CA GLN F 79 8.59 17.11 8.91
C GLN F 79 8.92 18.41 9.66
N SER F 80 7.90 19.09 10.16
CA SER F 80 8.07 20.40 10.80
C SER F 80 7.34 20.49 12.13
N PHE F 81 7.86 21.32 13.04
CA PHE F 81 7.15 21.63 14.27
C PHE F 81 7.49 23.07 14.62
N GLY F 82 6.85 23.60 15.65
CA GLY F 82 7.14 24.97 16.05
C GLY F 82 6.97 25.15 17.54
N PHE F 83 7.43 26.28 18.06
CA PHE F 83 7.31 26.60 19.48
C PHE F 83 7.51 28.07 19.72
N ASN F 84 7.07 28.53 20.89
CA ASN F 84 7.32 29.89 21.33
C ASN F 84 8.38 29.86 22.38
N ILE F 85 9.22 30.89 22.41
CA ILE F 85 10.23 31.04 23.45
C ILE F 85 10.08 32.39 24.11
N ASN F 86 10.47 32.45 25.38
CA ASN F 86 10.75 33.71 26.04
C ASN F 86 12.25 33.87 26.02
N TYR F 87 12.72 35.08 25.77
CA TYR F 87 14.16 35.33 25.76
C TYR F 87 14.51 36.70 26.33
N SER F 88 15.78 36.86 26.69
CA SER F 88 16.32 38.13 27.12
C SER F 88 17.66 38.31 26.41
N GLY F 89 18.14 39.53 26.31
CA GLY F 89 19.35 39.80 25.55
C GLY F 89 19.15 39.54 24.07
N VAL F 90 20.22 39.09 23.42
CA VAL F 90 20.17 38.81 21.98
C VAL F 90 19.50 37.46 21.69
N LEU F 91 18.59 37.46 20.72
CA LEU F 91 17.94 36.23 20.30
C LEU F 91 18.86 35.43 19.38
N SER F 92 19.58 34.46 19.94
CA SER F 92 20.48 33.63 19.13
C SER F 92 19.87 32.28 18.80
N LYS F 93 20.44 31.62 17.80
CA LYS F 93 19.95 30.33 17.37
C LYS F 93 20.92 29.22 17.76
N PRO F 94 20.39 28.03 18.05
CA PRO F 94 21.26 26.89 18.34
C PRO F 94 22.29 26.70 17.22
N THR F 95 23.45 26.15 17.56
CA THR F 95 24.58 26.07 16.63
C THR F 95 24.62 24.73 15.90
N GLY F 96 24.27 23.67 16.61
CA GLY F 96 24.29 22.34 16.04
C GLY F 96 23.00 21.60 16.31
N PHE F 97 22.71 20.62 15.49
CA PHE F 97 21.53 19.81 15.69
C PHE F 97 21.90 18.36 15.39
N THR F 98 21.31 17.44 16.14
CA THR F 98 21.45 16.02 15.86
CA THR F 98 21.44 16.03 15.80
C THR F 98 20.06 15.40 15.74
N VAL F 99 19.87 14.54 14.74
CA VAL F 99 18.61 13.80 14.57
C VAL F 99 18.91 12.32 14.64
N ASN F 100 18.32 11.64 15.63
CA ASN F 100 18.61 10.23 15.87
C ASN F 100 20.12 9.93 15.78
N GLY F 101 20.92 10.77 16.42
CA GLY F 101 22.35 10.56 16.51
C GLY F 101 23.16 11.14 15.35
N THR F 102 22.49 11.49 14.27
CA THR F 102 23.17 12.04 13.09
C THR F 102 23.31 13.57 13.10
N GLU F 103 24.54 14.06 13.02
CA GLU F 103 24.80 15.51 12.99
C GLU F 103 24.21 16.11 11.73
N CYS F 104 23.42 17.17 11.90
CA CYS F 104 22.75 17.79 10.77
C CYS F 104 23.54 18.95 10.18
N THR F 105 23.17 19.32 8.96
CA THR F 105 23.61 20.57 8.36
C THR F 105 22.61 21.67 8.72
N VAL F 106 23.09 22.88 9.03
CA VAL F 106 22.18 23.97 9.33
C VAL F 106 22.01 24.87 8.11
N LYS F 107 20.79 24.91 7.59
CA LYS F 107 20.49 25.70 6.40
C LYS F 107 20.12 27.13 6.73
N SER G 1 29.29 21.09 -21.90
CA SER G 1 28.37 20.09 -22.45
C SER G 1 27.81 19.15 -21.38
N THR G 2 26.56 18.75 -21.53
CA THR G 2 25.97 17.79 -20.59
C THR G 2 26.14 16.36 -21.08
N ALA G 3 26.88 16.18 -22.16
CA ALA G 3 27.02 14.85 -22.75
C ALA G 3 27.64 13.82 -21.81
N PHE G 4 28.70 14.22 -21.10
CA PHE G 4 29.47 13.24 -20.33
C PHE G 4 29.57 13.57 -18.84
N THR G 5 28.42 13.70 -18.18
CA THR G 5 28.41 14.09 -16.78
C THR G 5 28.34 12.92 -15.79
N GLY G 6 28.39 11.70 -16.29
CA GLY G 6 28.24 10.54 -15.43
C GLY G 6 26.78 10.35 -15.04
N VAL G 7 26.50 9.36 -14.18
CA VAL G 7 25.13 8.99 -13.84
C VAL G 7 24.84 9.01 -12.35
N ARG G 8 23.95 9.91 -11.93
CA ARG G 8 23.52 10.03 -10.53
C ARG G 8 22.61 8.89 -10.06
N ASP G 9 22.40 8.82 -8.75
CA ASP G 9 21.48 7.82 -8.17
C ASP G 9 20.26 8.47 -7.54
N VAL G 10 19.92 9.67 -8.00
CA VAL G 10 18.76 10.39 -7.47
C VAL G 10 17.43 9.79 -7.95
N PRO G 11 16.34 10.11 -7.24
CA PRO G 11 15.01 9.69 -7.70
C PRO G 11 14.69 10.23 -9.08
N ALA G 12 14.00 9.43 -9.88
CA ALA G 12 13.63 9.83 -11.23
C ALA G 12 12.86 11.15 -11.24
N GLN G 13 12.04 11.38 -10.21
CA GLN G 13 11.28 12.62 -10.14
C GLN G 13 12.19 13.86 -10.26
N GLN G 14 13.37 13.78 -9.64
CA GLN G 14 14.34 14.88 -9.71
C GLN G 14 14.85 15.10 -11.13
N ILE G 15 15.08 14.00 -11.83
CA ILE G 15 15.51 14.07 -13.23
C ILE G 15 14.40 14.71 -14.06
N VAL G 16 13.16 14.28 -13.83
CA VAL G 16 12.04 14.83 -14.57
C VAL G 16 11.87 16.32 -14.28
N ASN G 17 12.07 16.71 -13.02
CA ASN G 17 12.04 18.13 -12.66
C ASN G 17 13.10 18.94 -13.44
N GLU G 18 14.33 18.44 -13.49
CA GLU G 18 15.39 19.12 -14.22
C GLU G 18 15.12 19.14 -15.73
N MET G 19 14.54 18.07 -16.28
CA MET G 19 14.17 18.08 -17.70
C MET G 19 13.24 19.26 -17.96
N LYS G 20 12.36 19.52 -16.99
CA LYS G 20 11.58 20.75 -16.88
C LYS G 20 10.48 20.96 -17.94
N VAL G 21 10.88 21.10 -19.20
CA VAL G 21 9.96 21.32 -20.32
C VAL G 21 10.72 21.08 -21.62
N GLY G 22 10.06 20.47 -22.59
CA GLY G 22 10.78 19.97 -23.74
C GLY G 22 10.17 20.34 -25.06
N TRP G 23 10.94 20.11 -26.11
CA TRP G 23 10.54 20.36 -27.49
C TRP G 23 10.92 19.14 -28.33
N ASN G 24 10.01 18.67 -29.19
CA ASN G 24 10.26 17.52 -30.05
C ASN G 24 10.82 17.94 -31.41
N LEU G 25 11.88 17.29 -31.86
CA LEU G 25 12.30 17.42 -33.26
C LEU G 25 11.43 16.49 -34.14
N GLY G 26 10.17 16.85 -34.31
CA GLY G 26 9.20 15.96 -34.96
C GLY G 26 9.27 15.90 -36.48
N ASN G 27 8.85 14.77 -37.04
CA ASN G 27 8.84 14.53 -38.49
C ASN G 27 10.22 14.75 -39.10
N THR G 28 11.23 14.25 -38.42
CA THR G 28 12.62 14.48 -38.80
C THR G 28 13.38 13.15 -38.85
N MET G 29 14.11 12.79 -37.79
CA MET G 29 14.75 11.47 -37.76
C MET G 29 13.70 10.36 -37.65
N ASP G 30 12.48 10.73 -37.26
CA ASP G 30 11.34 9.81 -37.23
C ASP G 30 10.65 9.67 -38.61
N ALA G 31 10.96 10.58 -39.54
CA ALA G 31 10.31 10.53 -40.85
C ALA G 31 10.70 9.27 -41.65
N ILE G 32 9.70 8.58 -42.21
CA ILE G 32 9.98 7.40 -43.02
C ILE G 32 10.86 7.79 -44.19
N GLY G 33 12.00 7.11 -44.35
CA GLY G 33 12.85 7.33 -45.50
C GLY G 33 14.03 8.25 -45.28
N GLY G 34 14.03 9.00 -44.17
CA GLY G 34 15.15 9.89 -43.90
C GLY G 34 14.78 11.27 -43.37
N GLU G 35 15.79 11.93 -42.82
CA GLU G 35 15.61 13.18 -42.06
C GLU G 35 14.77 14.25 -42.74
N THR G 36 14.94 14.44 -44.04
CA THR G 36 14.27 15.53 -44.74
C THR G 36 13.08 15.05 -45.57
N ASN G 37 12.74 13.78 -45.42
CA ASN G 37 11.71 13.17 -46.25
C ASN G 37 10.31 13.73 -46.03
N TRP G 38 10.07 14.30 -44.86
CA TRP G 38 8.74 14.82 -44.57
C TRP G 38 8.67 16.35 -44.60
N GLY G 39 9.61 16.97 -45.31
CA GLY G 39 9.52 18.40 -45.58
C GLY G 39 10.31 19.30 -44.63
N ASN G 40 10.93 18.72 -43.62
CA ASN G 40 11.82 19.49 -42.75
C ASN G 40 13.22 19.59 -43.33
N PRO G 41 13.87 20.75 -43.15
CA PRO G 41 15.25 20.86 -43.62
C PRO G 41 16.16 20.09 -42.70
N MET G 42 17.39 19.90 -43.12
CA MET G 42 18.34 19.20 -42.30
C MET G 42 18.63 19.98 -41.01
N THR G 43 18.66 19.28 -39.89
CA THR G 43 18.76 19.89 -38.57
C THR G 43 20.15 20.48 -38.36
N THR G 44 20.20 21.67 -37.77
CA THR G 44 21.48 22.31 -37.49
C THR G 44 21.63 22.66 -36.01
N HIS G 45 22.88 22.85 -35.60
CA HIS G 45 23.23 23.26 -34.25
C HIS G 45 22.58 24.60 -33.90
N ALA G 46 22.53 25.50 -34.88
CA ALA G 46 21.89 26.81 -34.69
C ALA G 46 20.40 26.68 -34.34
N MET G 47 19.69 25.74 -34.96
CA MET G 47 18.29 25.49 -34.59
C MET G 47 18.13 25.10 -33.12
N ILE G 48 18.94 24.15 -32.67
CA ILE G 48 18.85 23.69 -31.29
C ILE G 48 19.22 24.80 -30.30
N ASN G 49 20.15 25.67 -30.69
CA ASN G 49 20.47 26.85 -29.90
C ASN G 49 19.22 27.68 -29.60
N LYS G 50 18.38 27.90 -30.61
CA LYS G 50 17.16 28.68 -30.42
C LYS G 50 16.18 27.95 -29.48
N ILE G 51 16.16 26.62 -29.54
CA ILE G 51 15.27 25.88 -28.67
C ILE G 51 15.67 26.13 -27.22
N LYS G 52 16.95 25.99 -26.92
CA LYS G 52 17.46 26.26 -25.58
C LYS G 52 17.17 27.71 -25.16
N GLU G 53 17.47 28.66 -26.05
CA GLU G 53 17.30 30.07 -25.71
C GLU G 53 15.86 30.43 -25.35
N ALA G 54 14.90 29.73 -25.94
CA ALA G 54 13.50 29.98 -25.64
C ALA G 54 13.08 29.51 -24.24
N GLY G 55 13.89 28.65 -23.64
CA GLY G 55 13.61 28.15 -22.29
C GLY G 55 13.34 26.66 -22.20
N PHE G 56 13.47 25.94 -23.31
CA PHE G 56 13.31 24.49 -23.31
C PHE G 56 14.60 23.84 -22.82
N ASN G 57 14.49 22.92 -21.85
CA ASN G 57 15.68 22.23 -21.35
C ASN G 57 15.79 20.78 -21.82
N THR G 58 14.76 20.29 -22.51
CA THR G 58 14.80 18.93 -23.03
C THR G 58 14.54 18.86 -24.54
N LEU G 59 15.40 18.13 -25.24
CA LEU G 59 15.16 17.81 -26.65
C LEU G 59 14.72 16.36 -26.72
N ARG G 60 13.49 16.11 -27.16
CA ARG G 60 13.13 14.77 -27.55
C ARG G 60 13.50 14.58 -29.01
N LEU G 61 14.28 13.53 -29.24
CA LEU G 61 14.83 13.22 -30.53
C LEU G 61 14.22 11.92 -31.03
N PRO G 62 13.00 11.98 -31.60
CA PRO G 62 12.33 10.76 -32.06
C PRO G 62 13.08 10.18 -33.26
N VAL G 63 13.28 8.87 -33.29
CA VAL G 63 14.03 8.24 -34.38
C VAL G 63 13.34 6.98 -34.85
N THR G 64 13.10 6.90 -36.15
CA THR G 64 12.58 5.67 -36.75
C THR G 64 13.77 4.92 -37.29
N TRP G 65 13.97 3.71 -36.77
CA TRP G 65 15.12 2.91 -37.16
C TRP G 65 14.79 1.97 -38.31
N ASP G 66 13.52 1.58 -38.42
CA ASP G 66 13.06 0.77 -39.53
C ASP G 66 13.41 1.53 -40.81
N GLY G 67 14.07 0.84 -41.74
CA GLY G 67 14.49 1.48 -42.97
C GLY G 67 15.96 1.82 -42.94
N HIS G 68 16.58 1.68 -41.78
CA HIS G 68 18.01 1.97 -41.66
C HIS G 68 18.74 0.78 -41.05
N MET G 69 18.15 -0.40 -41.13
CA MET G 69 18.77 -1.58 -40.54
C MET G 69 18.60 -2.79 -41.43
N GLY G 70 19.56 -3.70 -41.34
CA GLY G 70 19.56 -4.91 -42.16
C GLY G 70 18.54 -5.92 -41.68
N ALA G 71 18.65 -7.13 -42.19
CA ALA G 71 17.69 -8.19 -41.86
C ALA G 71 18.17 -9.00 -40.66
N ALA G 72 17.28 -9.85 -40.15
CA ALA G 72 17.63 -10.80 -39.11
C ALA G 72 18.79 -11.65 -39.62
N PRO G 73 19.61 -12.20 -38.72
CA PRO G 73 19.45 -12.11 -37.26
C PRO G 73 20.07 -10.87 -36.63
N GLU G 74 20.97 -10.18 -37.33
CA GLU G 74 21.73 -9.09 -36.72
C GLU G 74 21.01 -7.73 -36.72
N TYR G 75 20.12 -7.52 -37.69
CA TYR G 75 19.43 -6.23 -37.84
C TYR G 75 20.40 -5.06 -37.71
N THR G 76 21.51 -5.14 -38.43
CA THR G 76 22.59 -4.16 -38.31
C THR G 76 22.12 -2.77 -38.74
N ILE G 77 22.29 -1.80 -37.86
CA ILE G 77 21.85 -0.44 -38.13
C ILE G 77 22.90 0.31 -38.94
N ASP G 78 22.45 1.03 -39.98
N ASP G 78 22.44 1.05 -39.96
CA ASP G 78 23.35 1.84 -40.80
CA ASP G 78 23.34 1.85 -40.78
C ASP G 78 24.18 2.76 -39.90
C ASP G 78 24.18 2.77 -39.90
N GLN G 79 25.50 2.62 -39.98
CA GLN G 79 26.41 3.36 -39.12
C GLN G 79 26.36 4.87 -39.32
N THR G 80 26.14 5.33 -40.55
CA THR G 80 26.03 6.76 -40.81
CA THR G 80 26.04 6.76 -40.78
C THR G 80 24.75 7.32 -40.17
N TRP G 81 23.68 6.54 -40.22
CA TRP G 81 22.44 6.93 -39.55
C TRP G 81 22.67 7.05 -38.04
N MET G 82 23.29 6.04 -37.45
CA MET G 82 23.55 6.07 -36.02
C MET G 82 24.34 7.31 -35.63
N LYS G 83 25.38 7.63 -36.42
CA LYS G 83 26.24 8.76 -36.11
C LYS G 83 25.51 10.08 -36.26
N ARG G 84 24.59 10.15 -37.23
CA ARG G 84 23.79 11.35 -37.42
C ARG G 84 22.91 11.61 -36.18
N VAL G 85 22.27 10.56 -35.70
CA VAL G 85 21.50 10.67 -34.45
C VAL G 85 22.39 11.20 -33.33
N GLU G 86 23.59 10.65 -33.19
CA GLU G 86 24.50 11.07 -32.12
C GLU G 86 24.93 12.54 -32.29
N GLU G 87 25.13 12.94 -33.53
CA GLU G 87 25.47 14.33 -33.84
C GLU G 87 24.40 15.33 -33.40
N ILE G 88 23.15 15.09 -33.77
CA ILE G 88 22.04 15.95 -33.36
C ILE G 88 21.91 16.00 -31.83
N ALA G 89 22.06 14.85 -31.19
CA ALA G 89 22.00 14.79 -29.73
C ALA G 89 23.03 15.74 -29.11
N ASN G 90 24.22 15.79 -29.69
CA ASN G 90 25.27 16.69 -29.20
C ASN G 90 25.03 18.18 -29.44
N TYR G 91 24.23 18.53 -30.46
CA TYR G 91 23.75 19.90 -30.60
C TYR G 91 23.09 20.31 -29.28
N ALA G 92 22.28 19.41 -28.74
CA ALA G 92 21.55 19.69 -27.50
C ALA G 92 22.45 19.58 -26.26
N PHE G 93 23.35 18.60 -26.25
CA PHE G 93 24.25 18.47 -25.10
C PHE G 93 25.12 19.71 -24.98
N ASP G 94 25.51 20.28 -26.11
CA ASP G 94 26.28 21.53 -26.14
C ASP G 94 25.49 22.66 -25.48
N ASN G 95 24.17 22.53 -25.48
CA ASN G 95 23.30 23.53 -24.87
C ASN G 95 22.92 23.17 -23.43
N ASP G 96 23.63 22.20 -22.86
CA ASP G 96 23.37 21.71 -21.49
C ASP G 96 21.93 21.21 -21.28
N MET G 97 21.37 20.57 -22.30
CA MET G 97 20.01 20.03 -22.22
C MET G 97 19.99 18.54 -21.89
N TYR G 98 18.79 18.04 -21.59
CA TYR G 98 18.52 16.61 -21.61
C TYR G 98 18.16 16.22 -23.03
N VAL G 99 18.47 14.98 -23.40
CA VAL G 99 18.08 14.42 -24.68
C VAL G 99 17.37 13.07 -24.48
N ILE G 100 16.23 12.89 -25.16
CA ILE G 100 15.55 11.60 -25.18
C ILE G 100 15.63 11.01 -26.59
N ILE G 101 16.11 9.76 -26.67
CA ILE G 101 16.19 9.03 -27.94
C ILE G 101 15.29 7.80 -27.83
N ASN G 102 14.42 7.59 -28.82
CA ASN G 102 13.50 6.46 -28.75
C ASN G 102 13.62 5.55 -29.98
N LEU G 103 12.72 4.58 -30.10
CA LEU G 103 12.40 3.96 -31.38
C LEU G 103 11.03 4.50 -31.69
N HIS G 104 10.79 4.93 -32.93
CA HIS G 104 9.56 5.67 -33.21
C HIS G 104 8.56 4.92 -34.07
N HIS G 105 8.53 5.17 -35.39
CA HIS G 105 7.56 4.49 -36.26
C HIS G 105 8.00 3.07 -36.64
N GLU G 106 8.02 2.18 -35.65
CA GLU G 106 8.51 0.83 -35.89
C GLU G 106 7.36 -0.16 -36.08
N ASN G 107 6.16 0.37 -36.31
CA ASN G 107 4.96 -0.46 -36.30
C ASN G 107 4.92 -1.59 -37.34
N GLU G 108 5.75 -1.48 -38.38
CA GLU G 108 5.79 -2.53 -39.41
C GLU G 108 6.34 -3.83 -38.84
N TRP G 109 7.17 -3.74 -37.81
CA TRP G 109 7.80 -4.93 -37.22
C TRP G 109 7.47 -5.12 -35.74
N LEU G 110 7.16 -4.03 -35.05
CA LEU G 110 6.92 -4.10 -33.62
C LEU G 110 5.43 -4.38 -33.33
N LYS G 111 5.05 -5.66 -33.36
CA LYS G 111 3.63 -6.06 -33.25
C LYS G 111 3.35 -6.73 -31.91
N PRO G 112 2.43 -6.16 -31.12
CA PRO G 112 2.22 -6.68 -29.76
C PRO G 112 1.22 -7.83 -29.70
N PHE G 113 1.61 -8.99 -30.24
CA PHE G 113 0.76 -10.17 -30.20
C PHE G 113 1.63 -11.34 -29.82
N TYR G 114 1.06 -12.31 -29.11
CA TYR G 114 1.82 -13.49 -28.72
C TYR G 114 2.48 -14.14 -29.94
N ALA G 115 1.75 -14.20 -31.06
CA ALA G 115 2.28 -14.86 -32.26
C ALA G 115 3.60 -14.24 -32.74
N ASN G 116 3.73 -12.93 -32.58
CA ASN G 116 4.93 -12.22 -33.03
C ASN G 116 6.01 -12.10 -31.97
N GLU G 117 5.63 -12.32 -30.71
CA GLU G 117 6.50 -11.96 -29.59
C GLU G 117 7.96 -12.41 -29.70
N ALA G 118 8.19 -13.68 -29.99
CA ALA G 118 9.56 -14.19 -30.06
C ALA G 118 10.44 -13.42 -31.07
N GLN G 119 9.91 -13.18 -32.27
CA GLN G 119 10.70 -12.50 -33.31
C GLN G 119 10.87 -11.02 -32.99
N VAL G 120 9.83 -10.39 -32.47
CA VAL G 120 9.90 -8.97 -32.15
C VAL G 120 10.93 -8.76 -31.05
N LYS G 121 10.90 -9.61 -30.01
CA LYS G 121 11.89 -9.54 -28.92
C LYS G 121 13.31 -9.70 -29.44
N ALA G 122 13.50 -10.57 -30.43
CA ALA G 122 14.82 -10.77 -30.99
C ALA G 122 15.31 -9.51 -31.69
N GLN G 123 14.43 -8.88 -32.47
CA GLN G 123 14.80 -7.65 -33.15
C GLN G 123 15.01 -6.47 -32.18
N LEU G 124 14.13 -6.37 -31.19
CA LEU G 124 14.20 -5.32 -30.20
C LEU G 124 15.50 -5.40 -29.41
N THR G 125 15.91 -6.62 -29.06
CA THR G 125 17.17 -6.81 -28.37
C THR G 125 18.36 -6.35 -29.24
N LYS G 126 18.38 -6.77 -30.50
CA LYS G 126 19.45 -6.38 -31.44
C LYS G 126 19.50 -4.86 -31.63
N VAL G 127 18.33 -4.25 -31.81
CA VAL G 127 18.26 -2.81 -32.01
C VAL G 127 18.77 -2.05 -30.79
N TRP G 128 18.28 -2.38 -29.60
CA TRP G 128 18.67 -1.63 -28.41
C TRP G 128 20.11 -1.90 -28.00
N THR G 129 20.59 -3.10 -28.28
CA THR G 129 21.98 -3.40 -28.00
C THR G 129 22.91 -2.46 -28.81
N GLN G 130 22.60 -2.24 -30.08
CA GLN G 130 23.44 -1.39 -30.93
C GLN G 130 23.37 0.08 -30.53
N ILE G 131 22.16 0.59 -30.31
CA ILE G 131 21.97 1.98 -29.92
C ILE G 131 22.66 2.23 -28.58
N ALA G 132 22.43 1.34 -27.62
CA ALA G 132 22.99 1.50 -26.28
C ALA G 132 24.52 1.47 -26.31
N ASN G 133 25.08 0.55 -27.07
CA ASN G 133 26.53 0.46 -27.19
C ASN G 133 27.11 1.74 -27.77
N ASN G 134 26.43 2.29 -28.78
CA ASN G 134 26.89 3.52 -29.40
C ASN G 134 26.96 4.68 -28.42
N PHE G 135 25.95 4.79 -27.55
CA PHE G 135 25.86 5.92 -26.60
C PHE G 135 26.33 5.57 -25.19
N LYS G 136 27.07 4.47 -25.06
CA LYS G 136 27.44 3.97 -23.72
C LYS G 136 28.14 5.00 -22.83
N LYS G 137 28.93 5.89 -23.40
CA LYS G 137 29.71 6.86 -22.61
C LYS G 137 28.91 8.05 -22.09
N TYR G 138 27.76 8.31 -22.69
CA TYR G 138 26.97 9.46 -22.30
C TYR G 138 26.36 9.30 -20.90
N GLY G 139 26.31 10.40 -20.14
CA GLY G 139 25.82 10.38 -18.78
C GLY G 139 24.31 10.47 -18.66
N ASP G 140 23.81 10.85 -17.48
CA ASP G 140 22.38 10.75 -17.22
C ASP G 140 21.52 11.81 -17.92
N HIS G 141 22.16 12.73 -18.63
CA HIS G 141 21.40 13.68 -19.45
C HIS G 141 20.89 13.04 -20.74
N LEU G 142 21.36 11.83 -21.01
CA LEU G 142 20.80 11.03 -22.11
C LEU G 142 19.84 9.99 -21.57
N ILE G 143 18.58 10.09 -21.99
CA ILE G 143 17.54 9.17 -21.57
C ILE G 143 17.09 8.33 -22.77
N PHE G 144 16.94 7.02 -22.59
CA PHE G 144 16.39 6.17 -23.64
C PHE G 144 14.90 5.95 -23.41
N GLU G 145 14.14 5.96 -24.50
CA GLU G 145 12.71 5.70 -24.46
C GLU G 145 12.48 4.42 -25.27
N THR G 146 12.08 3.34 -24.60
CA THR G 146 12.17 2.00 -25.19
C THR G 146 11.36 1.78 -26.45
N MET G 147 10.21 2.46 -26.54
CA MET G 147 9.31 2.37 -27.69
C MET G 147 8.47 3.63 -27.70
N ASN G 148 7.76 3.88 -28.80
CA ASN G 148 6.95 5.10 -28.92
C ASN G 148 5.48 4.88 -28.56
N GLU G 149 4.69 4.44 -29.52
CA GLU G 149 3.28 4.14 -29.25
C GLU G 149 2.90 2.74 -29.68
N PRO G 150 3.47 1.72 -29.02
CA PRO G 150 3.25 0.33 -29.45
C PRO G 150 1.78 -0.06 -29.29
N ARG G 151 1.19 -0.65 -30.31
CA ARG G 151 -0.23 -0.93 -30.27
C ARG G 151 -0.65 -1.86 -31.41
N PRO G 152 -1.86 -2.44 -31.33
CA PRO G 152 -2.30 -3.31 -32.43
C PRO G 152 -2.63 -2.48 -33.67
N VAL G 153 -2.21 -2.95 -34.84
CA VAL G 153 -2.43 -2.22 -36.09
C VAL G 153 -3.91 -2.17 -36.43
N GLY G 154 -4.36 -1.08 -37.04
CA GLY G 154 -5.75 -0.96 -37.44
C GLY G 154 -6.35 0.39 -37.09
N ALA G 155 -7.00 1.02 -38.06
CA ALA G 155 -7.57 2.34 -37.83
C ALA G 155 -8.62 2.31 -36.72
N SER G 156 -9.42 1.25 -36.69
CA SER G 156 -10.51 1.16 -35.71
C SER G 156 -10.00 1.02 -34.27
N LEU G 157 -8.73 0.66 -34.14
CA LEU G 157 -8.14 0.39 -32.82
C LEU G 157 -7.22 1.52 -32.34
N GLN G 158 -7.05 2.54 -33.17
CA GLN G 158 -6.09 3.60 -32.86
C GLN G 158 -6.31 4.29 -31.50
N TRP G 159 -7.55 4.56 -31.13
CA TRP G 159 -7.80 5.23 -29.86
C TRP G 159 -8.35 4.29 -28.79
N THR G 160 -8.03 3.00 -28.92
CA THR G 160 -8.43 2.02 -27.93
C THR G 160 -7.26 1.63 -27.03
N GLY G 161 -7.55 0.88 -25.97
CA GLY G 161 -6.51 0.39 -25.09
C GLY G 161 -6.06 -1.00 -25.45
N GLY G 162 -6.43 -1.46 -26.65
CA GLY G 162 -6.04 -2.79 -27.11
C GLY G 162 -6.69 -3.90 -26.30
N SER G 163 -6.24 -5.13 -26.52
CA SER G 163 -6.71 -6.26 -25.71
C SER G 163 -5.73 -6.50 -24.58
N TYR G 164 -6.12 -7.35 -23.62
CA TYR G 164 -5.21 -7.74 -22.56
C TYR G 164 -3.94 -8.35 -23.16
N GLU G 165 -4.10 -9.18 -24.19
CA GLU G 165 -2.95 -9.72 -24.89
C GLU G 165 -1.98 -8.61 -25.33
N ASN G 166 -2.51 -7.60 -26.02
CA ASN G 166 -1.69 -6.47 -26.47
C ASN G 166 -0.94 -5.80 -25.32
N ARG G 167 -1.66 -5.54 -24.22
CA ARG G 167 -1.06 -4.81 -23.09
C ARG G 167 -0.01 -5.68 -22.38
N GLU G 168 -0.31 -6.96 -22.23
CA GLU G 168 0.66 -7.90 -21.67
C GLU G 168 1.93 -7.95 -22.50
N VAL G 169 1.78 -8.05 -23.82
CA VAL G 169 2.96 -8.15 -24.68
C VAL G 169 3.76 -6.84 -24.73
N VAL G 170 3.07 -5.69 -24.68
CA VAL G 170 3.80 -4.42 -24.58
C VAL G 170 4.67 -4.43 -23.31
N ASN G 171 4.11 -4.89 -22.20
CA ASN G 171 4.89 -4.98 -20.96
C ASN G 171 6.11 -5.89 -21.15
N ARG G 172 5.91 -7.02 -21.83
CA ARG G 172 7.02 -7.94 -22.09
C ARG G 172 8.09 -7.29 -22.95
N TYR G 173 7.68 -6.49 -23.92
CA TYR G 173 8.62 -5.79 -24.79
C TYR G 173 9.44 -4.72 -24.04
N ASN G 174 8.77 -3.95 -23.20
CA ASN G 174 9.47 -2.97 -22.36
C ASN G 174 10.53 -3.63 -21.52
N LEU G 175 10.21 -4.78 -20.92
CA LEU G 175 11.21 -5.50 -20.13
C LEU G 175 12.39 -5.92 -21.00
N THR G 176 12.08 -6.45 -22.19
CA THR G 176 13.09 -6.89 -23.15
C THR G 176 14.02 -5.73 -23.53
N ALA G 177 13.42 -4.58 -23.79
CA ALA G 177 14.16 -3.39 -24.20
C ALA G 177 15.06 -2.89 -23.08
N VAL G 178 14.52 -2.79 -21.87
CA VAL G 178 15.30 -2.36 -20.72
C VAL G 178 16.46 -3.32 -20.43
N ASN G 179 16.19 -4.61 -20.38
CA ASN G 179 17.24 -5.59 -20.18
C ASN G 179 18.33 -5.49 -21.27
N ALA G 180 17.93 -5.26 -22.51
CA ALA G 180 18.90 -5.10 -23.60
C ALA G 180 19.79 -3.87 -23.37
N ILE G 181 19.19 -2.75 -22.99
CA ILE G 181 19.96 -1.57 -22.68
C ILE G 181 20.93 -1.81 -21.53
N ARG G 182 20.41 -2.31 -20.41
CA ARG G 182 21.23 -2.50 -19.21
C ARG G 182 22.33 -3.55 -19.36
N ALA G 183 22.07 -4.60 -20.14
CA ALA G 183 23.08 -5.64 -20.38
C ALA G 183 24.34 -5.11 -21.07
N THR G 184 24.25 -3.96 -21.76
CA THR G 184 25.47 -3.39 -22.37
C THR G 184 26.41 -2.81 -21.32
N GLY G 185 25.91 -2.60 -20.09
CA GLY G 185 26.76 -2.21 -18.99
C GLY G 185 27.15 -0.74 -18.93
N GLY G 186 28.13 -0.41 -18.08
CA GLY G 186 28.56 0.97 -17.94
C GLY G 186 27.43 1.90 -17.55
N ASN G 187 27.40 3.10 -18.13
CA ASN G 187 26.32 4.06 -17.85
C ASN G 187 24.93 3.57 -18.27
N ASN G 188 24.87 2.63 -19.21
CA ASN G 188 23.58 2.08 -19.64
C ASN G 188 22.93 1.25 -18.56
N ALA G 189 23.74 0.69 -17.65
CA ALA G 189 23.19 -0.07 -16.53
C ALA G 189 22.49 0.83 -15.50
N THR G 190 22.85 2.11 -15.47
CA THR G 190 22.32 3.00 -14.43
C THR G 190 21.55 4.22 -14.94
N ARG G 191 21.54 4.45 -16.25
CA ARG G 191 20.85 5.63 -16.77
C ARG G 191 19.34 5.52 -16.60
N TYR G 192 18.65 6.64 -16.72
CA TYR G 192 17.19 6.70 -16.61
C TYR G 192 16.55 6.33 -17.95
N ILE G 193 15.45 5.59 -17.88
CA ILE G 193 14.80 5.05 -19.08
C ILE G 193 13.30 5.30 -19.02
N MET G 194 12.75 5.81 -20.13
CA MET G 194 11.31 6.00 -20.26
C MET G 194 10.68 4.78 -20.95
N VAL G 195 9.52 4.33 -20.44
CA VAL G 195 8.77 3.26 -21.09
C VAL G 195 7.30 3.67 -21.22
N PRO G 196 6.69 3.38 -22.38
CA PRO G 196 5.31 3.80 -22.57
C PRO G 196 4.33 2.73 -22.17
N THR G 197 3.13 3.18 -21.85
CA THR G 197 1.95 2.34 -21.79
C THR G 197 1.63 1.96 -23.24
N LEU G 198 0.64 1.09 -23.44
CA LEU G 198 0.18 0.80 -24.79
C LEU G 198 -0.29 2.09 -25.44
N ALA G 199 0.18 2.34 -26.66
CA ALA G 199 -0.09 3.57 -27.39
C ALA G 199 0.39 4.85 -26.66
N ALA G 200 1.20 4.68 -25.62
CA ALA G 200 1.56 5.83 -24.78
C ALA G 200 0.29 6.54 -24.33
N SER G 201 -0.81 5.80 -24.24
CA SER G 201 -2.07 6.39 -23.80
C SER G 201 -2.16 6.53 -22.28
N ALA G 202 -2.78 7.62 -21.83
CA ALA G 202 -2.98 7.87 -20.42
C ALA G 202 -4.35 7.39 -19.94
N MET G 203 -5.12 6.73 -20.82
CA MET G 203 -6.46 6.26 -20.41
C MET G 203 -6.34 5.24 -19.28
N SER G 204 -7.38 5.10 -18.47
CA SER G 204 -7.34 4.21 -17.31
C SER G 204 -6.89 2.81 -17.66
N THR G 205 -7.47 2.23 -18.70
CA THR G 205 -7.12 0.88 -19.09
C THR G 205 -5.61 0.67 -19.21
N THR G 206 -4.92 1.59 -19.89
CA THR G 206 -3.51 1.39 -20.20
C THR G 206 -2.55 1.78 -19.08
N ILE G 207 -2.87 2.82 -18.31
CA ILE G 207 -2.01 3.17 -17.18
C ILE G 207 -2.13 2.15 -16.05
N ASN G 208 -3.32 1.57 -15.89
CA ASN G 208 -3.59 0.55 -14.86
CA ASN G 208 -3.49 0.59 -14.83
C ASN G 208 -2.89 -0.77 -15.15
N ASP G 209 -2.68 -1.07 -16.43
CA ASP G 209 -2.05 -2.35 -16.78
C ASP G 209 -0.54 -2.26 -17.05
N LEU G 210 0.00 -1.04 -17.01
CA LEU G 210 1.45 -0.88 -17.15
C LEU G 210 2.20 -1.65 -16.07
N VAL G 211 3.19 -2.44 -16.46
CA VAL G 211 4.11 -3.03 -15.48
C VAL G 211 5.52 -2.49 -15.72
N ILE G 212 6.11 -1.88 -14.68
CA ILE G 212 7.45 -1.34 -14.77
C ILE G 212 8.47 -2.47 -14.77
N PRO G 213 9.30 -2.57 -15.83
CA PRO G 213 10.35 -3.60 -15.89
C PRO G 213 11.21 -3.68 -14.62
N ASN G 214 11.19 -4.83 -13.96
CA ASN G 214 11.96 -5.05 -12.74
C ASN G 214 11.60 -4.13 -11.57
N ASN G 215 10.49 -3.40 -11.67
CA ASN G 215 10.16 -2.36 -10.69
C ASN G 215 11.29 -1.32 -10.58
N ASP G 216 12.12 -1.27 -11.61
CA ASP G 216 13.31 -0.42 -11.62
C ASP G 216 12.92 1.04 -11.31
N SER G 217 13.46 1.59 -10.23
CA SER G 217 13.13 2.96 -9.85
C SER G 217 13.76 4.03 -10.76
N LYS G 218 14.64 3.62 -11.69
CA LYS G 218 15.23 4.53 -12.69
C LYS G 218 14.31 4.66 -13.91
N VAL G 219 13.20 3.94 -13.91
CA VAL G 219 12.27 3.98 -15.01
C VAL G 219 11.21 5.06 -14.86
N ILE G 220 10.99 5.78 -15.94
CA ILE G 220 10.05 6.88 -16.01
C ILE G 220 8.93 6.47 -16.97
N VAL G 221 7.68 6.80 -16.66
CA VAL G 221 6.58 6.51 -17.59
C VAL G 221 6.49 7.54 -18.73
N SER G 222 6.30 7.04 -19.95
CA SER G 222 6.13 7.89 -21.12
C SER G 222 4.66 7.96 -21.54
N LEU G 223 4.04 9.14 -21.49
CA LEU G 223 2.66 9.31 -21.95
C LEU G 223 2.52 10.40 -23.02
N HIS G 224 1.60 10.21 -23.97
CA HIS G 224 1.31 11.24 -24.95
C HIS G 224 -0.10 11.76 -24.75
N MET G 225 -0.21 13.06 -24.49
CA MET G 225 -1.50 13.61 -24.08
C MET G 225 -1.81 14.89 -24.85
N TYR G 226 -2.33 14.72 -26.06
CA TYR G 226 -2.77 15.86 -26.86
C TYR G 226 -4.18 16.25 -26.41
N SER G 227 -4.27 16.78 -25.20
CA SER G 227 -5.55 17.05 -24.56
C SER G 227 -5.85 18.54 -24.53
N PRO G 228 -7.14 18.90 -24.66
CA PRO G 228 -8.22 17.93 -24.91
C PRO G 228 -8.26 17.65 -26.40
N TYR G 229 -8.68 16.44 -26.75
CA TYR G 229 -8.60 15.99 -28.14
C TYR G 229 -9.17 16.97 -29.17
N PHE G 230 -10.41 17.38 -28.98
CA PHE G 230 -11.11 18.15 -30.00
C PHE G 230 -10.49 19.51 -30.29
N PHE G 231 -10.07 20.19 -29.24
CA PHE G 231 -9.44 21.48 -29.44
C PHE G 231 -8.03 21.33 -30.02
N ALA G 232 -7.28 20.38 -29.49
CA ALA G 232 -5.84 20.29 -29.75
C ALA G 232 -5.50 19.59 -31.07
N MET G 233 -6.29 18.59 -31.43
CA MET G 233 -5.90 17.69 -32.51
C MET G 233 -6.85 17.70 -33.70
N ASP G 234 -8.13 17.90 -33.43
CA ASP G 234 -9.17 17.74 -34.45
C ASP G 234 -9.37 19.02 -35.28
N ILE G 235 -9.09 18.94 -36.57
CA ILE G 235 -9.24 20.11 -37.43
C ILE G 235 -10.71 20.53 -37.49
N ASN G 236 -11.61 19.58 -37.21
CA ASN G 236 -13.04 19.85 -37.18
C ASN G 236 -13.58 20.14 -35.78
N GLY G 237 -12.70 20.12 -34.78
CA GLY G 237 -13.11 20.37 -33.41
C GLY G 237 -13.09 21.85 -33.09
N THR G 238 -13.68 22.21 -31.95
CA THR G 238 -13.70 23.60 -31.50
C THR G 238 -12.36 24.31 -31.63
N SER G 239 -12.45 25.63 -31.85
CA SER G 239 -11.28 26.50 -31.96
C SER G 239 -11.06 27.25 -30.65
N SER G 240 -11.95 27.01 -29.68
CA SER G 240 -11.93 27.76 -28.43
C SER G 240 -11.52 26.89 -27.24
N TRP G 241 -10.78 27.49 -26.31
CA TRP G 241 -10.40 26.82 -25.08
C TRP G 241 -10.26 27.85 -23.99
N GLY G 242 -10.86 27.60 -22.83
CA GLY G 242 -10.71 28.52 -21.72
C GLY G 242 -11.78 28.48 -20.63
N SER G 243 -12.87 27.76 -20.90
CA SER G 243 -13.96 27.69 -19.94
C SER G 243 -13.55 26.97 -18.65
N ASP G 244 -14.35 27.12 -17.60
CA ASP G 244 -14.09 26.42 -16.35
C ASP G 244 -14.15 24.93 -16.60
N TYR G 245 -15.04 24.52 -17.51
CA TYR G 245 -15.14 23.12 -17.85
C TYR G 245 -13.84 22.63 -18.49
N ASP G 246 -13.28 23.42 -19.41
CA ASP G 246 -12.04 23.06 -20.08
C ASP G 246 -10.94 22.89 -19.06
N LYS G 247 -10.81 23.86 -18.15
CA LYS G 247 -9.77 23.84 -17.14
C LYS G 247 -9.93 22.64 -16.21
N SER G 248 -11.18 22.36 -15.82
CA SER G 248 -11.45 21.24 -14.93
C SER G 248 -11.14 19.89 -15.58
N SER G 249 -11.52 19.73 -16.84
CA SER G 249 -11.29 18.47 -17.55
C SER G 249 -9.80 18.19 -17.70
N LEU G 250 -9.04 19.21 -18.08
CA LEU G 250 -7.61 19.04 -18.26
C LEU G 250 -6.94 18.66 -16.92
N ASP G 251 -7.33 19.34 -15.85
CA ASP G 251 -6.82 19.04 -14.52
C ASP G 251 -7.06 17.58 -14.21
N SER G 252 -8.26 17.10 -14.53
CA SER G 252 -8.65 15.75 -14.16
C SER G 252 -7.84 14.71 -14.93
N GLU G 253 -7.54 15.01 -16.18
CA GLU G 253 -6.66 14.15 -16.97
C GLU G 253 -5.30 14.02 -16.29
N PHE G 254 -4.72 15.13 -15.85
CA PHE G 254 -3.44 15.06 -15.14
C PHE G 254 -3.59 14.41 -13.76
N ASP G 255 -4.75 14.59 -13.12
CA ASP G 255 -5.01 13.97 -11.81
C ASP G 255 -4.95 12.46 -11.87
N ALA G 256 -5.36 11.85 -12.98
CA ALA G 256 -5.30 10.39 -13.10
C ALA G 256 -3.84 9.94 -13.06
N VAL G 257 -3.00 10.68 -13.77
CA VAL G 257 -1.58 10.37 -13.86
C VAL G 257 -0.88 10.58 -12.51
N TYR G 258 -1.20 11.69 -11.86
CA TYR G 258 -0.65 11.99 -10.55
C TYR G 258 -1.00 10.90 -9.51
N ASN G 259 -2.26 10.49 -9.46
CA ASN G 259 -2.75 9.46 -8.51
CA ASN G 259 -2.68 9.50 -8.48
C ASN G 259 -2.13 8.09 -8.73
N LYS G 260 -2.05 7.69 -10.00
CA LYS G 260 -1.52 6.37 -10.35
CA LYS G 260 -1.52 6.38 -10.36
C LYS G 260 0.00 6.30 -10.23
N PHE G 261 0.71 7.35 -10.64
CA PHE G 261 2.16 7.30 -10.70
C PHE G 261 2.92 8.27 -9.77
N VAL G 262 2.82 9.56 -10.07
CA VAL G 262 3.66 10.56 -9.43
C VAL G 262 3.58 10.50 -7.90
N LYS G 263 2.36 10.45 -7.37
CA LYS G 263 2.21 10.53 -5.92
C LYS G 263 2.76 9.27 -5.27
N ASN G 264 3.00 8.24 -6.09
CA ASN G 264 3.61 7.01 -5.58
C ASN G 264 5.11 6.94 -5.84
N GLY G 265 5.72 8.05 -6.24
CA GLY G 265 7.16 8.05 -6.48
C GLY G 265 7.58 7.61 -7.88
N ARG G 266 6.60 7.31 -8.73
CA ARG G 266 6.87 6.96 -10.13
C ARG G 266 6.79 8.21 -11.00
N ALA G 267 7.93 8.64 -11.57
CA ALA G 267 7.97 9.88 -12.36
C ALA G 267 7.38 9.68 -13.76
N VAL G 268 6.90 10.77 -14.36
CA VAL G 268 6.17 10.69 -15.63
C VAL G 268 6.54 11.86 -16.54
N VAL G 269 6.84 11.58 -17.80
CA VAL G 269 7.09 12.61 -18.81
C VAL G 269 5.99 12.56 -19.88
N ILE G 270 5.34 13.69 -20.14
CA ILE G 270 4.41 13.76 -21.26
C ILE G 270 5.24 14.08 -22.49
N GLY G 271 5.69 13.03 -23.18
CA GLY G 271 6.68 13.19 -24.24
C GLY G 271 6.16 13.85 -25.50
N GLU G 272 4.84 13.89 -25.66
CA GLU G 272 4.22 14.60 -26.78
C GLU G 272 2.93 15.26 -26.32
N MET G 273 2.73 16.52 -26.74
CA MET G 273 1.48 17.23 -26.56
C MET G 273 1.52 18.45 -27.48
N GLY G 274 0.48 19.27 -27.45
CA GLY G 274 0.44 20.47 -28.28
C GLY G 274 -0.91 20.71 -28.92
N SER G 275 -1.04 21.81 -29.66
CA SER G 275 -2.27 22.13 -30.38
C SER G 275 -1.99 22.48 -31.82
N ILE G 276 -2.97 22.24 -32.71
CA ILE G 276 -2.81 22.64 -34.11
C ILE G 276 -3.27 24.08 -34.36
N ASN G 277 -2.92 24.63 -35.52
CA ASN G 277 -3.23 26.02 -35.82
C ASN G 277 -4.58 26.18 -36.53
N LYS G 278 -5.57 26.63 -35.77
CA LYS G 278 -6.90 26.89 -36.31
C LYS G 278 -7.15 28.39 -36.36
N ASN G 279 -6.09 29.14 -36.65
CA ASN G 279 -6.17 30.59 -36.72
C ASN G 279 -6.77 31.13 -35.44
N ASN G 280 -6.34 30.55 -34.31
CA ASN G 280 -6.91 30.81 -33.00
C ASN G 280 -5.82 31.01 -31.96
N THR G 281 -4.93 31.97 -32.24
CA THR G 281 -3.75 32.18 -31.40
C THR G 281 -4.11 32.46 -29.93
N ALA G 282 -5.09 33.32 -29.68
CA ALA G 282 -5.46 33.65 -28.30
C ALA G 282 -5.87 32.40 -27.51
N ALA G 283 -6.63 31.52 -28.16
CA ALA G 283 -7.08 30.30 -27.50
C ALA G 283 -5.91 29.34 -27.23
N ARG G 284 -5.03 29.20 -28.21
CA ARG G 284 -3.84 28.36 -28.05
C ARG G 284 -2.91 28.89 -26.95
N VAL G 285 -2.85 30.21 -26.82
CA VAL G 285 -2.06 30.84 -25.76
C VAL G 285 -2.62 30.45 -24.39
N THR G 286 -3.93 30.65 -24.22
CA THR G 286 -4.63 30.29 -22.99
C THR G 286 -4.43 28.82 -22.65
N HIS G 287 -4.69 27.94 -23.61
CA HIS G 287 -4.49 26.50 -23.46
C HIS G 287 -3.04 26.14 -23.13
N ALA G 288 -2.09 26.64 -23.91
CA ALA G 288 -0.68 26.31 -23.69
C ALA G 288 -0.19 26.67 -22.29
N GLU G 289 -0.51 27.87 -21.83
CA GLU G 289 -0.06 28.30 -20.52
C GLU G 289 -0.73 27.51 -19.39
N TYR G 290 -2.04 27.27 -19.51
CA TYR G 290 -2.73 26.48 -18.51
C TYR G 290 -2.21 25.03 -18.47
N TYR G 291 -2.06 24.42 -19.63
CA TYR G 291 -1.57 23.04 -19.73
C TYR G 291 -0.25 22.92 -18.97
N ALA G 292 0.67 23.85 -19.24
CA ALA G 292 2.00 23.82 -18.64
C ALA G 292 1.94 23.91 -17.11
N LYS G 293 1.23 24.89 -16.58
CA LYS G 293 1.16 25.00 -15.12
C LYS G 293 0.34 23.88 -14.45
N SER G 294 -0.71 23.40 -15.11
CA SER G 294 -1.52 22.32 -14.53
C SER G 294 -0.73 21.01 -14.53
N ALA G 295 -0.03 20.74 -15.62
CA ALA G 295 0.84 19.56 -15.69
C ALA G 295 1.95 19.62 -14.66
N LYS G 296 2.62 20.78 -14.59
CA LYS G 296 3.70 20.99 -13.64
C LYS G 296 3.22 20.88 -12.18
N ALA G 297 1.99 21.31 -11.92
CA ALA G 297 1.40 21.17 -10.59
C ALA G 297 1.23 19.71 -10.19
N ARG G 298 1.28 18.81 -11.17
CA ARG G 298 1.23 17.38 -10.91
C ARG G 298 2.58 16.67 -11.12
N GLY G 299 3.68 17.43 -11.10
CA GLY G 299 5.01 16.87 -11.19
C GLY G 299 5.38 16.39 -12.57
N LEU G 300 4.56 16.75 -13.56
CA LEU G 300 4.76 16.27 -14.93
C LEU G 300 5.59 17.24 -15.78
N THR G 301 6.44 16.69 -16.64
CA THR G 301 7.19 17.51 -17.59
C THR G 301 6.65 17.27 -18.99
N PRO G 302 6.06 18.32 -19.60
CA PRO G 302 5.48 18.18 -20.94
C PRO G 302 6.45 18.58 -22.05
N ILE G 303 6.31 17.94 -23.21
CA ILE G 303 7.21 18.13 -24.33
C ILE G 303 6.35 18.41 -25.56
N TRP G 304 6.50 19.61 -26.10
CA TRP G 304 5.71 20.03 -27.25
C TRP G 304 6.10 19.23 -28.50
N TRP G 305 5.10 18.76 -29.23
CA TRP G 305 5.35 18.07 -30.49
C TRP G 305 5.45 19.07 -31.64
N ASP G 306 6.65 19.27 -32.16
CA ASP G 306 6.85 20.25 -33.22
C ASP G 306 7.28 19.57 -34.52
N ASN G 307 6.34 19.40 -35.45
CA ASN G 307 6.66 18.71 -36.71
C ASN G 307 7.10 19.64 -37.85
N GLY G 308 7.29 20.93 -37.53
CA GLY G 308 7.70 21.91 -38.52
C GLY G 308 6.62 22.40 -39.48
N TYR G 309 5.36 22.09 -39.20
CA TYR G 309 4.24 22.43 -40.06
C TYR G 309 3.27 23.34 -39.30
N SER G 310 3.14 24.60 -39.71
CA SER G 310 2.42 25.59 -38.92
C SER G 310 1.30 26.35 -39.67
N VAL G 311 0.92 25.84 -40.84
CA VAL G 311 -0.06 26.53 -41.68
C VAL G 311 -1.44 26.62 -41.04
N ALA G 312 -1.96 27.84 -40.90
CA ALA G 312 -3.26 28.05 -40.28
C ALA G 312 -4.39 27.35 -41.03
N GLY G 313 -5.24 26.63 -40.31
CA GLY G 313 -6.39 25.98 -40.91
C GLY G 313 -6.16 24.61 -41.51
N LYS G 314 -4.94 24.09 -41.40
CA LYS G 314 -4.67 22.72 -41.87
C LYS G 314 -4.50 21.77 -40.69
N ALA G 315 -4.90 20.53 -40.89
CA ALA G 315 -4.71 19.48 -39.88
C ALA G 315 -3.22 19.27 -39.59
N GLU G 316 -2.91 18.84 -38.37
CA GLU G 316 -1.57 18.39 -38.02
C GLU G 316 -0.55 19.52 -37.99
N THR G 317 -1.03 20.75 -37.89
CA THR G 317 -0.13 21.90 -37.85
C THR G 317 0.36 22.22 -36.43
N PHE G 318 1.19 21.33 -35.89
CA PHE G 318 1.74 21.48 -34.53
C PHE G 318 3.01 22.35 -34.45
N GLY G 319 3.60 22.68 -35.59
CA GLY G 319 4.86 23.41 -35.61
C GLY G 319 4.78 24.80 -35.00
N ILE G 320 5.78 25.17 -34.21
CA ILE G 320 5.78 26.51 -33.63
C ILE G 320 7.09 27.22 -33.91
N PHE G 321 8.14 26.44 -34.16
CA PHE G 321 9.45 26.98 -34.49
C PHE G 321 9.67 26.96 -36.00
N ASN G 322 10.22 28.04 -36.53
CA ASN G 322 10.56 28.12 -37.96
C ASN G 322 12.03 27.73 -38.17
N ARG G 323 12.26 26.54 -38.69
CA ARG G 323 13.62 26.02 -38.76
C ARG G 323 14.50 26.74 -39.79
N SER G 324 13.89 27.16 -40.90
CA SER G 324 14.63 27.86 -41.95
C SER G 324 15.02 29.27 -41.53
N ASN G 325 14.17 29.92 -40.75
CA ASN G 325 14.33 31.32 -40.37
C ASN G 325 15.04 31.50 -39.04
N LEU G 326 15.06 30.44 -38.24
CA LEU G 326 15.56 30.53 -36.88
C LEU G 326 14.69 31.51 -36.06
N THR G 327 13.42 31.62 -36.41
CA THR G 327 12.46 32.41 -35.61
C THR G 327 11.29 31.52 -35.21
N TRP G 328 10.40 32.06 -34.39
CA TRP G 328 9.19 31.32 -34.01
C TRP G 328 7.98 31.70 -34.85
N ASP G 329 7.37 30.70 -35.49
CA ASP G 329 6.10 30.90 -36.21
C ASP G 329 4.95 31.19 -35.24
N ALA G 330 5.03 30.64 -34.04
CA ALA G 330 3.98 30.88 -33.04
C ALA G 330 4.62 31.40 -31.78
N PRO G 331 5.15 32.63 -31.85
CA PRO G 331 5.92 33.14 -30.71
C PRO G 331 5.06 33.28 -29.45
N GLU G 332 3.81 33.70 -29.62
CA GLU G 332 2.91 33.87 -28.48
C GLU G 332 2.57 32.52 -27.82
N VAL G 333 2.38 31.48 -28.62
CA VAL G 333 2.10 30.17 -28.07
C VAL G 333 3.32 29.65 -27.32
N MET G 334 4.49 29.72 -27.96
CA MET G 334 5.73 29.31 -27.32
C MET G 334 5.98 30.01 -25.98
N LYS G 335 5.77 31.32 -25.95
CA LYS G 335 6.13 32.08 -24.75
C LYS G 335 5.19 31.76 -23.60
N ALA G 336 3.92 31.54 -23.93
CA ALA G 336 2.93 31.20 -22.91
C ALA G 336 3.21 29.83 -22.31
N PHE G 337 3.57 28.86 -23.17
CA PHE G 337 3.91 27.51 -22.73
C PHE G 337 5.08 27.58 -21.75
N ILE G 338 6.15 28.24 -22.16
CA ILE G 338 7.31 28.42 -21.31
C ILE G 338 6.95 29.19 -20.02
N LYS G 339 6.06 30.17 -20.16
CA LYS G 339 5.68 31.01 -19.04
C LYS G 339 4.98 30.21 -17.96
N GLY G 340 4.06 29.35 -18.36
CA GLY G 340 3.36 28.48 -17.43
C GLY G 340 4.24 27.46 -16.70
N ILE G 341 5.38 27.11 -17.30
CA ILE G 341 6.30 26.16 -16.68
C ILE G 341 6.98 26.75 -15.44
N GLY G 342 7.24 28.06 -15.45
CA GLY G 342 7.91 28.71 -14.33
C GLY G 342 9.36 28.29 -14.22
N GLY G 343 9.92 28.42 -13.01
CA GLY G 343 11.35 28.18 -12.82
C GLY G 343 11.78 28.37 -11.39
N SER G 344 13.08 28.21 -11.15
CA SER G 344 13.60 28.22 -9.79
C SER G 344 14.40 29.49 -9.47
N SER G 345 14.44 30.41 -10.43
CA SER G 345 15.19 31.67 -10.28
C SER G 345 14.34 32.90 -10.60
N SER H 1 -10.03 28.71 8.46
CA SER H 1 -9.50 27.82 7.43
C SER H 1 -8.80 26.60 8.01
N ALA H 2 -8.90 25.46 7.32
CA ALA H 2 -8.16 24.27 7.74
C ALA H 2 -6.75 24.17 7.13
N VAL H 3 -6.33 25.20 6.40
CA VAL H 3 -4.99 25.22 5.83
C VAL H 3 -4.17 26.37 6.42
N GLU H 4 -3.03 26.01 7.03
CA GLU H 4 -2.18 27.00 7.70
C GLU H 4 -0.85 27.16 6.99
N VAL H 5 -0.43 28.39 6.85
CA VAL H 5 0.85 28.69 6.26
C VAL H 5 1.73 29.34 7.31
N THR H 6 2.96 28.84 7.42
CA THR H 6 3.98 29.42 8.27
C THR H 6 5.07 29.97 7.39
N TYR H 7 5.21 31.29 7.38
CA TYR H 7 6.20 31.99 6.55
C TYR H 7 7.24 32.56 7.50
N ALA H 8 8.46 32.02 7.45
CA ALA H 8 9.46 32.31 8.46
C ALA H 8 10.82 32.67 7.88
N ILE H 9 11.54 33.54 8.60
CA ILE H 9 12.87 33.99 8.18
C ILE H 9 13.97 33.14 8.82
N THR H 10 14.69 32.41 7.96
CA THR H 10 15.77 31.55 8.41
C THR H 10 17.01 32.37 8.75
N ASN H 11 17.21 33.44 7.98
CA ASN H 11 18.45 34.18 8.04
C ASN H 11 18.32 35.42 7.17
N SER H 12 18.90 36.54 7.60
CA SER H 12 18.90 37.75 6.79
C SER H 12 20.23 38.49 6.89
N TRP H 13 20.66 39.09 5.78
CA TRP H 13 21.96 39.76 5.74
C TRP H 13 21.91 41.18 5.19
N GLY H 14 20.90 41.95 5.60
CA GLY H 14 20.81 43.34 5.21
C GLY H 14 20.24 43.59 3.83
N SER H 15 20.85 42.99 2.81
CA SER H 15 20.43 43.17 1.41
C SER H 15 19.68 41.97 0.85
N GLY H 16 19.54 40.92 1.66
CA GLY H 16 18.89 39.69 1.25
C GLY H 16 18.54 38.83 2.45
N ALA H 17 17.74 37.79 2.22
CA ALA H 17 17.30 36.91 3.29
C ALA H 17 16.97 35.52 2.75
N SER H 18 16.82 34.58 3.67
CA SER H 18 16.44 33.22 3.33
C SER H 18 15.12 32.92 4.03
N VAL H 19 14.16 32.40 3.27
CA VAL H 19 12.82 32.18 3.78
C VAL H 19 12.51 30.69 3.79
N ASN H 20 11.79 30.24 4.81
CA ASN H 20 11.27 28.88 4.82
C ASN H 20 9.76 28.93 4.98
N VAL H 21 9.04 28.19 4.14
CA VAL H 21 7.58 28.18 4.18
C VAL H 21 7.09 26.77 4.48
N THR H 22 6.19 26.64 5.44
CA THR H 22 5.60 25.35 5.75
C THR H 22 4.10 25.44 5.59
N ILE H 23 3.54 24.54 4.79
CA ILE H 23 2.09 24.51 4.60
C ILE H 23 1.50 23.34 5.36
N LYS H 24 0.47 23.61 6.17
CA LYS H 24 -0.14 22.56 6.97
C LYS H 24 -1.60 22.34 6.60
N ASN H 25 -1.93 21.09 6.34
CA ASN H 25 -3.29 20.73 5.96
C ASN H 25 -4.00 20.05 7.13
N ASN H 26 -4.88 20.78 7.80
CA ASN H 26 -5.66 20.23 8.92
C ASN H 26 -7.04 19.72 8.53
N GLY H 27 -7.35 19.73 7.23
CA GLY H 27 -8.64 19.28 6.74
C GLY H 27 -8.69 17.77 6.58
N THR H 28 -9.80 17.27 6.03
CA THR H 28 -9.99 15.82 5.91
C THR H 28 -9.50 15.27 4.57
N THR H 29 -9.32 16.14 3.58
CA THR H 29 -8.96 15.72 2.22
C THR H 29 -7.52 16.05 1.90
N PRO H 30 -6.73 15.05 1.49
CA PRO H 30 -5.37 15.35 1.03
C PRO H 30 -5.39 16.36 -0.11
N ILE H 31 -4.38 17.23 -0.13
CA ILE H 31 -4.20 18.17 -1.23
C ILE H 31 -3.21 17.55 -2.21
N ASN H 32 -3.73 17.07 -3.35
CA ASN H 32 -2.94 16.32 -4.32
C ASN H 32 -2.37 17.20 -5.44
N GLY H 33 -1.17 17.73 -5.22
CA GLY H 33 -0.57 18.63 -6.19
C GLY H 33 -0.76 20.06 -5.75
N TRP H 34 -0.08 20.47 -4.70
CA TRP H 34 -0.31 21.78 -4.10
C TRP H 34 0.29 22.96 -4.88
N THR H 35 -0.44 24.07 -4.88
CA THR H 35 0.05 25.35 -5.38
C THR H 35 -0.20 26.39 -4.29
N LEU H 36 0.71 27.35 -4.16
CA LEU H 36 0.58 28.39 -3.13
C LEU H 36 0.75 29.75 -3.78
N LYS H 37 -0.20 30.66 -3.53
CA LYS H 37 -0.16 31.99 -4.13
C LYS H 37 -0.17 33.09 -3.09
N TRP H 38 0.53 34.17 -3.38
CA TRP H 38 0.47 35.33 -2.51
C TRP H 38 0.97 36.56 -3.22
N THR H 39 0.77 37.71 -2.58
CA THR H 39 1.25 38.97 -3.12
C THR H 39 2.47 39.38 -2.34
N MET H 40 3.58 39.58 -3.05
CA MET H 40 4.87 39.80 -2.42
C MET H 40 5.16 41.30 -2.25
N PRO H 41 5.62 41.72 -1.06
CA PRO H 41 5.92 43.15 -0.89
C PRO H 41 6.84 43.67 -2.01
N ILE H 42 6.69 44.93 -2.40
CA ILE H 42 7.52 45.44 -3.49
C ILE H 42 8.93 45.63 -2.95
N ASN H 43 9.89 45.76 -3.83
CA ASN H 43 11.27 45.89 -3.36
C ASN H 43 11.77 44.59 -2.68
N GLN H 44 11.11 43.48 -2.98
CA GLN H 44 11.64 42.15 -2.71
C GLN H 44 11.62 41.34 -4.00
N THR H 45 12.70 40.61 -4.27
CA THR H 45 12.78 39.77 -5.46
C THR H 45 13.31 38.39 -5.12
N ILE H 46 12.58 37.34 -5.50
CA ILE H 46 13.08 35.98 -5.28
C ILE H 46 14.24 35.72 -6.22
N THR H 47 15.37 35.30 -5.67
CA THR H 47 16.55 35.02 -6.47
C THR H 47 16.65 33.55 -6.82
N ASN H 48 16.41 32.69 -5.83
CA ASN H 48 16.33 31.25 -6.12
C ASN H 48 15.50 30.49 -5.10
N MET H 49 14.96 29.37 -5.53
CA MET H 49 13.99 28.62 -4.76
C MET H 49 14.29 27.14 -4.85
N TRP H 50 14.09 26.41 -3.75
CA TRP H 50 14.31 24.97 -3.73
C TRP H 50 13.07 24.22 -3.21
N SER H 51 12.91 22.97 -3.66
CA SER H 51 11.76 22.11 -3.31
C SER H 51 10.44 22.62 -3.85
N ALA H 52 10.53 23.54 -4.80
CA ALA H 52 9.37 24.15 -5.44
C ALA H 52 9.89 25.02 -6.58
N SER H 53 8.99 25.44 -7.46
CA SER H 53 9.33 26.39 -8.51
C SER H 53 8.25 27.47 -8.47
N PHE H 54 8.47 28.57 -9.19
CA PHE H 54 7.52 29.68 -9.12
C PHE H 54 7.38 30.44 -10.43
N VAL H 55 6.26 31.14 -10.53
CA VAL H 55 6.01 32.09 -11.61
C VAL H 55 5.77 33.44 -10.91
N ALA H 56 6.62 34.41 -11.21
CA ALA H 56 6.40 35.76 -10.68
C ALA H 56 5.82 36.65 -11.77
N SER H 57 4.73 37.34 -11.45
CA SER H 57 4.10 38.29 -12.35
C SER H 57 3.76 39.57 -11.59
N GLY H 58 4.62 40.57 -11.70
CA GLY H 58 4.56 41.71 -10.81
C GLY H 58 4.86 41.23 -9.39
N THR H 59 3.97 41.55 -8.46
CA THR H 59 4.14 41.12 -7.09
C THR H 59 3.35 39.84 -6.84
N THR H 60 2.68 39.37 -7.89
CA THR H 60 1.92 38.12 -7.78
C THR H 60 2.87 36.95 -7.87
N LEU H 61 2.80 36.07 -6.88
CA LEU H 61 3.71 34.95 -6.76
C LEU H 61 2.92 33.63 -6.75
N SER H 62 3.17 32.77 -7.73
CA SER H 62 2.56 31.44 -7.74
C SER H 62 3.62 30.37 -7.60
N VAL H 63 3.53 29.60 -6.53
CA VAL H 63 4.52 28.57 -6.23
C VAL H 63 3.93 27.17 -6.45
N THR H 64 4.68 26.31 -7.11
CA THR H 64 4.20 24.98 -7.36
C THR H 64 5.15 23.96 -6.72
N ASN H 65 4.59 22.88 -6.20
CA ASN H 65 5.35 21.77 -5.65
C ASN H 65 6.37 21.19 -6.64
N ALA H 66 7.32 20.41 -6.09
CA ALA H 66 8.34 19.75 -6.89
C ALA H 66 8.03 18.27 -7.18
N GLY H 67 6.75 17.90 -7.14
CA GLY H 67 6.34 16.55 -7.50
C GLY H 67 6.47 15.53 -6.38
N TYR H 68 7.70 15.29 -5.93
CA TYR H 68 7.93 14.36 -4.81
C TYR H 68 7.30 14.86 -3.51
N ASN H 69 7.05 16.16 -3.40
CA ASN H 69 6.39 16.71 -2.21
C ASN H 69 5.01 17.29 -2.55
N GLY H 70 4.36 16.75 -3.57
CA GLY H 70 3.15 17.35 -4.11
C GLY H 70 1.89 17.15 -3.28
N THR H 71 1.87 16.15 -2.43
CA THR H 71 0.67 15.86 -1.66
C THR H 71 0.82 16.32 -0.23
N ILE H 72 -0.08 17.17 0.23
CA ILE H 72 -0.09 17.55 1.64
C ILE H 72 -1.16 16.70 2.32
N ALA H 73 -0.71 15.74 3.12
CA ALA H 73 -1.61 14.79 3.76
C ALA H 73 -2.63 15.47 4.64
N ALA H 74 -3.80 14.86 4.74
CA ALA H 74 -4.86 15.36 5.60
C ALA H 74 -4.50 15.19 7.08
N ASN H 75 -5.29 15.81 7.93
CA ASN H 75 -5.19 15.63 9.37
C ASN H 75 -3.84 16.04 9.95
N GLY H 76 -3.27 17.12 9.43
CA GLY H 76 -2.05 17.68 10.00
C GLY H 76 -0.79 17.47 9.19
N GLY H 77 -0.92 16.98 7.97
CA GLY H 77 0.24 16.80 7.11
C GLY H 77 0.87 18.12 6.71
N THR H 78 2.17 18.13 6.45
CA THR H 78 2.83 19.31 5.95
C THR H 78 3.70 19.05 4.73
N GLN H 79 4.03 20.12 4.01
CA GLN H 79 5.12 20.14 3.06
C GLN H 79 5.78 21.52 3.19
N SER H 80 7.08 21.60 2.91
CA SER H 80 7.82 22.84 3.07
C SER H 80 8.70 23.11 1.85
N PHE H 81 9.05 24.38 1.67
CA PHE H 81 10.02 24.75 0.65
C PHE H 81 10.70 26.03 1.12
N GLY H 82 11.71 26.48 0.40
CA GLY H 82 12.40 27.69 0.82
C GLY H 82 12.93 28.47 -0.36
N PHE H 83 13.35 29.70 -0.11
CA PHE H 83 13.92 30.52 -1.17
C PHE H 83 14.71 31.68 -0.61
N ASN H 84 15.56 32.26 -1.45
CA ASN H 84 16.31 33.46 -1.10
C ASN H 84 15.69 34.63 -1.83
N ILE H 85 15.74 35.80 -1.18
CA ILE H 85 15.29 37.05 -1.80
C ILE H 85 16.39 38.08 -1.67
N ASN H 86 16.40 39.04 -2.59
CA ASN H 86 17.08 40.30 -2.38
C ASN H 86 16.02 41.30 -1.94
N TYR H 87 16.39 42.24 -1.10
CA TYR H 87 15.44 43.27 -0.66
C TYR H 87 16.16 44.53 -0.21
N SER H 88 15.46 45.66 -0.35
CA SER H 88 15.91 46.92 0.24
C SER H 88 14.86 47.36 1.23
N GLY H 89 15.25 48.17 2.19
CA GLY H 89 14.30 48.72 3.14
C GLY H 89 13.98 47.78 4.28
N VAL H 90 12.74 47.84 4.74
CA VAL H 90 12.31 46.99 5.83
C VAL H 90 11.89 45.64 5.31
N LEU H 91 12.43 44.58 5.89
CA LEU H 91 11.99 43.25 5.54
C LEU H 91 10.62 43.01 6.17
N SER H 92 9.63 42.75 5.32
CA SER H 92 8.30 42.43 5.78
C SER H 92 7.83 41.12 5.14
N LYS H 93 6.67 40.63 5.57
CA LYS H 93 6.16 39.36 5.10
C LYS H 93 4.79 39.51 4.47
N PRO H 94 4.45 38.62 3.51
CA PRO H 94 3.08 38.55 3.02
C PRO H 94 2.16 38.18 4.19
N THR H 95 0.91 38.59 4.14
CA THR H 95 0.02 38.33 5.27
C THR H 95 -1.21 37.51 4.87
N GLY H 96 -1.26 37.12 3.61
CA GLY H 96 -2.32 36.24 3.12
C GLY H 96 -1.79 35.25 2.10
N PHE H 97 -2.37 34.06 2.05
CA PHE H 97 -1.98 33.03 1.09
C PHE H 97 -3.20 32.22 0.67
N THR H 98 -3.17 31.68 -0.54
CA THR H 98 -4.15 30.69 -0.95
CA THR H 98 -4.16 30.69 -0.97
C THR H 98 -3.44 29.42 -1.44
N VAL H 99 -4.00 28.27 -1.11
CA VAL H 99 -3.45 26.99 -1.50
C VAL H 99 -4.56 26.35 -2.34
N ASN H 100 -4.28 26.09 -3.61
CA ASN H 100 -5.30 25.52 -4.49
C ASN H 100 -6.65 26.23 -4.34
N GLY H 101 -6.60 27.56 -4.24
CA GLY H 101 -7.81 28.37 -4.20
C GLY H 101 -8.41 28.58 -2.81
N THR H 102 -7.92 27.83 -1.82
CA THR H 102 -8.40 27.96 -0.45
C THR H 102 -7.59 29.00 0.36
N GLU H 103 -8.28 29.98 0.93
CA GLU H 103 -7.61 30.99 1.76
C GLU H 103 -7.04 30.37 3.04
N CYS H 104 -5.77 30.62 3.31
CA CYS H 104 -5.10 29.99 4.44
C CYS H 104 -5.10 30.86 5.69
N THR H 105 -4.94 30.20 6.83
CA THR H 105 -4.64 30.88 8.09
C THR H 105 -3.15 31.15 8.14
N VAL H 106 -2.76 32.30 8.65
CA VAL H 106 -1.34 32.63 8.78
C VAL H 106 -0.89 32.51 10.24
N LYS H 107 0.04 31.58 10.48
CA LYS H 107 0.59 31.34 11.82
C LYS H 107 2.06 31.71 11.93
#